data_1GSG
# 
_entry.id   1GSG 
# 
_audit_conform.dict_name       mmcif_pdbx.dic 
_audit_conform.dict_version    5.402 
_audit_conform.dict_location   http://mmcif.pdb.org/dictionaries/ascii/mmcif_pdbx.dic 
# 
loop_
_database_2.database_id 
_database_2.database_code 
_database_2.pdbx_database_accession 
_database_2.pdbx_DOI 
PDB   1GSG         pdb_00001gsg 10.2210/pdb1gsg/pdb 
RCSB  PTR001       ?            ?                   
WWPDB D_1000173691 ?            ?                   
# 
loop_
_pdbx_audit_revision_history.ordinal 
_pdbx_audit_revision_history.data_content_type 
_pdbx_audit_revision_history.major_revision 
_pdbx_audit_revision_history.minor_revision 
_pdbx_audit_revision_history.revision_date 
_pdbx_audit_revision_history.part_number 
1 'Structure model' 1 0 1992-02-24 ? 
2 'Structure model' 1 1 2008-05-22 ? 
3 'Structure model' 1 2 2011-07-13 ? 
4 'Structure model' 1 3 2011-12-07 ? 
5 'Structure model' 1 4 2012-05-09 ? 
6 'Structure model' 1 5 2024-02-07 ? 
7 'Structure model' 1 6 2025-03-19 ? 
# 
_pdbx_audit_revision_details.ordinal             1 
_pdbx_audit_revision_details.revision_ordinal    1 
_pdbx_audit_revision_details.data_content_type   'Structure model' 
_pdbx_audit_revision_details.provider            repository 
_pdbx_audit_revision_details.type                'Initial release' 
_pdbx_audit_revision_details.description         ? 
_pdbx_audit_revision_details.details             ? 
# 
loop_
_pdbx_audit_revision_group.ordinal 
_pdbx_audit_revision_group.revision_ordinal 
_pdbx_audit_revision_group.data_content_type 
_pdbx_audit_revision_group.group 
1 2 'Structure model' 'Version format compliance' 
2 3 'Structure model' 'Version format compliance' 
3 4 'Structure model' Other                       
4 5 'Structure model' Other                       
5 6 'Structure model' 'Data collection'           
6 6 'Structure model' 'Database references'       
7 7 'Structure model' 'Data collection'           
8 7 'Structure model' 'Structure summary'         
# 
loop_
_pdbx_audit_revision_category.ordinal 
_pdbx_audit_revision_category.revision_ordinal 
_pdbx_audit_revision_category.data_content_type 
_pdbx_audit_revision_category.category 
1 6 'Structure model' chem_comp_atom     
2 6 'Structure model' chem_comp_bond     
3 6 'Structure model' database_2         
4 7 'Structure model' chem_comp_atom     
5 7 'Structure model' chem_comp_bond     
6 7 'Structure model' pdbx_entry_details 
# 
loop_
_pdbx_audit_revision_item.ordinal 
_pdbx_audit_revision_item.revision_ordinal 
_pdbx_audit_revision_item.data_content_type 
_pdbx_audit_revision_item.item 
1 6 'Structure model' '_database_2.pdbx_DOI'                
2 6 'Structure model' '_database_2.pdbx_database_accession' 
3 7 'Structure model' '_chem_comp_atom.atom_id'             
4 7 'Structure model' '_chem_comp_atom.pdbx_aromatic_flag'  
5 7 'Structure model' '_chem_comp_bond.atom_id_1'           
6 7 'Structure model' '_chem_comp_bond.atom_id_2'           
7 7 'Structure model' '_chem_comp_bond.pdbx_aromatic_flag'  
8 7 'Structure model' '_chem_comp_bond.value_order'         
# 
_pdbx_database_status.status_code                     REL 
_pdbx_database_status.entry_id                        1GSG 
_pdbx_database_status.recvd_initial_deposition_date   1990-04-03 
_pdbx_database_status.deposit_site                    NDB 
_pdbx_database_status.process_site                    NDB 
_pdbx_database_status.SG_entry                        . 
_pdbx_database_status.status_code_sf                  ? 
_pdbx_database_status.status_code_mr                  ? 
_pdbx_database_status.status_code_cs                  ? 
_pdbx_database_status.methods_development_category    ? 
_pdbx_database_status.pdb_format_compatible           Y 
_pdbx_database_status.status_code_nmr_data            ? 
# 
loop_
_audit_author.name 
_audit_author.pdbx_ordinal 
'Rould, M.A.'  1 
'Perona, J.J.' 2 
'Soell, D.'    3 
'Steitz, T.A.' 4 
# 
loop_
_citation.id 
_citation.title 
_citation.journal_abbrev 
_citation.journal_volume 
_citation.page_first 
_citation.page_last 
_citation.year 
_citation.journal_id_ASTM 
_citation.country 
_citation.journal_id_ISSN 
_citation.journal_id_CSD 
_citation.book_publisher 
_citation.pdbx_database_id_PubMed 
_citation.pdbx_database_id_DOI 
primary 'Structure of E. coli glutaminyl-tRNA synthetase complexed with tRNA(Gln) and ATP at 2.8 A resolution.' Science     246 
1135 1142 1989 SCIEAS US 0036-8075 0038 ? 2479982 ? 
1       'Structural Basis for Misaminoacylation by Mutant E. Coli Glutaminyl-tRNA Synthetase Enzymes' Science     246 1152 1154 
1989 SCIEAS US 0036-8075 0038 ? ?       ? 
2       
;Overproduction and Purification of Escherichia Coli tRNA(2Gln) and its Use in Crystallization of the Glutaminyl-tRNA Synthetase-tRNA(Gln) Complex
;
J.Mol.Biol. 202 121  126  1988 JMOBAK UK 0022-2836 0070 ? ?       ? 
# 
loop_
_citation_author.citation_id 
_citation_author.name 
_citation_author.ordinal 
_citation_author.identifier_ORCID 
primary 'Rould, M.A.'   1  ? 
primary 'Perona, J.J.'  2  ? 
primary 'Soll, D.'      3  ? 
primary 'Steitz, T.A.'  4  ? 
1       'Perona, J.J.'  5  ? 
1       'Swanson, R.N.' 6  ? 
1       'Rould, M.A.'   7  ? 
1       'Steitz, T.A.'  8  ? 
1       'Soell, D.'     9  ? 
2       'Perona, J.J.'  10 ? 
2       'Swanson, R.'   11 ? 
2       'Steitz, T.A.'  12 ? 
2       'Soell, D.'     13 ? 
# 
loop_
_entity.id 
_entity.type 
_entity.src_method 
_entity.pdbx_description 
_entity.formula_weight 
_entity.pdbx_number_of_molecules 
_entity.pdbx_ec 
_entity.pdbx_mutation 
_entity.pdbx_fragment 
_entity.details 
1 polymer syn TRNAGLN                      24134.473 1 ?        ? ? ? 
2 polymer nat 'GLUTAMINYL-TRNA SYNTHETASE' 63434.641 1 6.1.1.18 ? ? ? 
# 
loop_
_entity_poly.entity_id 
_entity_poly.type 
_entity_poly.nstd_linkage 
_entity_poly.nstd_monomer 
_entity_poly.pdbx_seq_one_letter_code 
_entity_poly.pdbx_seq_one_letter_code_can 
_entity_poly.pdbx_strand_id 
_entity_poly.pdbx_target_identifier 
1 polyribonucleotide no yes 
;UGGGGUA(4SU)CGCCAAGC(OMG)G(H2U)AAGGCACCGGA(OMU)UCUG(2MA)(PSU)(PSU)CCGGCAUUCCGAGG
(5MU)(PSU)CGAAUCCUCGUACCCCAGCCA
;
UGGGGUAUCGCCAAGCGGUAAGGCACCGGAUUCUGAUUCCGGCAUUCCGAGGUUCGAAUCCUCGUACCCCAGCCA T ? 
2 'polypeptide(L)'   no no  
;SEAEARPTNFIRQIIDEDLASGKHTTVHTRFPPEPNGYLHIGHAKSICLNFGIAQDYKGQCNLRFDDTNPVKEDIEYVES
IKNDVEWLGFHWSGNVRYSSDYFDQLHAYAIELINKGLAYVDELTPEQIREYRGTLTQPGKNSPYRDRSVEENLALFEKM
RAGGFEEGKACLRAKIDMASPFIVMRDPVLYRIKFAEHHQTGNKWCIYPMYDFTHCISDALEGITHSLCTLEFQDNRRLY
DWVLDNITIPVHPRQYEFSRLNLEYTVMSKRKLNLLVTDKHVEGWDDPRMPTISGLRRRGYTAASIREFCKRIGVTKQDN
TIEMASLESCIREDLNENAPRAMAVIDPVKLVIENYQGEGEMVTMPNHPNKPEMGSRQVPFSGEIWIDRADFREEANKQY
KRLVLGKEVRLRNAYVIKAERVEKDAEGNITTIFCTYDADTLSKDPADGRKVKGVIHWVSAAHALPVEIRLYDRLFSVPN
PGAADDFLSVINPESLVIKQGFAEPSLKDAVAGKAFQFEREGYFCLDSRHSTAEKPVFNRTVGLRDTWAKVGE
;
;SEAEARPTNFIRQIIDEDLASGKHTTVHTRFPPEPNGYLHIGHAKSICLNFGIAQDYKGQCNLRFDDTNPVKEDIEYVES
IKNDVEWLGFHWSGNVRYSSDYFDQLHAYAIELINKGLAYVDELTPEQIREYRGTLTQPGKNSPYRDRSVEENLALFEKM
RAGGFEEGKACLRAKIDMASPFIVMRDPVLYRIKFAEHHQTGNKWCIYPMYDFTHCISDALEGITHSLCTLEFQDNRRLY
DWVLDNITIPVHPRQYEFSRLNLEYTVMSKRKLNLLVTDKHVEGWDDPRMPTISGLRRRGYTAASIREFCKRIGVTKQDN
TIEMASLESCIREDLNENAPRAMAVIDPVKLVIENYQGEGEMVTMPNHPNKPEMGSRQVPFSGEIWIDRADFREEANKQY
KRLVLGKEVRLRNAYVIKAERVEKDAEGNITTIFCTYDADTLSKDPADGRKVKGVIHWVSAAHALPVEIRLYDRLFSVPN
PGAADDFLSVINPESLVIKQGFAEPSLKDAVAGKAFQFEREGYFCLDSRHSTAEKPVFNRTVGLRDTWAKVGE
;
P ? 
# 
loop_
_entity_poly_seq.entity_id 
_entity_poly_seq.num 
_entity_poly_seq.mon_id 
_entity_poly_seq.hetero 
1 1   U   n 
1 2   G   n 
1 3   G   n 
1 4   G   n 
1 5   G   n 
1 6   U   n 
1 7   A   n 
1 8   4SU n 
1 9   C   n 
1 10  G   n 
1 11  C   n 
1 12  C   n 
1 13  A   n 
1 14  A   n 
1 15  G   n 
1 16  C   n 
1 17  OMG n 
1 18  G   n 
1 19  H2U n 
1 20  A   n 
1 21  A   n 
1 22  G   n 
1 23  G   n 
1 24  C   n 
1 25  A   n 
1 26  C   n 
1 27  C   n 
1 28  G   n 
1 29  G   n 
1 30  A   n 
1 31  OMU n 
1 32  U   n 
1 33  C   n 
1 34  U   n 
1 35  G   n 
1 36  2MA n 
1 37  PSU n 
1 38  PSU n 
1 39  C   n 
1 40  C   n 
1 41  G   n 
1 42  G   n 
1 43  C   n 
1 44  A   n 
1 45  U   n 
1 46  U   n 
1 47  C   n 
1 48  C   n 
1 49  G   n 
1 50  A   n 
1 51  G   n 
1 52  G   n 
1 53  5MU n 
1 54  PSU n 
1 55  C   n 
1 56  G   n 
1 57  A   n 
1 58  A   n 
1 59  U   n 
1 60  C   n 
1 61  C   n 
1 62  U   n 
1 63  C   n 
1 64  G   n 
1 65  U   n 
1 66  A   n 
1 67  C   n 
1 68  C   n 
1 69  C   n 
1 70  C   n 
1 71  A   n 
1 72  G   n 
1 73  C   n 
1 74  C   n 
1 75  A   n 
2 1   SER n 
2 2   GLU n 
2 3   ALA n 
2 4   GLU n 
2 5   ALA n 
2 6   ARG n 
2 7   PRO n 
2 8   THR n 
2 9   ASN n 
2 10  PHE n 
2 11  ILE n 
2 12  ARG n 
2 13  GLN n 
2 14  ILE n 
2 15  ILE n 
2 16  ASP n 
2 17  GLU n 
2 18  ASP n 
2 19  LEU n 
2 20  ALA n 
2 21  SER n 
2 22  GLY n 
2 23  LYS n 
2 24  HIS n 
2 25  THR n 
2 26  THR n 
2 27  VAL n 
2 28  HIS n 
2 29  THR n 
2 30  ARG n 
2 31  PHE n 
2 32  PRO n 
2 33  PRO n 
2 34  GLU n 
2 35  PRO n 
2 36  ASN n 
2 37  GLY n 
2 38  TYR n 
2 39  LEU n 
2 40  HIS n 
2 41  ILE n 
2 42  GLY n 
2 43  HIS n 
2 44  ALA n 
2 45  LYS n 
2 46  SER n 
2 47  ILE n 
2 48  CYS n 
2 49  LEU n 
2 50  ASN n 
2 51  PHE n 
2 52  GLY n 
2 53  ILE n 
2 54  ALA n 
2 55  GLN n 
2 56  ASP n 
2 57  TYR n 
2 58  LYS n 
2 59  GLY n 
2 60  GLN n 
2 61  CYS n 
2 62  ASN n 
2 63  LEU n 
2 64  ARG n 
2 65  PHE n 
2 66  ASP n 
2 67  ASP n 
2 68  THR n 
2 69  ASN n 
2 70  PRO n 
2 71  VAL n 
2 72  LYS n 
2 73  GLU n 
2 74  ASP n 
2 75  ILE n 
2 76  GLU n 
2 77  TYR n 
2 78  VAL n 
2 79  GLU n 
2 80  SER n 
2 81  ILE n 
2 82  LYS n 
2 83  ASN n 
2 84  ASP n 
2 85  VAL n 
2 86  GLU n 
2 87  TRP n 
2 88  LEU n 
2 89  GLY n 
2 90  PHE n 
2 91  HIS n 
2 92  TRP n 
2 93  SER n 
2 94  GLY n 
2 95  ASN n 
2 96  VAL n 
2 97  ARG n 
2 98  TYR n 
2 99  SER n 
2 100 SER n 
2 101 ASP n 
2 102 TYR n 
2 103 PHE n 
2 104 ASP n 
2 105 GLN n 
2 106 LEU n 
2 107 HIS n 
2 108 ALA n 
2 109 TYR n 
2 110 ALA n 
2 111 ILE n 
2 112 GLU n 
2 113 LEU n 
2 114 ILE n 
2 115 ASN n 
2 116 LYS n 
2 117 GLY n 
2 118 LEU n 
2 119 ALA n 
2 120 TYR n 
2 121 VAL n 
2 122 ASP n 
2 123 GLU n 
2 124 LEU n 
2 125 THR n 
2 126 PRO n 
2 127 GLU n 
2 128 GLN n 
2 129 ILE n 
2 130 ARG n 
2 131 GLU n 
2 132 TYR n 
2 133 ARG n 
2 134 GLY n 
2 135 THR n 
2 136 LEU n 
2 137 THR n 
2 138 GLN n 
2 139 PRO n 
2 140 GLY n 
2 141 LYS n 
2 142 ASN n 
2 143 SER n 
2 144 PRO n 
2 145 TYR n 
2 146 ARG n 
2 147 ASP n 
2 148 ARG n 
2 149 SER n 
2 150 VAL n 
2 151 GLU n 
2 152 GLU n 
2 153 ASN n 
2 154 LEU n 
2 155 ALA n 
2 156 LEU n 
2 157 PHE n 
2 158 GLU n 
2 159 LYS n 
2 160 MET n 
2 161 ARG n 
2 162 ALA n 
2 163 GLY n 
2 164 GLY n 
2 165 PHE n 
2 166 GLU n 
2 167 GLU n 
2 168 GLY n 
2 169 LYS n 
2 170 ALA n 
2 171 CYS n 
2 172 LEU n 
2 173 ARG n 
2 174 ALA n 
2 175 LYS n 
2 176 ILE n 
2 177 ASP n 
2 178 MET n 
2 179 ALA n 
2 180 SER n 
2 181 PRO n 
2 182 PHE n 
2 183 ILE n 
2 184 VAL n 
2 185 MET n 
2 186 ARG n 
2 187 ASP n 
2 188 PRO n 
2 189 VAL n 
2 190 LEU n 
2 191 TYR n 
2 192 ARG n 
2 193 ILE n 
2 194 LYS n 
2 195 PHE n 
2 196 ALA n 
2 197 GLU n 
2 198 HIS n 
2 199 HIS n 
2 200 GLN n 
2 201 THR n 
2 202 GLY n 
2 203 ASN n 
2 204 LYS n 
2 205 TRP n 
2 206 CYS n 
2 207 ILE n 
2 208 TYR n 
2 209 PRO n 
2 210 MET n 
2 211 TYR n 
2 212 ASP n 
2 213 PHE n 
2 214 THR n 
2 215 HIS n 
2 216 CYS n 
2 217 ILE n 
2 218 SER n 
2 219 ASP n 
2 220 ALA n 
2 221 LEU n 
2 222 GLU n 
2 223 GLY n 
2 224 ILE n 
2 225 THR n 
2 226 HIS n 
2 227 SER n 
2 228 LEU n 
2 229 CYS n 
2 230 THR n 
2 231 LEU n 
2 232 GLU n 
2 233 PHE n 
2 234 GLN n 
2 235 ASP n 
2 236 ASN n 
2 237 ARG n 
2 238 ARG n 
2 239 LEU n 
2 240 TYR n 
2 241 ASP n 
2 242 TRP n 
2 243 VAL n 
2 244 LEU n 
2 245 ASP n 
2 246 ASN n 
2 247 ILE n 
2 248 THR n 
2 249 ILE n 
2 250 PRO n 
2 251 VAL n 
2 252 HIS n 
2 253 PRO n 
2 254 ARG n 
2 255 GLN n 
2 256 TYR n 
2 257 GLU n 
2 258 PHE n 
2 259 SER n 
2 260 ARG n 
2 261 LEU n 
2 262 ASN n 
2 263 LEU n 
2 264 GLU n 
2 265 TYR n 
2 266 THR n 
2 267 VAL n 
2 268 MET n 
2 269 SER n 
2 270 LYS n 
2 271 ARG n 
2 272 LYS n 
2 273 LEU n 
2 274 ASN n 
2 275 LEU n 
2 276 LEU n 
2 277 VAL n 
2 278 THR n 
2 279 ASP n 
2 280 LYS n 
2 281 HIS n 
2 282 VAL n 
2 283 GLU n 
2 284 GLY n 
2 285 TRP n 
2 286 ASP n 
2 287 ASP n 
2 288 PRO n 
2 289 ARG n 
2 290 MET n 
2 291 PRO n 
2 292 THR n 
2 293 ILE n 
2 294 SER n 
2 295 GLY n 
2 296 LEU n 
2 297 ARG n 
2 298 ARG n 
2 299 ARG n 
2 300 GLY n 
2 301 TYR n 
2 302 THR n 
2 303 ALA n 
2 304 ALA n 
2 305 SER n 
2 306 ILE n 
2 307 ARG n 
2 308 GLU n 
2 309 PHE n 
2 310 CYS n 
2 311 LYS n 
2 312 ARG n 
2 313 ILE n 
2 314 GLY n 
2 315 VAL n 
2 316 THR n 
2 317 LYS n 
2 318 GLN n 
2 319 ASP n 
2 320 ASN n 
2 321 THR n 
2 322 ILE n 
2 323 GLU n 
2 324 MET n 
2 325 ALA n 
2 326 SER n 
2 327 LEU n 
2 328 GLU n 
2 329 SER n 
2 330 CYS n 
2 331 ILE n 
2 332 ARG n 
2 333 GLU n 
2 334 ASP n 
2 335 LEU n 
2 336 ASN n 
2 337 GLU n 
2 338 ASN n 
2 339 ALA n 
2 340 PRO n 
2 341 ARG n 
2 342 ALA n 
2 343 MET n 
2 344 ALA n 
2 345 VAL n 
2 346 ILE n 
2 347 ASP n 
2 348 PRO n 
2 349 VAL n 
2 350 LYS n 
2 351 LEU n 
2 352 VAL n 
2 353 ILE n 
2 354 GLU n 
2 355 ASN n 
2 356 TYR n 
2 357 GLN n 
2 358 GLY n 
2 359 GLU n 
2 360 GLY n 
2 361 GLU n 
2 362 MET n 
2 363 VAL n 
2 364 THR n 
2 365 MET n 
2 366 PRO n 
2 367 ASN n 
2 368 HIS n 
2 369 PRO n 
2 370 ASN n 
2 371 LYS n 
2 372 PRO n 
2 373 GLU n 
2 374 MET n 
2 375 GLY n 
2 376 SER n 
2 377 ARG n 
2 378 GLN n 
2 379 VAL n 
2 380 PRO n 
2 381 PHE n 
2 382 SER n 
2 383 GLY n 
2 384 GLU n 
2 385 ILE n 
2 386 TRP n 
2 387 ILE n 
2 388 ASP n 
2 389 ARG n 
2 390 ALA n 
2 391 ASP n 
2 392 PHE n 
2 393 ARG n 
2 394 GLU n 
2 395 GLU n 
2 396 ALA n 
2 397 ASN n 
2 398 LYS n 
2 399 GLN n 
2 400 TYR n 
2 401 LYS n 
2 402 ARG n 
2 403 LEU n 
2 404 VAL n 
2 405 LEU n 
2 406 GLY n 
2 407 LYS n 
2 408 GLU n 
2 409 VAL n 
2 410 ARG n 
2 411 LEU n 
2 412 ARG n 
2 413 ASN n 
2 414 ALA n 
2 415 TYR n 
2 416 VAL n 
2 417 ILE n 
2 418 LYS n 
2 419 ALA n 
2 420 GLU n 
2 421 ARG n 
2 422 VAL n 
2 423 GLU n 
2 424 LYS n 
2 425 ASP n 
2 426 ALA n 
2 427 GLU n 
2 428 GLY n 
2 429 ASN n 
2 430 ILE n 
2 431 THR n 
2 432 THR n 
2 433 ILE n 
2 434 PHE n 
2 435 CYS n 
2 436 THR n 
2 437 TYR n 
2 438 ASP n 
2 439 ALA n 
2 440 ASP n 
2 441 THR n 
2 442 LEU n 
2 443 SER n 
2 444 LYS n 
2 445 ASP n 
2 446 PRO n 
2 447 ALA n 
2 448 ASP n 
2 449 GLY n 
2 450 ARG n 
2 451 LYS n 
2 452 VAL n 
2 453 LYS n 
2 454 GLY n 
2 455 VAL n 
2 456 ILE n 
2 457 HIS n 
2 458 TRP n 
2 459 VAL n 
2 460 SER n 
2 461 ALA n 
2 462 ALA n 
2 463 HIS n 
2 464 ALA n 
2 465 LEU n 
2 466 PRO n 
2 467 VAL n 
2 468 GLU n 
2 469 ILE n 
2 470 ARG n 
2 471 LEU n 
2 472 TYR n 
2 473 ASP n 
2 474 ARG n 
2 475 LEU n 
2 476 PHE n 
2 477 SER n 
2 478 VAL n 
2 479 PRO n 
2 480 ASN n 
2 481 PRO n 
2 482 GLY n 
2 483 ALA n 
2 484 ALA n 
2 485 ASP n 
2 486 ASP n 
2 487 PHE n 
2 488 LEU n 
2 489 SER n 
2 490 VAL n 
2 491 ILE n 
2 492 ASN n 
2 493 PRO n 
2 494 GLU n 
2 495 SER n 
2 496 LEU n 
2 497 VAL n 
2 498 ILE n 
2 499 LYS n 
2 500 GLN n 
2 501 GLY n 
2 502 PHE n 
2 503 ALA n 
2 504 GLU n 
2 505 PRO n 
2 506 SER n 
2 507 LEU n 
2 508 LYS n 
2 509 ASP n 
2 510 ALA n 
2 511 VAL n 
2 512 ALA n 
2 513 GLY n 
2 514 LYS n 
2 515 ALA n 
2 516 PHE n 
2 517 GLN n 
2 518 PHE n 
2 519 GLU n 
2 520 ARG n 
2 521 GLU n 
2 522 GLY n 
2 523 TYR n 
2 524 PHE n 
2 525 CYS n 
2 526 LEU n 
2 527 ASP n 
2 528 SER n 
2 529 ARG n 
2 530 HIS n 
2 531 SER n 
2 532 THR n 
2 533 ALA n 
2 534 GLU n 
2 535 LYS n 
2 536 PRO n 
2 537 VAL n 
2 538 PHE n 
2 539 ASN n 
2 540 ARG n 
2 541 THR n 
2 542 VAL n 
2 543 GLY n 
2 544 LEU n 
2 545 ARG n 
2 546 ASP n 
2 547 THR n 
2 548 TRP n 
2 549 ALA n 
2 550 LYS n 
2 551 VAL n 
2 552 GLY n 
2 553 GLU n 
# 
_entity_src_nat.entity_id                  2 
_entity_src_nat.pdbx_src_id                1 
_entity_src_nat.pdbx_alt_source_flag       sample 
_entity_src_nat.pdbx_beg_seq_num           ? 
_entity_src_nat.pdbx_end_seq_num           ? 
_entity_src_nat.common_name                ? 
_entity_src_nat.pdbx_organism_scientific   'Escherichia coli' 
_entity_src_nat.pdbx_ncbi_taxonomy_id      562 
_entity_src_nat.genus                      Escherichia 
_entity_src_nat.species                    ? 
_entity_src_nat.strain                     ? 
_entity_src_nat.tissue                     ? 
_entity_src_nat.tissue_fraction            ? 
_entity_src_nat.pdbx_secretion             ? 
_entity_src_nat.pdbx_fragment              ? 
_entity_src_nat.pdbx_variant               ? 
_entity_src_nat.pdbx_cell_line             ? 
_entity_src_nat.pdbx_atcc                  ? 
_entity_src_nat.pdbx_cellular_location     ? 
_entity_src_nat.pdbx_organ                 ? 
_entity_src_nat.pdbx_organelle             ? 
_entity_src_nat.pdbx_cell                  ? 
_entity_src_nat.pdbx_plasmid_name          ? 
_entity_src_nat.pdbx_plasmid_details       ? 
_entity_src_nat.details                    ? 
# 
loop_
_chem_comp.id 
_chem_comp.type 
_chem_comp.mon_nstd_flag 
_chem_comp.name 
_chem_comp.pdbx_synonyms 
_chem_comp.formula 
_chem_comp.formula_weight 
2MA 'RNA linking'       n "2-METHYLADENOSINE-5'-MONOPHOSPHATE"   ? 'C11 H16 N5 O7 P'  361.248 
4SU 'RNA linking'       n "4-THIOURIDINE-5'-MONOPHOSPHATE"       ? 'C9 H13 N2 O8 P S' 340.247 
5MU 'RNA linking'       n 
;5-METHYLURIDINE 5'-MONOPHOSPHATE
;
? 'C10 H15 N2 O9 P'  338.208 
A   'RNA linking'       y "ADENOSINE-5'-MONOPHOSPHATE"           ? 'C10 H14 N5 O7 P'  347.221 
ALA 'L-peptide linking' y ALANINE                                ? 'C3 H7 N O2'       89.093  
ARG 'L-peptide linking' y ARGININE                               ? 'C6 H15 N4 O2 1'   175.209 
ASN 'L-peptide linking' y ASPARAGINE                             ? 'C4 H8 N2 O3'      132.118 
ASP 'L-peptide linking' y 'ASPARTIC ACID'                        ? 'C4 H7 N O4'       133.103 
C   'RNA linking'       y "CYTIDINE-5'-MONOPHOSPHATE"            ? 'C9 H14 N3 O8 P'   323.197 
CYS 'L-peptide linking' y CYSTEINE                               ? 'C3 H7 N O2 S'     121.158 
G   'RNA linking'       y "GUANOSINE-5'-MONOPHOSPHATE"           ? 'C10 H14 N5 O8 P'  363.221 
GLN 'L-peptide linking' y GLUTAMINE                              ? 'C5 H10 N2 O3'     146.144 
GLU 'L-peptide linking' y 'GLUTAMIC ACID'                        ? 'C5 H9 N O4'       147.129 
GLY 'peptide linking'   y GLYCINE                                ? 'C2 H5 N O2'       75.067  
H2U 'RNA linking'       n "5,6-DIHYDROURIDINE-5'-MONOPHOSPHATE"  ? 'C9 H15 N2 O9 P'   326.197 
HIS 'L-peptide linking' y HISTIDINE                              ? 'C6 H10 N3 O2 1'   156.162 
ILE 'L-peptide linking' y ISOLEUCINE                             ? 'C6 H13 N O2'      131.173 
LEU 'L-peptide linking' y LEUCINE                                ? 'C6 H13 N O2'      131.173 
LYS 'L-peptide linking' y LYSINE                                 ? 'C6 H15 N2 O2 1'   147.195 
MET 'L-peptide linking' y METHIONINE                             ? 'C5 H11 N O2 S'    149.211 
OMG 'RNA linking'       n "O2'-METHYLGUANOSINE-5'-MONOPHOSPHATE" ? 'C11 H16 N5 O8 P'  377.247 
OMU 'RNA linking'       n 
;O2'-METHYLURIDINE 5'-MONOPHOSPHATE
;
? 'C10 H15 N2 O9 P'  338.208 
PHE 'L-peptide linking' y PHENYLALANINE                          ? 'C9 H11 N O2'      165.189 
PRO 'L-peptide linking' y PROLINE                                ? 'C5 H9 N O2'       115.130 
PSU 'RNA linking'       n "PSEUDOURIDINE-5'-MONOPHOSPHATE"       ? 'C9 H13 N2 O9 P'   324.181 
SER 'L-peptide linking' y SERINE                                 ? 'C3 H7 N O3'       105.093 
THR 'L-peptide linking' y THREONINE                              ? 'C4 H9 N O3'       119.119 
TRP 'L-peptide linking' y TRYPTOPHAN                             ? 'C11 H12 N2 O2'    204.225 
TYR 'L-peptide linking' y TYROSINE                               ? 'C9 H11 N O3'      181.189 
U   'RNA linking'       y "URIDINE-5'-MONOPHOSPHATE"             ? 'C9 H13 N2 O9 P'   324.181 
VAL 'L-peptide linking' y VALINE                                 ? 'C5 H11 N O2'      117.146 
# 
loop_
_pdbx_poly_seq_scheme.asym_id 
_pdbx_poly_seq_scheme.entity_id 
_pdbx_poly_seq_scheme.seq_id 
_pdbx_poly_seq_scheme.mon_id 
_pdbx_poly_seq_scheme.ndb_seq_num 
_pdbx_poly_seq_scheme.pdb_seq_num 
_pdbx_poly_seq_scheme.auth_seq_num 
_pdbx_poly_seq_scheme.pdb_mon_id 
_pdbx_poly_seq_scheme.auth_mon_id 
_pdbx_poly_seq_scheme.pdb_strand_id 
_pdbx_poly_seq_scheme.pdb_ins_code 
_pdbx_poly_seq_scheme.hetero 
A 1 1   U   1   1   1   U   U   T . n 
A 1 2   G   2   2   2   G   G   T . n 
A 1 3   G   3   3   3   G   G   T . n 
A 1 4   G   4   4   4   G   G   T . n 
A 1 5   G   5   5   5   G   G   T . n 
A 1 6   U   6   6   6   U   U   T . n 
A 1 7   A   7   7   7   A   A   T . n 
A 1 8   4SU 8   8   8   4SU 4SU T . n 
A 1 9   C   9   9   9   C   C   T . n 
A 1 10  G   10  10  10  G   G   T . n 
A 1 11  C   11  11  11  C   C   T . n 
A 1 12  C   12  12  12  C   C   T . n 
A 1 13  A   13  13  13  A   A   T . n 
A 1 14  A   14  14  14  A   A   T . n 
A 1 15  G   15  15  15  G   G   T . n 
A 1 16  C   16  16  16  C   C   T . n 
A 1 17  OMG 17  18  18  OMG OMG T . n 
A 1 18  G   18  19  19  G   G   T . n 
A 1 19  H2U 19  20  20  H2U H2U T . n 
A 1 20  A   20  21  21  A   A   T . n 
A 1 21  A   21  22  22  A   A   T . n 
A 1 22  G   22  23  23  G   G   T . n 
A 1 23  G   23  24  24  G   G   T . n 
A 1 24  C   24  25  25  C   C   T . n 
A 1 25  A   25  26  26  A   A   T . n 
A 1 26  C   26  27  27  C   C   T . n 
A 1 27  C   27  28  28  C   C   T . n 
A 1 28  G   28  29  29  G   G   T . n 
A 1 29  G   29  30  30  G   G   T . n 
A 1 30  A   30  31  31  A   A   T . n 
A 1 31  OMU 31  32  32  OMU OMU T . n 
A 1 32  U   32  33  33  U   U   T . n 
A 1 33  C   33  34  34  C   C   T . n 
A 1 34  U   34  35  35  U   U   T . n 
A 1 35  G   35  36  36  G   G   T . n 
A 1 36  2MA 36  37  37  2MA 2MA T . n 
A 1 37  PSU 37  38  38  PSU PSU T . n 
A 1 38  PSU 38  39  39  PSU PSU T . n 
A 1 39  C   39  40  40  C   C   T . n 
A 1 40  C   40  41  41  C   C   T . n 
A 1 41  G   41  42  42  G   G   T . n 
A 1 42  G   42  43  43  G   G   T . n 
A 1 43  C   43  44  44  C   C   T . n 
A 1 44  A   44  45  45  A   A   T . n 
A 1 45  U   45  46  46  U   U   T . n 
A 1 46  U   46  47  47  U   U   T . n 
A 1 47  C   47  48  48  C   C   T . n 
A 1 48  C   48  49  49  C   C   T . n 
A 1 49  G   49  50  50  G   G   T . n 
A 1 50  A   50  51  51  A   A   T . n 
A 1 51  G   51  52  52  G   G   T . n 
A 1 52  G   52  53  53  G   G   T . n 
A 1 53  5MU 53  54  54  5MU T   T . n 
A 1 54  PSU 54  55  55  PSU PSU T . n 
A 1 55  C   55  56  56  C   C   T . n 
A 1 56  G   56  57  57  G   G   T . n 
A 1 57  A   57  58  58  A   A   T . n 
A 1 58  A   58  59  59  A   A   T . n 
A 1 59  U   59  60  60  U   U   T . n 
A 1 60  C   60  61  61  C   C   T . n 
A 1 61  C   61  62  62  C   C   T . n 
A 1 62  U   62  63  63  U   U   T . n 
A 1 63  C   63  64  64  C   C   T . n 
A 1 64  G   64  65  65  G   G   T . n 
A 1 65  U   65  66  66  U   U   T . n 
A 1 66  A   66  67  67  A   A   T . n 
A 1 67  C   67  68  68  C   C   T . n 
A 1 68  C   68  69  69  C   C   T . n 
A 1 69  C   69  70  70  C   C   T . n 
A 1 70  C   70  71  71  C   C   T . n 
A 1 71  A   71  72  72  A   A   T . n 
A 1 72  G   72  73  73  G   G   T . n 
A 1 73  C   73  74  74  C   C   T . n 
A 1 74  C   74  75  75  C   C   T . n 
A 1 75  A   75  76  76  A   A   T . n 
B 2 1   SER 1   1   ?   ?   ?   P . n 
B 2 2   GLU 2   2   ?   ?   ?   P . n 
B 2 3   ALA 3   3   ?   ?   ?   P . n 
B 2 4   GLU 4   4   ?   ?   ?   P . n 
B 2 5   ALA 5   5   ?   ?   ?   P . n 
B 2 6   ARG 6   6   ?   ?   ?   P . n 
B 2 7   PRO 7   7   ?   ?   ?   P . n 
B 2 8   THR 8   8   8   THR THR P . n 
B 2 9   ASN 9   9   9   ASN ASN P . n 
B 2 10  PHE 10  10  10  PHE PHE P . n 
B 2 11  ILE 11  11  11  ILE ILE P . n 
B 2 12  ARG 12  12  12  ARG ARG P . n 
B 2 13  GLN 13  13  13  GLN GLN P . n 
B 2 14  ILE 14  14  14  ILE ILE P . n 
B 2 15  ILE 15  15  15  ILE ILE P . n 
B 2 16  ASP 16  16  16  ASP ASP P . n 
B 2 17  GLU 17  17  17  GLU GLU P . n 
B 2 18  ASP 18  18  18  ASP ASP P . n 
B 2 19  LEU 19  19  19  LEU LEU P . n 
B 2 20  ALA 20  20  20  ALA ALA P . n 
B 2 21  SER 21  21  21  SER SER P . n 
B 2 22  GLY 22  22  22  GLY GLY P . n 
B 2 23  LYS 23  23  23  LYS LYS P . n 
B 2 24  HIS 24  24  24  HIS HIS P . n 
B 2 25  THR 25  25  25  THR THR P . n 
B 2 26  THR 26  26  26  THR THR P . n 
B 2 27  VAL 27  27  27  VAL VAL P . n 
B 2 28  HIS 28  28  28  HIS HIS P . n 
B 2 29  THR 29  29  29  THR THR P . n 
B 2 30  ARG 30  30  30  ARG ARG P . n 
B 2 31  PHE 31  31  31  PHE PHE P . n 
B 2 32  PRO 32  32  32  PRO PRO P . n 
B 2 33  PRO 33  33  33  PRO PRO P . n 
B 2 34  GLU 34  34  34  GLU GLU P . n 
B 2 35  PRO 35  35  35  PRO PRO P . n 
B 2 36  ASN 36  36  36  ASN ASN P . n 
B 2 37  GLY 37  37  37  GLY GLY P . n 
B 2 38  TYR 38  38  38  TYR TYR P . n 
B 2 39  LEU 39  39  39  LEU LEU P . n 
B 2 40  HIS 40  40  40  HIS HIS P . n 
B 2 41  ILE 41  41  41  ILE ILE P . n 
B 2 42  GLY 42  42  42  GLY GLY P . n 
B 2 43  HIS 43  43  43  HIS HIS P . n 
B 2 44  ALA 44  44  44  ALA ALA P . n 
B 2 45  LYS 45  45  45  LYS LYS P . n 
B 2 46  SER 46  46  46  SER SER P . n 
B 2 47  ILE 47  47  47  ILE ILE P . n 
B 2 48  CYS 48  48  48  CYS CYS P . n 
B 2 49  LEU 49  49  49  LEU LEU P . n 
B 2 50  ASN 50  50  50  ASN ASN P . n 
B 2 51  PHE 51  51  51  PHE PHE P . n 
B 2 52  GLY 52  52  52  GLY GLY P . n 
B 2 53  ILE 53  53  53  ILE ILE P . n 
B 2 54  ALA 54  54  54  ALA ALA P . n 
B 2 55  GLN 55  55  55  GLN GLN P . n 
B 2 56  ASP 56  56  56  ASP ASP P . n 
B 2 57  TYR 57  57  57  TYR TYR P . n 
B 2 58  LYS 58  58  58  LYS LYS P . n 
B 2 59  GLY 59  59  59  GLY GLY P . n 
B 2 60  GLN 60  60  60  GLN GLN P . n 
B 2 61  CYS 61  61  61  CYS CYS P . n 
B 2 62  ASN 62  62  62  ASN ASN P . n 
B 2 63  LEU 63  63  63  LEU LEU P . n 
B 2 64  ARG 64  64  64  ARG ARG P . n 
B 2 65  PHE 65  65  65  PHE PHE P . n 
B 2 66  ASP 66  66  66  ASP ASP P . n 
B 2 67  ASP 67  67  67  ASP ASP P . n 
B 2 68  THR 68  68  68  THR THR P . n 
B 2 69  ASN 69  69  69  ASN ASN P . n 
B 2 70  PRO 70  70  70  PRO PRO P . n 
B 2 71  VAL 71  71  71  VAL VAL P . n 
B 2 72  LYS 72  72  72  LYS LYS P . n 
B 2 73  GLU 73  73  73  GLU GLU P . n 
B 2 74  ASP 74  74  74  ASP ASP P . n 
B 2 75  ILE 75  75  75  ILE ILE P . n 
B 2 76  GLU 76  76  76  GLU GLU P . n 
B 2 77  TYR 77  77  77  TYR TYR P . n 
B 2 78  VAL 78  78  78  VAL VAL P . n 
B 2 79  GLU 79  79  79  GLU GLU P . n 
B 2 80  SER 80  80  80  SER SER P . n 
B 2 81  ILE 81  81  81  ILE ILE P . n 
B 2 82  LYS 82  82  82  LYS LYS P . n 
B 2 83  ASN 83  83  83  ASN ASN P . n 
B 2 84  ASP 84  84  84  ASP ASP P . n 
B 2 85  VAL 85  85  85  VAL VAL P . n 
B 2 86  GLU 86  86  86  GLU GLU P . n 
B 2 87  TRP 87  87  87  TRP TRP P . n 
B 2 88  LEU 88  88  88  LEU LEU P . n 
B 2 89  GLY 89  89  89  GLY GLY P . n 
B 2 90  PHE 90  90  90  PHE PHE P . n 
B 2 91  HIS 91  91  91  HIS HIS P . n 
B 2 92  TRP 92  92  92  TRP TRP P . n 
B 2 93  SER 93  93  93  SER SER P . n 
B 2 94  GLY 94  94  94  GLY GLY P . n 
B 2 95  ASN 95  95  95  ASN ASN P . n 
B 2 96  VAL 96  96  96  VAL VAL P . n 
B 2 97  ARG 97  97  97  ARG ARG P . n 
B 2 98  TYR 98  98  98  TYR TYR P . n 
B 2 99  SER 99  99  99  SER SER P . n 
B 2 100 SER 100 100 100 SER SER P . n 
B 2 101 ASP 101 101 101 ASP ASP P . n 
B 2 102 TYR 102 102 102 TYR TYR P . n 
B 2 103 PHE 103 103 103 PHE PHE P . n 
B 2 104 ASP 104 104 104 ASP ASP P . n 
B 2 105 GLN 105 105 105 GLN GLN P . n 
B 2 106 LEU 106 106 106 LEU LEU P . n 
B 2 107 HIS 107 107 107 HIS HIS P . n 
B 2 108 ALA 108 108 108 ALA ALA P . n 
B 2 109 TYR 109 109 109 TYR TYR P . n 
B 2 110 ALA 110 110 110 ALA ALA P . n 
B 2 111 ILE 111 111 111 ILE ILE P . n 
B 2 112 GLU 112 112 112 GLU GLU P . n 
B 2 113 LEU 113 113 113 LEU LEU P . n 
B 2 114 ILE 114 114 114 ILE ILE P . n 
B 2 115 ASN 115 115 115 ASN ASN P . n 
B 2 116 LYS 116 116 116 LYS LYS P . n 
B 2 117 GLY 117 117 117 GLY GLY P . n 
B 2 118 LEU 118 118 118 LEU LEU P . n 
B 2 119 ALA 119 119 119 ALA ALA P . n 
B 2 120 TYR 120 120 120 TYR TYR P . n 
B 2 121 VAL 121 121 121 VAL VAL P . n 
B 2 122 ASP 122 122 122 ASP ASP P . n 
B 2 123 GLU 123 123 123 GLU GLU P . n 
B 2 124 LEU 124 124 124 LEU LEU P . n 
B 2 125 THR 125 125 125 THR THR P . n 
B 2 126 PRO 126 126 126 PRO PRO P . n 
B 2 127 GLU 127 127 127 GLU GLU P . n 
B 2 128 GLN 128 128 128 GLN GLN P . n 
B 2 129 ILE 129 129 129 ILE ILE P . n 
B 2 130 ARG 130 130 130 ARG ARG P . n 
B 2 131 GLU 131 131 131 GLU GLU P . n 
B 2 132 TYR 132 132 132 TYR TYR P . n 
B 2 133 ARG 133 133 133 ARG ARG P . n 
B 2 134 GLY 134 134 134 GLY GLY P . n 
B 2 135 THR 135 135 135 THR THR P . n 
B 2 136 LEU 136 136 136 LEU LEU P . n 
B 2 137 THR 137 137 137 THR THR P . n 
B 2 138 GLN 138 138 138 GLN GLN P . n 
B 2 139 PRO 139 139 139 PRO PRO P . n 
B 2 140 GLY 140 140 140 GLY GLY P . n 
B 2 141 LYS 141 141 141 LYS LYS P . n 
B 2 142 ASN 142 142 142 ASN ASN P . n 
B 2 143 SER 143 143 143 SER SER P . n 
B 2 144 PRO 144 144 144 PRO PRO P . n 
B 2 145 TYR 145 145 145 TYR TYR P . n 
B 2 146 ARG 146 146 146 ARG ARG P . n 
B 2 147 ASP 147 147 147 ASP ASP P . n 
B 2 148 ARG 148 148 148 ARG ARG P . n 
B 2 149 SER 149 149 149 SER SER P . n 
B 2 150 VAL 150 150 150 VAL VAL P . n 
B 2 151 GLU 151 151 151 GLU GLU P . n 
B 2 152 GLU 152 152 152 GLU GLU P . n 
B 2 153 ASN 153 153 153 ASN ASN P . n 
B 2 154 LEU 154 154 154 LEU LEU P . n 
B 2 155 ALA 155 155 155 ALA ALA P . n 
B 2 156 LEU 156 156 156 LEU LEU P . n 
B 2 157 PHE 157 157 157 PHE PHE P . n 
B 2 158 GLU 158 158 158 GLU GLU P . n 
B 2 159 LYS 159 159 159 LYS LYS P . n 
B 2 160 MET 160 160 160 MET MET P . n 
B 2 161 ARG 161 161 161 ARG ARG P . n 
B 2 162 ALA 162 162 162 ALA ALA P . n 
B 2 163 GLY 163 163 163 GLY GLY P . n 
B 2 164 GLY 164 164 164 GLY GLY P . n 
B 2 165 PHE 165 165 165 PHE PHE P . n 
B 2 166 GLU 166 166 166 GLU GLU P . n 
B 2 167 GLU 167 167 167 GLU GLU P . n 
B 2 168 GLY 168 168 168 GLY GLY P . n 
B 2 169 LYS 169 169 169 LYS LYS P . n 
B 2 170 ALA 170 170 170 ALA ALA P . n 
B 2 171 CYS 171 171 171 CYS CYS P . n 
B 2 172 LEU 172 172 172 LEU LEU P . n 
B 2 173 ARG 173 173 173 ARG ARG P . n 
B 2 174 ALA 174 174 174 ALA ALA P . n 
B 2 175 LYS 175 175 175 LYS LYS P . n 
B 2 176 ILE 176 176 176 ILE ILE P . n 
B 2 177 ASP 177 177 177 ASP ASP P . n 
B 2 178 MET 178 178 178 MET MET P . n 
B 2 179 ALA 179 179 179 ALA ALA P . n 
B 2 180 SER 180 180 180 SER SER P . n 
B 2 181 PRO 181 181 181 PRO PRO P . n 
B 2 182 PHE 182 182 182 PHE PHE P . n 
B 2 183 ILE 183 183 183 ILE ILE P . n 
B 2 184 VAL 184 184 184 VAL VAL P . n 
B 2 185 MET 185 185 185 MET MET P . n 
B 2 186 ARG 186 186 186 ARG ARG P . n 
B 2 187 ASP 187 187 187 ASP ASP P . n 
B 2 188 PRO 188 188 188 PRO PRO P . n 
B 2 189 VAL 189 189 189 VAL VAL P . n 
B 2 190 LEU 190 190 190 LEU LEU P . n 
B 2 191 TYR 191 191 191 TYR TYR P . n 
B 2 192 ARG 192 192 192 ARG ARG P . n 
B 2 193 ILE 193 193 193 ILE ILE P . n 
B 2 194 LYS 194 194 194 LYS LYS P . n 
B 2 195 PHE 195 195 195 PHE PHE P . n 
B 2 196 ALA 196 196 196 ALA ALA P . n 
B 2 197 GLU 197 197 197 GLU GLU P . n 
B 2 198 HIS 198 198 198 HIS HIS P . n 
B 2 199 HIS 199 199 199 HIS HIS P . n 
B 2 200 GLN 200 200 200 GLN GLN P . n 
B 2 201 THR 201 201 201 THR THR P . n 
B 2 202 GLY 202 202 202 GLY GLY P . n 
B 2 203 ASN 203 203 203 ASN ASN P . n 
B 2 204 LYS 204 204 204 LYS LYS P . n 
B 2 205 TRP 205 205 205 TRP TRP P . n 
B 2 206 CYS 206 206 206 CYS CYS P . n 
B 2 207 ILE 207 207 207 ILE ILE P . n 
B 2 208 TYR 208 208 208 TYR TYR P . n 
B 2 209 PRO 209 209 209 PRO PRO P . n 
B 2 210 MET 210 210 210 MET MET P . n 
B 2 211 TYR 211 211 211 TYR TYR P . n 
B 2 212 ASP 212 212 212 ASP ASP P . n 
B 2 213 PHE 213 213 213 PHE PHE P . n 
B 2 214 THR 214 214 214 THR THR P . n 
B 2 215 HIS 215 215 215 HIS HIS P . n 
B 2 216 CYS 216 216 216 CYS CYS P . n 
B 2 217 ILE 217 217 217 ILE ILE P . n 
B 2 218 SER 218 218 218 SER SER P . n 
B 2 219 ASP 219 219 219 ASP ASP P . n 
B 2 220 ALA 220 220 220 ALA ALA P . n 
B 2 221 LEU 221 221 221 LEU LEU P . n 
B 2 222 GLU 222 222 222 GLU GLU P . n 
B 2 223 GLY 223 223 223 GLY GLY P . n 
B 2 224 ILE 224 224 224 ILE ILE P . n 
B 2 225 THR 225 225 225 THR THR P . n 
B 2 226 HIS 226 226 226 HIS HIS P . n 
B 2 227 SER 227 227 227 SER SER P . n 
B 2 228 LEU 228 228 228 LEU LEU P . n 
B 2 229 CYS 229 229 229 CYS CYS P . n 
B 2 230 THR 230 230 230 THR THR P . n 
B 2 231 LEU 231 231 231 LEU LEU P . n 
B 2 232 GLU 232 232 232 GLU GLU P . n 
B 2 233 PHE 233 233 233 PHE PHE P . n 
B 2 234 GLN 234 234 234 GLN GLN P . n 
B 2 235 ASP 235 235 235 ASP ASP P . n 
B 2 236 ASN 236 236 236 ASN ASN P . n 
B 2 237 ARG 237 237 237 ARG ARG P . n 
B 2 238 ARG 238 238 238 ARG ARG P . n 
B 2 239 LEU 239 239 239 LEU LEU P . n 
B 2 240 TYR 240 240 240 TYR TYR P . n 
B 2 241 ASP 241 241 241 ASP ASP P . n 
B 2 242 TRP 242 242 242 TRP TRP P . n 
B 2 243 VAL 243 243 243 VAL VAL P . n 
B 2 244 LEU 244 244 244 LEU LEU P . n 
B 2 245 ASP 245 245 245 ASP ASP P . n 
B 2 246 ASN 246 246 246 ASN ASN P . n 
B 2 247 ILE 247 247 247 ILE ILE P . n 
B 2 248 THR 248 248 248 THR THR P . n 
B 2 249 ILE 249 249 249 ILE ILE P . n 
B 2 250 PRO 250 250 250 PRO PRO P . n 
B 2 251 VAL 251 251 251 VAL VAL P . n 
B 2 252 HIS 252 252 252 HIS HIS P . n 
B 2 253 PRO 253 253 253 PRO PRO P . n 
B 2 254 ARG 254 254 254 ARG ARG P . n 
B 2 255 GLN 255 255 255 GLN GLN P . n 
B 2 256 TYR 256 256 256 TYR TYR P . n 
B 2 257 GLU 257 257 257 GLU GLU P . n 
B 2 258 PHE 258 258 258 PHE PHE P . n 
B 2 259 SER 259 259 259 SER SER P . n 
B 2 260 ARG 260 260 260 ARG ARG P . n 
B 2 261 LEU 261 261 261 LEU LEU P . n 
B 2 262 ASN 262 262 262 ASN ASN P . n 
B 2 263 LEU 263 263 263 LEU LEU P . n 
B 2 264 GLU 264 264 264 GLU GLU P . n 
B 2 265 TYR 265 265 265 TYR TYR P . n 
B 2 266 THR 266 266 266 THR THR P . n 
B 2 267 VAL 267 267 267 VAL VAL P . n 
B 2 268 MET 268 268 268 MET MET P . n 
B 2 269 SER 269 269 269 SER SER P . n 
B 2 270 LYS 270 270 270 LYS LYS P . n 
B 2 271 ARG 271 271 271 ARG ARG P . n 
B 2 272 LYS 272 272 272 LYS LYS P . n 
B 2 273 LEU 273 273 273 LEU LEU P . n 
B 2 274 ASN 274 274 274 ASN ASN P . n 
B 2 275 LEU 275 275 275 LEU LEU P . n 
B 2 276 LEU 276 276 276 LEU LEU P . n 
B 2 277 VAL 277 277 277 VAL VAL P . n 
B 2 278 THR 278 278 278 THR THR P . n 
B 2 279 ASP 279 279 279 ASP ASP P . n 
B 2 280 LYS 280 280 280 LYS LYS P . n 
B 2 281 HIS 281 281 281 HIS HIS P . n 
B 2 282 VAL 282 282 282 VAL VAL P . n 
B 2 283 GLU 283 283 283 GLU GLU P . n 
B 2 284 GLY 284 284 284 GLY GLY P . n 
B 2 285 TRP 285 285 285 TRP TRP P . n 
B 2 286 ASP 286 286 286 ASP ASP P . n 
B 2 287 ASP 287 287 287 ASP ASP P . n 
B 2 288 PRO 288 288 288 PRO PRO P . n 
B 2 289 ARG 289 289 289 ARG ARG P . n 
B 2 290 MET 290 290 290 MET MET P . n 
B 2 291 PRO 291 291 291 PRO PRO P . n 
B 2 292 THR 292 292 292 THR THR P . n 
B 2 293 ILE 293 293 293 ILE ILE P . n 
B 2 294 SER 294 294 294 SER SER P . n 
B 2 295 GLY 295 295 295 GLY GLY P . n 
B 2 296 LEU 296 296 296 LEU LEU P . n 
B 2 297 ARG 297 297 297 ARG ARG P . n 
B 2 298 ARG 298 298 298 ARG ARG P . n 
B 2 299 ARG 299 299 299 ARG ARG P . n 
B 2 300 GLY 300 300 300 GLY GLY P . n 
B 2 301 TYR 301 301 301 TYR TYR P . n 
B 2 302 THR 302 302 302 THR THR P . n 
B 2 303 ALA 303 303 303 ALA ALA P . n 
B 2 304 ALA 304 304 304 ALA ALA P . n 
B 2 305 SER 305 305 305 SER SER P . n 
B 2 306 ILE 306 306 306 ILE ILE P . n 
B 2 307 ARG 307 307 307 ARG ARG P . n 
B 2 308 GLU 308 308 308 GLU GLU P . n 
B 2 309 PHE 309 309 309 PHE PHE P . n 
B 2 310 CYS 310 310 310 CYS CYS P . n 
B 2 311 LYS 311 311 311 LYS LYS P . n 
B 2 312 ARG 312 312 312 ARG ARG P . n 
B 2 313 ILE 313 313 313 ILE ILE P . n 
B 2 314 GLY 314 314 314 GLY GLY P . n 
B 2 315 VAL 315 315 315 VAL VAL P . n 
B 2 316 THR 316 316 316 THR THR P . n 
B 2 317 LYS 317 317 317 LYS LYS P . n 
B 2 318 GLN 318 318 318 GLN GLN P . n 
B 2 319 ASP 319 319 319 ASP ASP P . n 
B 2 320 ASN 320 320 320 ASN ASN P . n 
B 2 321 THR 321 321 321 THR THR P . n 
B 2 322 ILE 322 322 322 ILE ILE P . n 
B 2 323 GLU 323 323 323 GLU GLU P . n 
B 2 324 MET 324 324 324 MET MET P . n 
B 2 325 ALA 325 325 325 ALA ALA P . n 
B 2 326 SER 326 326 326 SER SER P . n 
B 2 327 LEU 327 327 327 LEU LEU P . n 
B 2 328 GLU 328 328 328 GLU GLU P . n 
B 2 329 SER 329 329 329 SER SER P . n 
B 2 330 CYS 330 330 330 CYS CYS P . n 
B 2 331 ILE 331 331 331 ILE ILE P . n 
B 2 332 ARG 332 332 332 ARG ARG P . n 
B 2 333 GLU 333 333 333 GLU GLU P . n 
B 2 334 ASP 334 334 334 ASP ASP P . n 
B 2 335 LEU 335 335 335 LEU LEU P . n 
B 2 336 ASN 336 336 336 ASN ASN P . n 
B 2 337 GLU 337 337 337 GLU GLU P . n 
B 2 338 ASN 338 338 338 ASN ASN P . n 
B 2 339 ALA 339 339 339 ALA ALA P . n 
B 2 340 PRO 340 340 340 PRO PRO P . n 
B 2 341 ARG 341 341 341 ARG ARG P . n 
B 2 342 ALA 342 342 342 ALA ALA P . n 
B 2 343 MET 343 343 343 MET MET P . n 
B 2 344 ALA 344 344 344 ALA ALA P . n 
B 2 345 VAL 345 345 345 VAL VAL P . n 
B 2 346 ILE 346 346 346 ILE ILE P . n 
B 2 347 ASP 347 347 347 ASP ASP P . n 
B 2 348 PRO 348 348 348 PRO PRO P . n 
B 2 349 VAL 349 349 349 VAL VAL P . n 
B 2 350 LYS 350 350 350 LYS LYS P . n 
B 2 351 LEU 351 351 351 LEU LEU P . n 
B 2 352 VAL 352 352 352 VAL VAL P . n 
B 2 353 ILE 353 353 353 ILE ILE P . n 
B 2 354 GLU 354 354 354 GLU GLU P . n 
B 2 355 ASN 355 355 355 ASN ASN P . n 
B 2 356 TYR 356 356 356 TYR TYR P . n 
B 2 357 GLN 357 357 357 GLN GLN P . n 
B 2 358 GLY 358 358 358 GLY GLY P . n 
B 2 359 GLU 359 359 359 GLU GLU P . n 
B 2 360 GLY 360 360 360 GLY GLY P . n 
B 2 361 GLU 361 361 361 GLU GLU P . n 
B 2 362 MET 362 362 362 MET MET P . n 
B 2 363 VAL 363 363 363 VAL VAL P . n 
B 2 364 THR 364 364 364 THR THR P . n 
B 2 365 MET 365 365 365 MET MET P . n 
B 2 366 PRO 366 366 366 PRO PRO P . n 
B 2 367 ASN 367 367 367 ASN ASN P . n 
B 2 368 HIS 368 368 368 HIS HIS P . n 
B 2 369 PRO 369 369 369 PRO PRO P . n 
B 2 370 ASN 370 370 370 ASN ASN P . n 
B 2 371 LYS 371 371 371 LYS LYS P . n 
B 2 372 PRO 372 372 372 PRO PRO P . n 
B 2 373 GLU 373 373 373 GLU GLU P . n 
B 2 374 MET 374 374 374 MET MET P . n 
B 2 375 GLY 375 375 375 GLY GLY P . n 
B 2 376 SER 376 376 376 SER SER P . n 
B 2 377 ARG 377 377 377 ARG ARG P . n 
B 2 378 GLN 378 378 378 GLN GLN P . n 
B 2 379 VAL 379 379 379 VAL VAL P . n 
B 2 380 PRO 380 380 380 PRO PRO P . n 
B 2 381 PHE 381 381 381 PHE PHE P . n 
B 2 382 SER 382 382 382 SER SER P . n 
B 2 383 GLY 383 383 383 GLY GLY P . n 
B 2 384 GLU 384 384 384 GLU GLU P . n 
B 2 385 ILE 385 385 385 ILE ILE P . n 
B 2 386 TRP 386 386 386 TRP TRP P . n 
B 2 387 ILE 387 387 387 ILE ILE P . n 
B 2 388 ASP 388 388 388 ASP ASP P . n 
B 2 389 ARG 389 389 389 ARG ARG P . n 
B 2 390 ALA 390 390 390 ALA ALA P . n 
B 2 391 ASP 391 391 391 ASP ASP P . n 
B 2 392 PHE 392 392 392 PHE PHE P . n 
B 2 393 ARG 393 393 393 ARG ARG P . n 
B 2 394 GLU 394 394 394 GLU GLU P . n 
B 2 395 GLU 395 395 395 GLU GLU P . n 
B 2 396 ALA 396 396 396 ALA ALA P . n 
B 2 397 ASN 397 397 397 ASN ASN P . n 
B 2 398 LYS 398 398 398 LYS LYS P . n 
B 2 399 GLN 399 399 399 GLN GLN P . n 
B 2 400 TYR 400 400 400 TYR TYR P . n 
B 2 401 LYS 401 401 401 LYS LYS P . n 
B 2 402 ARG 402 402 402 ARG ARG P . n 
B 2 403 LEU 403 403 403 LEU LEU P . n 
B 2 404 VAL 404 404 404 VAL VAL P . n 
B 2 405 LEU 405 405 405 LEU LEU P . n 
B 2 406 GLY 406 406 406 GLY GLY P . n 
B 2 407 LYS 407 407 407 LYS LYS P . n 
B 2 408 GLU 408 408 408 GLU GLU P . n 
B 2 409 VAL 409 409 409 VAL VAL P . n 
B 2 410 ARG 410 410 410 ARG ARG P . n 
B 2 411 LEU 411 411 411 LEU LEU P . n 
B 2 412 ARG 412 412 412 ARG ARG P . n 
B 2 413 ASN 413 413 413 ASN ASN P . n 
B 2 414 ALA 414 414 414 ALA ALA P . n 
B 2 415 TYR 415 415 415 TYR TYR P . n 
B 2 416 VAL 416 416 416 VAL VAL P . n 
B 2 417 ILE 417 417 417 ILE ILE P . n 
B 2 418 LYS 418 418 418 LYS LYS P . n 
B 2 419 ALA 419 419 419 ALA ALA P . n 
B 2 420 GLU 420 420 420 GLU GLU P . n 
B 2 421 ARG 421 421 421 ARG ARG P . n 
B 2 422 VAL 422 422 422 VAL VAL P . n 
B 2 423 GLU 423 423 423 GLU GLU P . n 
B 2 424 LYS 424 424 424 LYS LYS P . n 
B 2 425 ASP 425 425 425 ASP ASP P . n 
B 2 426 ALA 426 426 426 ALA ALA P . n 
B 2 427 GLU 427 427 427 GLU GLU P . n 
B 2 428 GLY 428 428 428 GLY GLY P . n 
B 2 429 ASN 429 429 429 ASN ASN P . n 
B 2 430 ILE 430 430 430 ILE ILE P . n 
B 2 431 THR 431 431 431 THR THR P . n 
B 2 432 THR 432 432 432 THR THR P . n 
B 2 433 ILE 433 433 433 ILE ILE P . n 
B 2 434 PHE 434 434 434 PHE PHE P . n 
B 2 435 CYS 435 435 435 CYS CYS P . n 
B 2 436 THR 436 436 436 THR THR P . n 
B 2 437 TYR 437 437 437 TYR TYR P . n 
B 2 438 ASP 438 438 438 ASP ASP P . n 
B 2 439 ALA 439 439 439 ALA ALA P . n 
B 2 440 ASP 440 440 ?   ?   ?   P . n 
B 2 441 THR 441 441 ?   ?   ?   P . n 
B 2 442 LEU 442 442 ?   ?   ?   P . n 
B 2 443 SER 443 443 ?   ?   ?   P . n 
B 2 444 LYS 444 444 ?   ?   ?   P . n 
B 2 445 ASP 445 445 ?   ?   ?   P . n 
B 2 446 PRO 446 446 ?   ?   ?   P . n 
B 2 447 ALA 447 447 ?   ?   ?   P . n 
B 2 448 ASP 448 448 ?   ?   ?   P . n 
B 2 449 GLY 449 449 ?   ?   ?   P . n 
B 2 450 ARG 450 450 ?   ?   ?   P . n 
B 2 451 LYS 451 451 ?   ?   ?   P . n 
B 2 452 VAL 452 452 ?   ?   ?   P . n 
B 2 453 LYS 453 453 ?   ?   ?   P . n 
B 2 454 GLY 454 454 454 GLY GLY P . n 
B 2 455 VAL 455 455 455 VAL VAL P . n 
B 2 456 ILE 456 456 456 ILE ILE P . n 
B 2 457 HIS 457 457 457 HIS HIS P . n 
B 2 458 TRP 458 458 458 TRP TRP P . n 
B 2 459 VAL 459 459 459 VAL VAL P . n 
B 2 460 SER 460 460 460 SER SER P . n 
B 2 461 ALA 461 461 461 ALA ALA P . n 
B 2 462 ALA 462 462 462 ALA ALA P . n 
B 2 463 HIS 463 463 463 HIS HIS P . n 
B 2 464 ALA 464 464 464 ALA ALA P . n 
B 2 465 LEU 465 465 465 LEU LEU P . n 
B 2 466 PRO 466 466 466 PRO PRO P . n 
B 2 467 VAL 467 467 467 VAL VAL P . n 
B 2 468 GLU 468 468 468 GLU GLU P . n 
B 2 469 ILE 469 469 469 ILE ILE P . n 
B 2 470 ARG 470 470 470 ARG ARG P . n 
B 2 471 LEU 471 471 471 LEU LEU P . n 
B 2 472 TYR 472 472 472 TYR TYR P . n 
B 2 473 ASP 473 473 473 ASP ASP P . n 
B 2 474 ARG 474 474 474 ARG ARG P . n 
B 2 475 LEU 475 475 475 LEU LEU P . n 
B 2 476 PHE 476 476 476 PHE PHE P . n 
B 2 477 SER 477 477 477 SER SER P . n 
B 2 478 VAL 478 478 478 VAL VAL P . n 
B 2 479 PRO 479 479 479 PRO PRO P . n 
B 2 480 ASN 480 480 480 ASN ASN P . n 
B 2 481 PRO 481 481 481 PRO PRO P . n 
B 2 482 GLY 482 482 482 GLY GLY P . n 
B 2 483 ALA 483 483 483 ALA ALA P . n 
B 2 484 ALA 484 484 484 ALA ALA P . n 
B 2 485 ASP 485 485 485 ASP ASP P . n 
B 2 486 ASP 486 486 486 ASP ASP P . n 
B 2 487 PHE 487 487 487 PHE PHE P . n 
B 2 488 LEU 488 488 488 LEU LEU P . n 
B 2 489 SER 489 489 489 SER SER P . n 
B 2 490 VAL 490 490 490 VAL VAL P . n 
B 2 491 ILE 491 491 491 ILE ILE P . n 
B 2 492 ASN 492 492 492 ASN ASN P . n 
B 2 493 PRO 493 493 493 PRO PRO P . n 
B 2 494 GLU 494 494 494 GLU GLU P . n 
B 2 495 SER 495 495 495 SER SER P . n 
B 2 496 LEU 496 496 496 LEU LEU P . n 
B 2 497 VAL 497 497 497 VAL VAL P . n 
B 2 498 ILE 498 498 498 ILE ILE P . n 
B 2 499 LYS 499 499 499 LYS LYS P . n 
B 2 500 GLN 500 500 500 GLN GLN P . n 
B 2 501 GLY 501 501 501 GLY GLY P . n 
B 2 502 PHE 502 502 502 PHE PHE P . n 
B 2 503 ALA 503 503 503 ALA ALA P . n 
B 2 504 GLU 504 504 504 GLU GLU P . n 
B 2 505 PRO 505 505 505 PRO PRO P . n 
B 2 506 SER 506 506 506 SER SER P . n 
B 2 507 LEU 507 507 507 LEU LEU P . n 
B 2 508 LYS 508 508 508 LYS LYS P . n 
B 2 509 ASP 509 509 509 ASP ASP P . n 
B 2 510 ALA 510 510 510 ALA ALA P . n 
B 2 511 VAL 511 511 511 VAL VAL P . n 
B 2 512 ALA 512 512 512 ALA ALA P . n 
B 2 513 GLY 513 513 513 GLY GLY P . n 
B 2 514 LYS 514 514 514 LYS LYS P . n 
B 2 515 ALA 515 515 515 ALA ALA P . n 
B 2 516 PHE 516 516 516 PHE PHE P . n 
B 2 517 GLN 517 517 517 GLN GLN P . n 
B 2 518 PHE 518 518 518 PHE PHE P . n 
B 2 519 GLU 519 519 519 GLU GLU P . n 
B 2 520 ARG 520 520 520 ARG ARG P . n 
B 2 521 GLU 521 521 521 GLU GLU P . n 
B 2 522 GLY 522 522 522 GLY GLY P . n 
B 2 523 TYR 523 523 523 TYR TYR P . n 
B 2 524 PHE 524 524 524 PHE PHE P . n 
B 2 525 CYS 525 525 525 CYS CYS P . n 
B 2 526 LEU 526 526 526 LEU LEU P . n 
B 2 527 ASP 527 527 527 ASP ASP P . n 
B 2 528 SER 528 528 528 SER SER P . n 
B 2 529 ARG 529 529 529 ARG ARG P . n 
B 2 530 HIS 530 530 530 HIS HIS P . n 
B 2 531 SER 531 531 531 SER SER P . n 
B 2 532 THR 532 532 532 THR THR P . n 
B 2 533 ALA 533 533 533 ALA ALA P . n 
B 2 534 GLU 534 534 534 GLU GLU P . n 
B 2 535 LYS 535 535 535 LYS LYS P . n 
B 2 536 PRO 536 536 536 PRO PRO P . n 
B 2 537 VAL 537 537 537 VAL VAL P . n 
B 2 538 PHE 538 538 538 PHE PHE P . n 
B 2 539 ASN 539 539 539 ASN ASN P . n 
B 2 540 ARG 540 540 540 ARG ARG P . n 
B 2 541 THR 541 541 541 THR THR P . n 
B 2 542 VAL 542 542 542 VAL VAL P . n 
B 2 543 GLY 543 543 543 GLY GLY P . n 
B 2 544 LEU 544 544 544 LEU LEU P . n 
B 2 545 ARG 545 545 545 ARG ARG P . n 
B 2 546 ASP 546 546 546 ASP ASP P . n 
B 2 547 THR 547 547 547 THR THR P . n 
B 2 548 TRP 548 548 ?   ?   ?   P . n 
B 2 549 ALA 549 549 ?   ?   ?   P . n 
B 2 550 LYS 550 550 ?   ?   ?   P . n 
B 2 551 VAL 551 551 ?   ?   ?   P . n 
B 2 552 GLY 552 552 ?   ?   ?   P . n 
B 2 553 GLU 553 553 ?   ?   ?   P . n 
# 
_software.name             X-PLOR 
_software.classification   refinement 
_software.version          . 
_software.citation_id      ? 
_software.pdbx_ordinal     1 
# 
_cell.entry_id           1GSG 
_cell.length_a           242.800 
_cell.length_b           93.600 
_cell.length_c           115.700 
_cell.angle_alpha        90.00 
_cell.angle_beta         90.00 
_cell.angle_gamma        90.00 
_cell.Z_PDB              8 
_cell.pdbx_unique_axis   ? 
_cell.length_a_esd       ? 
_cell.length_b_esd       ? 
_cell.length_c_esd       ? 
_cell.angle_alpha_esd    ? 
_cell.angle_beta_esd     ? 
_cell.angle_gamma_esd    ? 
# 
_symmetry.entry_id                         1GSG 
_symmetry.space_group_name_H-M             'C 2 2 21' 
_symmetry.pdbx_full_space_group_name_H-M   ? 
_symmetry.cell_setting                     ? 
_symmetry.Int_Tables_number                20 
_symmetry.space_group_name_Hall            ? 
# 
_exptl.entry_id          1GSG 
_exptl.method            'X-RAY DIFFRACTION' 
_exptl.crystals_number   ? 
# 
_exptl_crystal.id                    1 
_exptl_crystal.density_meas          ? 
_exptl_crystal.density_Matthews      3.75 
_exptl_crystal.density_percent_sol   67.22 
_exptl_crystal.description           ? 
_exptl_crystal.F_000                 ? 
_exptl_crystal.preparation           ? 
# 
_diffrn.id                     1 
_diffrn.ambient_temp           ? 
_diffrn.ambient_temp_details   ? 
_diffrn.crystal_id             1 
# 
_diffrn_detector.diffrn_id              1 
_diffrn_detector.detector               'AREA DETECTOR' 
_diffrn_detector.type                   SDMS 
_diffrn_detector.pdbx_collection_date   ? 
_diffrn_detector.details                ? 
# 
_diffrn_radiation.diffrn_id                        1 
_diffrn_radiation.wavelength_id                    1 
_diffrn_radiation.pdbx_monochromatic_or_laue_m_l   M 
_diffrn_radiation.monochromator                    ? 
_diffrn_radiation.pdbx_diffrn_protocol             'SINGLE WAVELENGTH' 
_diffrn_radiation.pdbx_scattering_type             x-ray 
# 
_diffrn_radiation_wavelength.id           1 
_diffrn_radiation_wavelength.wavelength   . 
_diffrn_radiation_wavelength.wt           1.0 
# 
_diffrn_source.diffrn_id                   1 
_diffrn_source.source                      ? 
_diffrn_source.type                        ? 
_diffrn_source.pdbx_synchrotron_site       ? 
_diffrn_source.pdbx_synchrotron_beamline   ? 
_diffrn_source.pdbx_wavelength             ? 
_diffrn_source.pdbx_wavelength_list        ? 
# 
_reflns.entry_id                     1GSG 
_reflns.observed_criterion_sigma_I   ? 
_reflns.observed_criterion_sigma_F   ? 
_reflns.d_resolution_low             ? 
_reflns.d_resolution_high            2.8 
_reflns.number_obs                   ? 
_reflns.number_all                   ? 
_reflns.percent_possible_obs         ? 
_reflns.pdbx_Rmerge_I_obs            ? 
_reflns.pdbx_Rsym_value              ? 
_reflns.pdbx_netI_over_sigmaI        ? 
_reflns.B_iso_Wilson_estimate        ? 
_reflns.pdbx_redundancy              ? 
_reflns.R_free_details               ? 
_reflns.pdbx_chi_squared             ? 
_reflns.pdbx_scaling_rejects         ? 
_reflns.pdbx_ordinal                 1 
_reflns.pdbx_diffrn_id               1 
# 
_refine.entry_id                                 1GSG 
_refine.ls_number_reflns_obs                     ? 
_refine.ls_number_reflns_all                     ? 
_refine.pdbx_ls_sigma_I                          ? 
_refine.pdbx_ls_sigma_F                          ? 
_refine.pdbx_data_cutoff_high_absF               ? 
_refine.pdbx_data_cutoff_low_absF                ? 
_refine.pdbx_data_cutoff_high_rms_absF           ? 
_refine.ls_d_res_low                             7.0 
_refine.ls_d_res_high                            2.8 
_refine.ls_percent_reflns_obs                    ? 
_refine.ls_R_factor_obs                          0.2790000 
_refine.ls_R_factor_all                          ? 
_refine.ls_R_factor_R_work                       0.2790000 
_refine.ls_R_factor_R_free                       ? 
_refine.ls_R_factor_R_free_error                 ? 
_refine.ls_R_factor_R_free_error_details         ? 
_refine.ls_percent_reflns_R_free                 ? 
_refine.ls_number_reflns_R_free                  ? 
_refine.ls_number_parameters                     ? 
_refine.ls_number_restraints                     ? 
_refine.occupancy_min                            ? 
_refine.occupancy_max                            ? 
_refine.B_iso_mean                               ? 
_refine.aniso_B[1][1]                            ? 
_refine.aniso_B[2][2]                            ? 
_refine.aniso_B[3][3]                            ? 
_refine.aniso_B[1][2]                            ? 
_refine.aniso_B[1][3]                            ? 
_refine.aniso_B[2][3]                            ? 
_refine.solvent_model_details                    ? 
_refine.solvent_model_param_ksol                 ? 
_refine.solvent_model_param_bsol                 ? 
_refine.pdbx_ls_cross_valid_method               ? 
_refine.details                                  ? 
_refine.pdbx_starting_model                      ? 
_refine.pdbx_method_to_determine_struct          ? 
_refine.pdbx_isotropic_thermal_model             ? 
_refine.pdbx_stereochemistry_target_values       ? 
_refine.pdbx_stereochem_target_val_spec_case     ? 
_refine.pdbx_R_Free_selection_details            ? 
_refine.pdbx_overall_ESU_R                       ? 
_refine.pdbx_overall_ESU_R_Free                  ? 
_refine.overall_SU_ML                            ? 
_refine.overall_SU_B                             ? 
_refine.ls_redundancy_reflns_obs                 ? 
_refine.correlation_coeff_Fo_to_Fc               ? 
_refine.correlation_coeff_Fo_to_Fc_free          ? 
_refine.overall_SU_R_Cruickshank_DPI             ? 
_refine.overall_SU_R_free                        ? 
_refine.pdbx_refine_id                           'X-RAY DIFFRACTION' 
_refine.pdbx_overall_phase_error                 ? 
_refine.pdbx_solvent_vdw_probe_radii             ? 
_refine.pdbx_solvent_ion_probe_radii             ? 
_refine.pdbx_solvent_shrinkage_radii             ? 
_refine.ls_wR_factor_R_free                      ? 
_refine.ls_wR_factor_R_work                      ? 
_refine.overall_FOM_free_R_set                   ? 
_refine.overall_FOM_work_R_set                   ? 
_refine.pdbx_diffrn_id                           1 
_refine.pdbx_TLS_residual_ADP_flag               ? 
_refine.pdbx_overall_SU_R_free_Cruickshank_DPI   ? 
_refine.pdbx_overall_SU_R_Blow_DPI               ? 
_refine.pdbx_overall_SU_R_free_Blow_DPI          ? 
# 
_refine_hist.pdbx_refine_id                   'X-RAY DIFFRACTION' 
_refine_hist.cycle_id                         LAST 
_refine_hist.pdbx_number_atoms_protein        526 
_refine_hist.pdbx_number_atoms_nucleic_acid   75 
_refine_hist.pdbx_number_atoms_ligand         0 
_refine_hist.number_atoms_solvent             0 
_refine_hist.number_atoms_total               601 
_refine_hist.d_res_high                       2.8 
_refine_hist.d_res_low                        7.0 
# 
_struct.entry_id                  1GSG 
_struct.title                     
'Structure of E.coli glutaminyl-tRNA synthetase complexed with trnagln and ATP at 2.8 Angstroms resolution' 
_struct.pdbx_model_details        ? 
_struct.pdbx_CASP_flag            ? 
_struct.pdbx_model_type_details   ? 
# 
_struct_keywords.entry_id        1GSG 
_struct_keywords.pdbx_keywords   LIGASE/RNA 
_struct_keywords.text            'PROTEIN-T-RNA COMPLEX, SINGLE STRAND, PROTEIN/RNA, LIGASE-RNA COMPLEX' 
# 
loop_
_struct_asym.id 
_struct_asym.pdbx_blank_PDB_chainid_flag 
_struct_asym.pdbx_modified 
_struct_asym.entity_id 
_struct_asym.details 
A N N 1 ? 
B N N 2 ? 
# 
loop_
_struct_ref.id 
_struct_ref.db_name 
_struct_ref.db_code 
_struct_ref.entity_id 
_struct_ref.pdbx_seq_one_letter_code 
_struct_ref.pdbx_align_begin 
_struct_ref.pdbx_db_accession 
_struct_ref.pdbx_db_isoform 
1 UNP SYQ_ECOLI 2 
;SEAEARPTNFIRQIIDEDLASGKHTTVHTRFPPEPNGYLHIGHAKSICLNFGIAQDYKGQCNLRFDDTNPVKEDIEYVES
IKNDVEWLGFHWSGNVRYSSDYFDQLHAYAIELINKGLAYVDELTPEQIREYRGTLTQPGKNSPYRDRSVEENLALFEKM
RAGGFEEGKACLRAKIDMASPFIVMRDPVLYRIKFAEHHQTGNKWCIYPMYDFTHCISDALEGITHSLCTLEFQDNRRLY
DWVLDNITIPVHPRQYEFSRLNLEYTVMSKRKLNLLVTDKHVEGWDDPRMPTISGLRRRGYTAASIREFCKRIGVTKQDN
TIEMASLESCIREDLNENAPRAMAVIDPVKLVIENYQGEGEMVTMPNHPNKPEMGSRQVPFSGEIWIDRADFREEANKQY
KRLVLGKEVRLRNAYVIKAERVEKDAEGNITTIFCTYDADTLSKDPADGRKVKGVIHWVSAAHALPVEIRLYDRLFSVPN
PGAADDFLSVINPESLVIKQGFAEPSLKDAVAGKAFQFEREGYFCLDSRHSTAEKPVFNRTVGLRDTWAKVGE
;
1 P00962 ? 
2 PDB 1GSG      1 ? ? 1GSG   ? 
# 
loop_
_struct_ref_seq.align_id 
_struct_ref_seq.ref_id 
_struct_ref_seq.pdbx_PDB_id_code 
_struct_ref_seq.pdbx_strand_id 
_struct_ref_seq.seq_align_beg 
_struct_ref_seq.pdbx_seq_align_beg_ins_code 
_struct_ref_seq.seq_align_end 
_struct_ref_seq.pdbx_seq_align_end_ins_code 
_struct_ref_seq.pdbx_db_accession 
_struct_ref_seq.db_align_beg 
_struct_ref_seq.pdbx_db_align_beg_ins_code 
_struct_ref_seq.db_align_end 
_struct_ref_seq.pdbx_db_align_end_ins_code 
_struct_ref_seq.pdbx_auth_seq_align_beg 
_struct_ref_seq.pdbx_auth_seq_align_end 
1 1 1GSG P 1 ? 553 ? P00962 1 ? 553 ? 1 553 
2 2 1GSG T 1 ? 75  ? 1GSG   1 ? 76  ? 1 76  
# 
_pdbx_struct_assembly.id                   1 
_pdbx_struct_assembly.details              author_defined_assembly 
_pdbx_struct_assembly.method_details       ? 
_pdbx_struct_assembly.oligomeric_details   dimeric 
_pdbx_struct_assembly.oligomeric_count     2 
# 
_pdbx_struct_assembly_gen.assembly_id       1 
_pdbx_struct_assembly_gen.oper_expression   1 
_pdbx_struct_assembly_gen.asym_id_list      A,B 
# 
_pdbx_struct_oper_list.id                   1 
_pdbx_struct_oper_list.type                 'identity operation' 
_pdbx_struct_oper_list.name                 1_555 
_pdbx_struct_oper_list.symmetry_operation   x,y,z 
_pdbx_struct_oper_list.matrix[1][1]         1.0000000000 
_pdbx_struct_oper_list.matrix[1][2]         0.0000000000 
_pdbx_struct_oper_list.matrix[1][3]         0.0000000000 
_pdbx_struct_oper_list.vector[1]            0.0000000000 
_pdbx_struct_oper_list.matrix[2][1]         0.0000000000 
_pdbx_struct_oper_list.matrix[2][2]         1.0000000000 
_pdbx_struct_oper_list.matrix[2][3]         0.0000000000 
_pdbx_struct_oper_list.vector[2]            0.0000000000 
_pdbx_struct_oper_list.matrix[3][1]         0.0000000000 
_pdbx_struct_oper_list.matrix[3][2]         0.0000000000 
_pdbx_struct_oper_list.matrix[3][3]         1.0000000000 
_pdbx_struct_oper_list.vector[3]            0.0000000000 
# 
_struct_biol.id                    1 
_struct_biol.pdbx_parent_biol_id   ? 
_struct_biol.details               ? 
# 
_pdbx_entry_details.entry_id                   1GSG 
_pdbx_entry_details.compound_details           ? 
_pdbx_entry_details.source_details             ? 
_pdbx_entry_details.nonpolymer_details         ? 
_pdbx_entry_details.sequence_details           ? 
_pdbx_entry_details.has_ligand_of_interest     ? 
_pdbx_entry_details.has_protein_modification   N 
# 
loop_
_pdbx_struct_mod_residue.id 
_pdbx_struct_mod_residue.label_asym_id 
_pdbx_struct_mod_residue.label_comp_id 
_pdbx_struct_mod_residue.label_seq_id 
_pdbx_struct_mod_residue.auth_asym_id 
_pdbx_struct_mod_residue.auth_comp_id 
_pdbx_struct_mod_residue.auth_seq_id 
_pdbx_struct_mod_residue.PDB_ins_code 
_pdbx_struct_mod_residue.parent_comp_id 
_pdbx_struct_mod_residue.details 
1 A 4SU 8  T 4SU 8  ? U "4-THIOURIDINE-5'-MONOPHOSPHATE"       
2 A OMG 17 T OMG 18 ? G "O2'-METHYLGUANOSINE-5'-MONOPHOSPHATE" 
3 A H2U 19 T H2U 20 ? U "5,6-DIHYDROURIDINE-5'-MONOPHOSPHATE"  
4 A OMU 31 T OMU 32 ? U 
;O2'-METHYLURIDINE 5'-MONOPHOSPHATE
;
5 A 2MA 36 T 2MA 37 ? A "2-METHYLADENOSINE-5'-MONOPHOSPHATE"   
6 A PSU 37 T PSU 38 ? U "PSEUDOURIDINE-5'-MONOPHOSPHATE"       
7 A PSU 38 T PSU 39 ? U "PSEUDOURIDINE-5'-MONOPHOSPHATE"       
8 A 5MU 53 T 5MU 54 ? U 
;5-METHYLURIDINE 5'-MONOPHOSPHATE
;
9 A PSU 54 T PSU 55 ? U "PSEUDOURIDINE-5'-MONOPHOSPHATE"       
# 
loop_
_pdbx_unobs_or_zero_occ_residues.id 
_pdbx_unobs_or_zero_occ_residues.PDB_model_num 
_pdbx_unobs_or_zero_occ_residues.polymer_flag 
_pdbx_unobs_or_zero_occ_residues.occupancy_flag 
_pdbx_unobs_or_zero_occ_residues.auth_asym_id 
_pdbx_unobs_or_zero_occ_residues.auth_comp_id 
_pdbx_unobs_or_zero_occ_residues.auth_seq_id 
_pdbx_unobs_or_zero_occ_residues.PDB_ins_code 
_pdbx_unobs_or_zero_occ_residues.label_asym_id 
_pdbx_unobs_or_zero_occ_residues.label_comp_id 
_pdbx_unobs_or_zero_occ_residues.label_seq_id 
1  1 Y 1 P SER 1   ? B SER 1   
2  1 Y 1 P GLU 2   ? B GLU 2   
3  1 Y 1 P ALA 3   ? B ALA 3   
4  1 Y 1 P GLU 4   ? B GLU 4   
5  1 Y 1 P ALA 5   ? B ALA 5   
6  1 Y 1 P ARG 6   ? B ARG 6   
7  1 Y 1 P PRO 7   ? B PRO 7   
8  1 Y 1 P ASP 440 ? B ASP 440 
9  1 Y 1 P THR 441 ? B THR 441 
10 1 Y 1 P LEU 442 ? B LEU 442 
11 1 Y 1 P SER 443 ? B SER 443 
12 1 Y 1 P LYS 444 ? B LYS 444 
13 1 Y 1 P ASP 445 ? B ASP 445 
14 1 Y 1 P PRO 446 ? B PRO 446 
15 1 Y 1 P ALA 447 ? B ALA 447 
16 1 Y 1 P ASP 448 ? B ASP 448 
17 1 Y 1 P GLY 449 ? B GLY 449 
18 1 Y 1 P ARG 450 ? B ARG 450 
19 1 Y 1 P LYS 451 ? B LYS 451 
20 1 Y 1 P VAL 452 ? B VAL 452 
21 1 Y 1 P LYS 453 ? B LYS 453 
22 1 Y 1 P TRP 548 ? B TRP 548 
23 1 Y 1 P ALA 549 ? B ALA 549 
24 1 Y 1 P LYS 550 ? B LYS 550 
25 1 Y 1 P VAL 551 ? B VAL 551 
26 1 Y 1 P GLY 552 ? B GLY 552 
27 1 Y 1 P GLU 553 ? B GLU 553 
# 
loop_
_chem_comp_atom.comp_id 
_chem_comp_atom.atom_id 
_chem_comp_atom.type_symbol 
_chem_comp_atom.pdbx_aromatic_flag 
_chem_comp_atom.pdbx_stereo_config 
_chem_comp_atom.pdbx_ordinal 
2MA P      P N N 1   
2MA OP1    O N N 2   
2MA OP2    O N N 3   
2MA OP3    O N N 4   
2MA "O5'"  O N N 5   
2MA "C5'"  C N N 6   
2MA "C4'"  C N R 7   
2MA "O4'"  O N N 8   
2MA "C3'"  C N S 9   
2MA "O3'"  O N N 10  
2MA "C2'"  C N R 11  
2MA "O2'"  O N N 12  
2MA "C1'"  C N R 13  
2MA N9     N Y N 14  
2MA C8     C Y N 15  
2MA N7     N Y N 16  
2MA C5     C Y N 17  
2MA C6     C Y N 18  
2MA N6     N N N 19  
2MA N1     N Y N 20  
2MA C2     C Y N 21  
2MA CM2    C N N 22  
2MA N3     N Y N 23  
2MA C4     C Y N 24  
2MA HOP2   H N N 25  
2MA HOP3   H N N 26  
2MA "H5'"  H N N 27  
2MA "H5''" H N N 28  
2MA "H4'"  H N N 29  
2MA "H3'"  H N N 30  
2MA "HO3'" H N N 31  
2MA "H2'"  H N N 32  
2MA "HO2'" H N N 33  
2MA "H1'"  H N N 34  
2MA H8     H N N 35  
2MA H62    H N N 36  
2MA HM21   H N N 37  
2MA HM22   H N N 38  
2MA HM23   H N N 39  
2MA H61    H N N 40  
4SU N1     N N N 41  
4SU C2     C N N 42  
4SU N3     N N N 43  
4SU C4     C N N 44  
4SU C5     C N N 45  
4SU C6     C N N 46  
4SU O2     O N N 47  
4SU S4     S N N 48  
4SU "C1'"  C N R 49  
4SU "C2'"  C N R 50  
4SU "O2'"  O N N 51  
4SU "C3'"  C N S 52  
4SU "C4'"  C N R 53  
4SU "O3'"  O N N 54  
4SU "O4'"  O N N 55  
4SU "C5'"  C N N 56  
4SU "O5'"  O N N 57  
4SU P      P N N 58  
4SU OP1    O N N 59  
4SU OP2    O N N 60  
4SU OP3    O N N 61  
4SU HN3    H N N 62  
4SU H5     H N N 63  
4SU H6     H N N 64  
4SU "H1'"  H N N 65  
4SU "H2'"  H N N 66  
4SU "HO2'" H N N 67  
4SU "H3'"  H N N 68  
4SU "H4'"  H N N 69  
4SU "HO3'" H N N 70  
4SU "H5'"  H N N 71  
4SU "H5''" H N N 72  
4SU HOP2   H N N 73  
4SU HOP3   H N N 74  
5MU N1     N N N 75  
5MU C2     C N N 76  
5MU N3     N N N 77  
5MU C4     C N N 78  
5MU C5     C N N 79  
5MU C5M    C N N 80  
5MU C6     C N N 81  
5MU O2     O N N 82  
5MU O4     O N N 83  
5MU "C1'"  C N R 84  
5MU "C2'"  C N R 85  
5MU "O2'"  O N N 86  
5MU "C3'"  C N S 87  
5MU "C4'"  C N R 88  
5MU "O3'"  O N N 89  
5MU "O4'"  O N N 90  
5MU "C5'"  C N N 91  
5MU "O5'"  O N N 92  
5MU P      P N N 93  
5MU OP1    O N N 94  
5MU OP2    O N N 95  
5MU OP3    O N N 96  
5MU HN3    H N N 97  
5MU H71    H N N 98  
5MU H72    H N N 99  
5MU H73    H N N 100 
5MU H6     H N N 101 
5MU "H1'"  H N N 102 
5MU "H2'"  H N N 103 
5MU "HO2'" H N N 104 
5MU "H3'"  H N N 105 
5MU "H4'"  H N N 106 
5MU "HO3'" H N N 107 
5MU "H5'"  H N N 108 
5MU "H5''" H N N 109 
5MU HOP2   H N N 110 
5MU HOP3   H N N 111 
A   OP3    O N N 112 
A   P      P N N 113 
A   OP1    O N N 114 
A   OP2    O N N 115 
A   "O5'"  O N N 116 
A   "C5'"  C N N 117 
A   "C4'"  C N R 118 
A   "O4'"  O N N 119 
A   "C3'"  C N S 120 
A   "O3'"  O N N 121 
A   "C2'"  C N R 122 
A   "O2'"  O N N 123 
A   "C1'"  C N R 124 
A   N9     N Y N 125 
A   C8     C Y N 126 
A   N7     N Y N 127 
A   C5     C Y N 128 
A   C6     C Y N 129 
A   N6     N N N 130 
A   N1     N Y N 131 
A   C2     C Y N 132 
A   N3     N Y N 133 
A   C4     C Y N 134 
A   HOP3   H N N 135 
A   HOP2   H N N 136 
A   "H5'"  H N N 137 
A   "H5''" H N N 138 
A   "H4'"  H N N 139 
A   "H3'"  H N N 140 
A   "HO3'" H N N 141 
A   "H2'"  H N N 142 
A   "HO2'" H N N 143 
A   "H1'"  H N N 144 
A   H8     H N N 145 
A   H61    H N N 146 
A   H62    H N N 147 
A   H2     H N N 148 
ALA N      N N N 149 
ALA CA     C N S 150 
ALA C      C N N 151 
ALA O      O N N 152 
ALA CB     C N N 153 
ALA OXT    O N N 154 
ALA H      H N N 155 
ALA H2     H N N 156 
ALA HA     H N N 157 
ALA HB1    H N N 158 
ALA HB2    H N N 159 
ALA HB3    H N N 160 
ALA HXT    H N N 161 
ARG N      N N N 162 
ARG CA     C N S 163 
ARG C      C N N 164 
ARG O      O N N 165 
ARG CB     C N N 166 
ARG CG     C N N 167 
ARG CD     C N N 168 
ARG NE     N N N 169 
ARG CZ     C N N 170 
ARG NH1    N N N 171 
ARG NH2    N N N 172 
ARG OXT    O N N 173 
ARG H      H N N 174 
ARG H2     H N N 175 
ARG HA     H N N 176 
ARG HB2    H N N 177 
ARG HB3    H N N 178 
ARG HG2    H N N 179 
ARG HG3    H N N 180 
ARG HD2    H N N 181 
ARG HD3    H N N 182 
ARG HE     H N N 183 
ARG HH11   H N N 184 
ARG HH12   H N N 185 
ARG HH21   H N N 186 
ARG HH22   H N N 187 
ARG HXT    H N N 188 
ASN N      N N N 189 
ASN CA     C N S 190 
ASN C      C N N 191 
ASN O      O N N 192 
ASN CB     C N N 193 
ASN CG     C N N 194 
ASN OD1    O N N 195 
ASN ND2    N N N 196 
ASN OXT    O N N 197 
ASN H      H N N 198 
ASN H2     H N N 199 
ASN HA     H N N 200 
ASN HB2    H N N 201 
ASN HB3    H N N 202 
ASN HD21   H N N 203 
ASN HD22   H N N 204 
ASN HXT    H N N 205 
ASP N      N N N 206 
ASP CA     C N S 207 
ASP C      C N N 208 
ASP O      O N N 209 
ASP CB     C N N 210 
ASP CG     C N N 211 
ASP OD1    O N N 212 
ASP OD2    O N N 213 
ASP OXT    O N N 214 
ASP H      H N N 215 
ASP H2     H N N 216 
ASP HA     H N N 217 
ASP HB2    H N N 218 
ASP HB3    H N N 219 
ASP HD2    H N N 220 
ASP HXT    H N N 221 
C   OP3    O N N 222 
C   P      P N N 223 
C   OP1    O N N 224 
C   OP2    O N N 225 
C   "O5'"  O N N 226 
C   "C5'"  C N N 227 
C   "C4'"  C N R 228 
C   "O4'"  O N N 229 
C   "C3'"  C N S 230 
C   "O3'"  O N N 231 
C   "C2'"  C N R 232 
C   "O2'"  O N N 233 
C   "C1'"  C N R 234 
C   N1     N N N 235 
C   C2     C N N 236 
C   O2     O N N 237 
C   N3     N N N 238 
C   C4     C N N 239 
C   N4     N N N 240 
C   C5     C N N 241 
C   C6     C N N 242 
C   HOP3   H N N 243 
C   HOP2   H N N 244 
C   "H5'"  H N N 245 
C   "H5''" H N N 246 
C   "H4'"  H N N 247 
C   "H3'"  H N N 248 
C   "HO3'" H N N 249 
C   "H2'"  H N N 250 
C   "HO2'" H N N 251 
C   "H1'"  H N N 252 
C   H41    H N N 253 
C   H42    H N N 254 
C   H5     H N N 255 
C   H6     H N N 256 
CYS N      N N N 257 
CYS CA     C N R 258 
CYS C      C N N 259 
CYS O      O N N 260 
CYS CB     C N N 261 
CYS SG     S N N 262 
CYS OXT    O N N 263 
CYS H      H N N 264 
CYS H2     H N N 265 
CYS HA     H N N 266 
CYS HB2    H N N 267 
CYS HB3    H N N 268 
CYS HG     H N N 269 
CYS HXT    H N N 270 
G   OP3    O N N 271 
G   P      P N N 272 
G   OP1    O N N 273 
G   OP2    O N N 274 
G   "O5'"  O N N 275 
G   "C5'"  C N N 276 
G   "C4'"  C N R 277 
G   "O4'"  O N N 278 
G   "C3'"  C N S 279 
G   "O3'"  O N N 280 
G   "C2'"  C N R 281 
G   "O2'"  O N N 282 
G   "C1'"  C N R 283 
G   N9     N Y N 284 
G   C8     C Y N 285 
G   N7     N Y N 286 
G   C5     C Y N 287 
G   C6     C N N 288 
G   O6     O N N 289 
G   N1     N N N 290 
G   C2     C N N 291 
G   N2     N N N 292 
G   N3     N N N 293 
G   C4     C Y N 294 
G   HOP3   H N N 295 
G   HOP2   H N N 296 
G   "H5'"  H N N 297 
G   "H5''" H N N 298 
G   "H4'"  H N N 299 
G   "H3'"  H N N 300 
G   "HO3'" H N N 301 
G   "H2'"  H N N 302 
G   "HO2'" H N N 303 
G   "H1'"  H N N 304 
G   H8     H N N 305 
G   H1     H N N 306 
G   H21    H N N 307 
G   H22    H N N 308 
GLN N      N N N 309 
GLN CA     C N S 310 
GLN C      C N N 311 
GLN O      O N N 312 
GLN CB     C N N 313 
GLN CG     C N N 314 
GLN CD     C N N 315 
GLN OE1    O N N 316 
GLN NE2    N N N 317 
GLN OXT    O N N 318 
GLN H      H N N 319 
GLN H2     H N N 320 
GLN HA     H N N 321 
GLN HB2    H N N 322 
GLN HB3    H N N 323 
GLN HG2    H N N 324 
GLN HG3    H N N 325 
GLN HE21   H N N 326 
GLN HE22   H N N 327 
GLN HXT    H N N 328 
GLU N      N N N 329 
GLU CA     C N S 330 
GLU C      C N N 331 
GLU O      O N N 332 
GLU CB     C N N 333 
GLU CG     C N N 334 
GLU CD     C N N 335 
GLU OE1    O N N 336 
GLU OE2    O N N 337 
GLU OXT    O N N 338 
GLU H      H N N 339 
GLU H2     H N N 340 
GLU HA     H N N 341 
GLU HB2    H N N 342 
GLU HB3    H N N 343 
GLU HG2    H N N 344 
GLU HG3    H N N 345 
GLU HE2    H N N 346 
GLU HXT    H N N 347 
GLY N      N N N 348 
GLY CA     C N N 349 
GLY C      C N N 350 
GLY O      O N N 351 
GLY OXT    O N N 352 
GLY H      H N N 353 
GLY H2     H N N 354 
GLY HA2    H N N 355 
GLY HA3    H N N 356 
GLY HXT    H N N 357 
H2U P      P N N 358 
H2U OP1    O N N 359 
H2U OP2    O N N 360 
H2U OP3    O N N 361 
H2U "O5'"  O N N 362 
H2U "C5'"  C N N 363 
H2U "C4'"  C N R 364 
H2U "O4'"  O N N 365 
H2U "C3'"  C N S 366 
H2U "O3'"  O N N 367 
H2U "C1'"  C N R 368 
H2U "C2'"  C N R 369 
H2U "O2'"  O N N 370 
H2U N1     N N N 371 
H2U C2     C N N 372 
H2U O2     O N N 373 
H2U N3     N N N 374 
H2U C4     C N N 375 
H2U O4     O N N 376 
H2U C5     C N N 377 
H2U C6     C N N 378 
H2U HOP2   H N N 379 
H2U HOP3   H N N 380 
H2U "H5'"  H N N 381 
H2U "H5''" H N N 382 
H2U "H4'"  H N N 383 
H2U "H3'"  H N N 384 
H2U "HO3'" H N N 385 
H2U "H1'"  H N N 386 
H2U "H2'"  H N N 387 
H2U "HO2'" H N N 388 
H2U HN3    H N N 389 
H2U H51    H N N 390 
H2U H52    H N N 391 
H2U H61    H N N 392 
H2U H62    H N N 393 
HIS N      N N N 394 
HIS CA     C N S 395 
HIS C      C N N 396 
HIS O      O N N 397 
HIS CB     C N N 398 
HIS CG     C Y N 399 
HIS ND1    N Y N 400 
HIS CD2    C Y N 401 
HIS CE1    C Y N 402 
HIS NE2    N Y N 403 
HIS OXT    O N N 404 
HIS H      H N N 405 
HIS H2     H N N 406 
HIS HA     H N N 407 
HIS HB2    H N N 408 
HIS HB3    H N N 409 
HIS HD1    H N N 410 
HIS HD2    H N N 411 
HIS HE1    H N N 412 
HIS HE2    H N N 413 
HIS HXT    H N N 414 
ILE N      N N N 415 
ILE CA     C N S 416 
ILE C      C N N 417 
ILE O      O N N 418 
ILE CB     C N S 419 
ILE CG1    C N N 420 
ILE CG2    C N N 421 
ILE CD1    C N N 422 
ILE OXT    O N N 423 
ILE H      H N N 424 
ILE H2     H N N 425 
ILE HA     H N N 426 
ILE HB     H N N 427 
ILE HG12   H N N 428 
ILE HG13   H N N 429 
ILE HG21   H N N 430 
ILE HG22   H N N 431 
ILE HG23   H N N 432 
ILE HD11   H N N 433 
ILE HD12   H N N 434 
ILE HD13   H N N 435 
ILE HXT    H N N 436 
LEU N      N N N 437 
LEU CA     C N S 438 
LEU C      C N N 439 
LEU O      O N N 440 
LEU CB     C N N 441 
LEU CG     C N N 442 
LEU CD1    C N N 443 
LEU CD2    C N N 444 
LEU OXT    O N N 445 
LEU H      H N N 446 
LEU H2     H N N 447 
LEU HA     H N N 448 
LEU HB2    H N N 449 
LEU HB3    H N N 450 
LEU HG     H N N 451 
LEU HD11   H N N 452 
LEU HD12   H N N 453 
LEU HD13   H N N 454 
LEU HD21   H N N 455 
LEU HD22   H N N 456 
LEU HD23   H N N 457 
LEU HXT    H N N 458 
LYS N      N N N 459 
LYS CA     C N S 460 
LYS C      C N N 461 
LYS O      O N N 462 
LYS CB     C N N 463 
LYS CG     C N N 464 
LYS CD     C N N 465 
LYS CE     C N N 466 
LYS NZ     N N N 467 
LYS OXT    O N N 468 
LYS H      H N N 469 
LYS H2     H N N 470 
LYS HA     H N N 471 
LYS HB2    H N N 472 
LYS HB3    H N N 473 
LYS HG2    H N N 474 
LYS HG3    H N N 475 
LYS HD2    H N N 476 
LYS HD3    H N N 477 
LYS HE2    H N N 478 
LYS HE3    H N N 479 
LYS HZ1    H N N 480 
LYS HZ2    H N N 481 
LYS HZ3    H N N 482 
LYS HXT    H N N 483 
MET N      N N N 484 
MET CA     C N S 485 
MET C      C N N 486 
MET O      O N N 487 
MET CB     C N N 488 
MET CG     C N N 489 
MET SD     S N N 490 
MET CE     C N N 491 
MET OXT    O N N 492 
MET H      H N N 493 
MET H2     H N N 494 
MET HA     H N N 495 
MET HB2    H N N 496 
MET HB3    H N N 497 
MET HG2    H N N 498 
MET HG3    H N N 499 
MET HE1    H N N 500 
MET HE2    H N N 501 
MET HE3    H N N 502 
MET HXT    H N N 503 
OMG P      P N N 504 
OMG OP1    O N N 505 
OMG OP2    O N N 506 
OMG OP3    O N N 507 
OMG "O5'"  O N N 508 
OMG "C5'"  C N N 509 
OMG "C4'"  C N R 510 
OMG "O4'"  O N N 511 
OMG "C3'"  C N R 512 
OMG "O3'"  O N N 513 
OMG "C2'"  C N R 514 
OMG "O2'"  O N N 515 
OMG CM2    C N N 516 
OMG "C1'"  C N R 517 
OMG N9     N Y N 518 
OMG C8     C Y N 519 
OMG N7     N Y N 520 
OMG C5     C Y N 521 
OMG C6     C N N 522 
OMG O6     O N N 523 
OMG N1     N N N 524 
OMG C2     C N N 525 
OMG N2     N N N 526 
OMG N3     N N N 527 
OMG C4     C Y N 528 
OMG HOP2   H N N 529 
OMG HOP3   H N N 530 
OMG "H5'"  H N N 531 
OMG "H5''" H N N 532 
OMG "H4'"  H N N 533 
OMG "H3'"  H N N 534 
OMG "HO3'" H N N 535 
OMG "H2'"  H N N 536 
OMG HM21   H N N 537 
OMG HM22   H N N 538 
OMG HM23   H N N 539 
OMG "H1'"  H N N 540 
OMG H8     H N N 541 
OMG HN1    H N N 542 
OMG HN21   H N N 543 
OMG HN22   H N N 544 
OMU N1     N N N 545 
OMU C2     C N N 546 
OMU N3     N N N 547 
OMU C4     C N N 548 
OMU C5     C N N 549 
OMU C6     C N N 550 
OMU O2     O N N 551 
OMU O4     O N N 552 
OMU "C1'"  C N R 553 
OMU "C2'"  C N R 554 
OMU "O2'"  O N N 555 
OMU CM2    C N N 556 
OMU "C3'"  C N R 557 
OMU "C4'"  C N R 558 
OMU "O3'"  O N N 559 
OMU "O4'"  O N N 560 
OMU "C5'"  C N N 561 
OMU "O5'"  O N N 562 
OMU P      P N N 563 
OMU OP1    O N N 564 
OMU OP2    O N N 565 
OMU OP3    O N N 566 
OMU HN3    H N N 567 
OMU H5     H N N 568 
OMU H6     H N N 569 
OMU "H1'"  H N N 570 
OMU "H2'"  H N N 571 
OMU HM21   H N N 572 
OMU HM22   H N N 573 
OMU HM23   H N N 574 
OMU "H3'"  H N N 575 
OMU "H4'"  H N N 576 
OMU "HO3'" H N N 577 
OMU "H5'"  H N N 578 
OMU "H5''" H N N 579 
OMU HOP2   H N N 580 
OMU HOP3   H N N 581 
PHE N      N N N 582 
PHE CA     C N S 583 
PHE C      C N N 584 
PHE O      O N N 585 
PHE CB     C N N 586 
PHE CG     C Y N 587 
PHE CD1    C Y N 588 
PHE CD2    C Y N 589 
PHE CE1    C Y N 590 
PHE CE2    C Y N 591 
PHE CZ     C Y N 592 
PHE OXT    O N N 593 
PHE H      H N N 594 
PHE H2     H N N 595 
PHE HA     H N N 596 
PHE HB2    H N N 597 
PHE HB3    H N N 598 
PHE HD1    H N N 599 
PHE HD2    H N N 600 
PHE HE1    H N N 601 
PHE HE2    H N N 602 
PHE HZ     H N N 603 
PHE HXT    H N N 604 
PRO N      N N N 605 
PRO CA     C N S 606 
PRO C      C N N 607 
PRO O      O N N 608 
PRO CB     C N N 609 
PRO CG     C N N 610 
PRO CD     C N N 611 
PRO OXT    O N N 612 
PRO H      H N N 613 
PRO HA     H N N 614 
PRO HB2    H N N 615 
PRO HB3    H N N 616 
PRO HG2    H N N 617 
PRO HG3    H N N 618 
PRO HD2    H N N 619 
PRO HD3    H N N 620 
PRO HXT    H N N 621 
PSU N1     N N N 622 
PSU C2     C N N 623 
PSU N3     N N N 624 
PSU C4     C N N 625 
PSU C5     C N N 626 
PSU C6     C N N 627 
PSU O2     O N N 628 
PSU O4     O N N 629 
PSU "C1'"  C N S 630 
PSU "C2'"  C N R 631 
PSU "O2'"  O N N 632 
PSU "C3'"  C N S 633 
PSU "C4'"  C N R 634 
PSU "O3'"  O N N 635 
PSU "O4'"  O N N 636 
PSU "C5'"  C N N 637 
PSU "O5'"  O N N 638 
PSU P      P N N 639 
PSU OP1    O N N 640 
PSU OP2    O N N 641 
PSU OP3    O N N 642 
PSU HN1    H N N 643 
PSU HN3    H N N 644 
PSU H6     H N N 645 
PSU "H1'"  H N N 646 
PSU "H2'"  H N N 647 
PSU "HO2'" H N N 648 
PSU "H3'"  H N N 649 
PSU "H4'"  H N N 650 
PSU "HO3'" H N N 651 
PSU "H5'"  H N N 652 
PSU "H5''" H N N 653 
PSU HOP2   H N N 654 
PSU HOP3   H N N 655 
SER N      N N N 656 
SER CA     C N S 657 
SER C      C N N 658 
SER O      O N N 659 
SER CB     C N N 660 
SER OG     O N N 661 
SER OXT    O N N 662 
SER H      H N N 663 
SER H2     H N N 664 
SER HA     H N N 665 
SER HB2    H N N 666 
SER HB3    H N N 667 
SER HG     H N N 668 
SER HXT    H N N 669 
THR N      N N N 670 
THR CA     C N S 671 
THR C      C N N 672 
THR O      O N N 673 
THR CB     C N R 674 
THR OG1    O N N 675 
THR CG2    C N N 676 
THR OXT    O N N 677 
THR H      H N N 678 
THR H2     H N N 679 
THR HA     H N N 680 
THR HB     H N N 681 
THR HG1    H N N 682 
THR HG21   H N N 683 
THR HG22   H N N 684 
THR HG23   H N N 685 
THR HXT    H N N 686 
TRP N      N N N 687 
TRP CA     C N S 688 
TRP C      C N N 689 
TRP O      O N N 690 
TRP CB     C N N 691 
TRP CG     C Y N 692 
TRP CD1    C Y N 693 
TRP CD2    C Y N 694 
TRP NE1    N Y N 695 
TRP CE2    C Y N 696 
TRP CE3    C Y N 697 
TRP CZ2    C Y N 698 
TRP CZ3    C Y N 699 
TRP CH2    C Y N 700 
TRP OXT    O N N 701 
TRP H      H N N 702 
TRP H2     H N N 703 
TRP HA     H N N 704 
TRP HB2    H N N 705 
TRP HB3    H N N 706 
TRP HD1    H N N 707 
TRP HE1    H N N 708 
TRP HE3    H N N 709 
TRP HZ2    H N N 710 
TRP HZ3    H N N 711 
TRP HH2    H N N 712 
TRP HXT    H N N 713 
TYR N      N N N 714 
TYR CA     C N S 715 
TYR C      C N N 716 
TYR O      O N N 717 
TYR CB     C N N 718 
TYR CG     C Y N 719 
TYR CD1    C Y N 720 
TYR CD2    C Y N 721 
TYR CE1    C Y N 722 
TYR CE2    C Y N 723 
TYR CZ     C Y N 724 
TYR OH     O N N 725 
TYR OXT    O N N 726 
TYR H      H N N 727 
TYR H2     H N N 728 
TYR HA     H N N 729 
TYR HB2    H N N 730 
TYR HB3    H N N 731 
TYR HD1    H N N 732 
TYR HD2    H N N 733 
TYR HE1    H N N 734 
TYR HE2    H N N 735 
TYR HH     H N N 736 
TYR HXT    H N N 737 
U   OP3    O N N 738 
U   P      P N N 739 
U   OP1    O N N 740 
U   OP2    O N N 741 
U   "O5'"  O N N 742 
U   "C5'"  C N N 743 
U   "C4'"  C N R 744 
U   "O4'"  O N N 745 
U   "C3'"  C N S 746 
U   "O3'"  O N N 747 
U   "C2'"  C N R 748 
U   "O2'"  O N N 749 
U   "C1'"  C N R 750 
U   N1     N N N 751 
U   C2     C N N 752 
U   O2     O N N 753 
U   N3     N N N 754 
U   C4     C N N 755 
U   O4     O N N 756 
U   C5     C N N 757 
U   C6     C N N 758 
U   HOP3   H N N 759 
U   HOP2   H N N 760 
U   "H5'"  H N N 761 
U   "H5''" H N N 762 
U   "H4'"  H N N 763 
U   "H3'"  H N N 764 
U   "HO3'" H N N 765 
U   "H2'"  H N N 766 
U   "HO2'" H N N 767 
U   "H1'"  H N N 768 
U   H3     H N N 769 
U   H5     H N N 770 
U   H6     H N N 771 
VAL N      N N N 772 
VAL CA     C N S 773 
VAL C      C N N 774 
VAL O      O N N 775 
VAL CB     C N N 776 
VAL CG1    C N N 777 
VAL CG2    C N N 778 
VAL OXT    O N N 779 
VAL H      H N N 780 
VAL H2     H N N 781 
VAL HA     H N N 782 
VAL HB     H N N 783 
VAL HG11   H N N 784 
VAL HG12   H N N 785 
VAL HG13   H N N 786 
VAL HG21   H N N 787 
VAL HG22   H N N 788 
VAL HG23   H N N 789 
VAL HXT    H N N 790 
# 
loop_
_chem_comp_bond.comp_id 
_chem_comp_bond.atom_id_1 
_chem_comp_bond.atom_id_2 
_chem_comp_bond.value_order 
_chem_comp_bond.pdbx_aromatic_flag 
_chem_comp_bond.pdbx_stereo_config 
_chem_comp_bond.pdbx_ordinal 
2MA P     OP1    doub N N 1   
2MA P     OP2    sing N N 2   
2MA P     OP3    sing N N 3   
2MA P     "O5'"  sing N N 4   
2MA OP2   HOP2   sing N N 5   
2MA OP3   HOP3   sing N N 6   
2MA "O5'" "C5'"  sing N N 7   
2MA "C5'" "C4'"  sing N N 8   
2MA "C5'" "H5'"  sing N N 9   
2MA "C5'" "H5''" sing N N 10  
2MA "C4'" "O4'"  sing N N 11  
2MA "C4'" "C3'"  sing N N 12  
2MA "C4'" "H4'"  sing N N 13  
2MA "O4'" "C1'"  sing N N 14  
2MA "C3'" "O3'"  sing N N 15  
2MA "C3'" "C2'"  sing N N 16  
2MA "C3'" "H3'"  sing N N 17  
2MA "O3'" "HO3'" sing N N 18  
2MA "C2'" "O2'"  sing N N 19  
2MA "C2'" "C1'"  sing N N 20  
2MA "C2'" "H2'"  sing N N 21  
2MA "O2'" "HO2'" sing N N 22  
2MA "C1'" N9     sing N N 23  
2MA "C1'" "H1'"  sing N N 24  
2MA N9    C8     sing Y N 25  
2MA N9    C4     sing Y N 26  
2MA C8    N7     doub Y N 27  
2MA C8    H8     sing N N 28  
2MA N7    C5     sing Y N 29  
2MA C5    C6     sing Y N 30  
2MA C5    C4     doub Y N 31  
2MA C6    N6     sing N N 32  
2MA C6    N1     doub Y N 33  
2MA N6    H62    sing N N 34  
2MA N1    C2     sing Y N 35  
2MA C2    CM2    sing N N 36  
2MA C2    N3     doub Y N 37  
2MA CM2   HM21   sing N N 38  
2MA CM2   HM22   sing N N 39  
2MA CM2   HM23   sing N N 40  
2MA N3    C4     sing Y N 41  
2MA N6    H61    sing N N 42  
4SU N1    C2     sing N N 43  
4SU N1    C6     sing N N 44  
4SU N1    "C1'"  sing N N 45  
4SU C2    N3     sing N N 46  
4SU C2    O2     doub N N 47  
4SU N3    C4     sing N N 48  
4SU N3    HN3    sing N N 49  
4SU C4    C5     sing N N 50  
4SU C4    S4     doub N N 51  
4SU C5    C6     doub N N 52  
4SU C5    H5     sing N N 53  
4SU C6    H6     sing N N 54  
4SU "C1'" "C2'"  sing N N 55  
4SU "C1'" "O4'"  sing N N 56  
4SU "C1'" "H1'"  sing N N 57  
4SU "C2'" "O2'"  sing N N 58  
4SU "C2'" "C3'"  sing N N 59  
4SU "C2'" "H2'"  sing N N 60  
4SU "O2'" "HO2'" sing N N 61  
4SU "C3'" "C4'"  sing N N 62  
4SU "C3'" "O3'"  sing N N 63  
4SU "C3'" "H3'"  sing N N 64  
4SU "C4'" "O4'"  sing N N 65  
4SU "C4'" "C5'"  sing N N 66  
4SU "C4'" "H4'"  sing N N 67  
4SU "O3'" "HO3'" sing N N 68  
4SU "C5'" "O5'"  sing N N 69  
4SU "C5'" "H5'"  sing N N 70  
4SU "C5'" "H5''" sing N N 71  
4SU "O5'" P      sing N N 72  
4SU P     OP1    doub N N 73  
4SU P     OP2    sing N N 74  
4SU P     OP3    sing N N 75  
4SU OP2   HOP2   sing N N 76  
4SU OP3   HOP3   sing N N 77  
5MU N1    C2     sing N N 78  
5MU N1    C6     sing N N 79  
5MU N1    "C1'"  sing N N 80  
5MU C2    N3     sing N N 81  
5MU C2    O2     doub N N 82  
5MU N3    C4     sing N N 83  
5MU N3    HN3    sing N N 84  
5MU C4    C5     sing N N 85  
5MU C4    O4     doub N N 86  
5MU C5    C5M    sing N N 87  
5MU C5    C6     doub N N 88  
5MU C5M   H71    sing N N 89  
5MU C5M   H72    sing N N 90  
5MU C5M   H73    sing N N 91  
5MU C6    H6     sing N N 92  
5MU "C1'" "C2'"  sing N N 93  
5MU "C1'" "O4'"  sing N N 94  
5MU "C1'" "H1'"  sing N N 95  
5MU "C2'" "O2'"  sing N N 96  
5MU "C2'" "C3'"  sing N N 97  
5MU "C2'" "H2'"  sing N N 98  
5MU "O2'" "HO2'" sing N N 99  
5MU "C3'" "C4'"  sing N N 100 
5MU "C3'" "O3'"  sing N N 101 
5MU "C3'" "H3'"  sing N N 102 
5MU "C4'" "O4'"  sing N N 103 
5MU "C4'" "C5'"  sing N N 104 
5MU "C4'" "H4'"  sing N N 105 
5MU "O3'" "HO3'" sing N N 106 
5MU "C5'" "O5'"  sing N N 107 
5MU "C5'" "H5'"  sing N N 108 
5MU "C5'" "H5''" sing N N 109 
5MU "O5'" P      sing N N 110 
5MU P     OP1    doub N N 111 
5MU P     OP2    sing N N 112 
5MU P     OP3    sing N N 113 
5MU OP2   HOP2   sing N N 114 
5MU OP3   HOP3   sing N N 115 
A   OP3   P      sing N N 116 
A   OP3   HOP3   sing N N 117 
A   P     OP1    doub N N 118 
A   P     OP2    sing N N 119 
A   P     "O5'"  sing N N 120 
A   OP2   HOP2   sing N N 121 
A   "O5'" "C5'"  sing N N 122 
A   "C5'" "C4'"  sing N N 123 
A   "C5'" "H5'"  sing N N 124 
A   "C5'" "H5''" sing N N 125 
A   "C4'" "O4'"  sing N N 126 
A   "C4'" "C3'"  sing N N 127 
A   "C4'" "H4'"  sing N N 128 
A   "O4'" "C1'"  sing N N 129 
A   "C3'" "O3'"  sing N N 130 
A   "C3'" "C2'"  sing N N 131 
A   "C3'" "H3'"  sing N N 132 
A   "O3'" "HO3'" sing N N 133 
A   "C2'" "O2'"  sing N N 134 
A   "C2'" "C1'"  sing N N 135 
A   "C2'" "H2'"  sing N N 136 
A   "O2'" "HO2'" sing N N 137 
A   "C1'" N9     sing N N 138 
A   "C1'" "H1'"  sing N N 139 
A   N9    C8     sing Y N 140 
A   N9    C4     sing Y N 141 
A   C8    N7     doub Y N 142 
A   C8    H8     sing N N 143 
A   N7    C5     sing Y N 144 
A   C5    C6     sing Y N 145 
A   C5    C4     doub Y N 146 
A   C6    N6     sing N N 147 
A   C6    N1     doub Y N 148 
A   N6    H61    sing N N 149 
A   N6    H62    sing N N 150 
A   N1    C2     sing Y N 151 
A   C2    N3     doub Y N 152 
A   C2    H2     sing N N 153 
A   N3    C4     sing Y N 154 
ALA N     CA     sing N N 155 
ALA N     H      sing N N 156 
ALA N     H2     sing N N 157 
ALA CA    C      sing N N 158 
ALA CA    CB     sing N N 159 
ALA CA    HA     sing N N 160 
ALA C     O      doub N N 161 
ALA C     OXT    sing N N 162 
ALA CB    HB1    sing N N 163 
ALA CB    HB2    sing N N 164 
ALA CB    HB3    sing N N 165 
ALA OXT   HXT    sing N N 166 
ARG N     CA     sing N N 167 
ARG N     H      sing N N 168 
ARG N     H2     sing N N 169 
ARG CA    C      sing N N 170 
ARG CA    CB     sing N N 171 
ARG CA    HA     sing N N 172 
ARG C     O      doub N N 173 
ARG C     OXT    sing N N 174 
ARG CB    CG     sing N N 175 
ARG CB    HB2    sing N N 176 
ARG CB    HB3    sing N N 177 
ARG CG    CD     sing N N 178 
ARG CG    HG2    sing N N 179 
ARG CG    HG3    sing N N 180 
ARG CD    NE     sing N N 181 
ARG CD    HD2    sing N N 182 
ARG CD    HD3    sing N N 183 
ARG NE    CZ     sing N N 184 
ARG NE    HE     sing N N 185 
ARG CZ    NH1    sing N N 186 
ARG CZ    NH2    doub N N 187 
ARG NH1   HH11   sing N N 188 
ARG NH1   HH12   sing N N 189 
ARG NH2   HH21   sing N N 190 
ARG NH2   HH22   sing N N 191 
ARG OXT   HXT    sing N N 192 
ASN N     CA     sing N N 193 
ASN N     H      sing N N 194 
ASN N     H2     sing N N 195 
ASN CA    C      sing N N 196 
ASN CA    CB     sing N N 197 
ASN CA    HA     sing N N 198 
ASN C     O      doub N N 199 
ASN C     OXT    sing N N 200 
ASN CB    CG     sing N N 201 
ASN CB    HB2    sing N N 202 
ASN CB    HB3    sing N N 203 
ASN CG    OD1    doub N N 204 
ASN CG    ND2    sing N N 205 
ASN ND2   HD21   sing N N 206 
ASN ND2   HD22   sing N N 207 
ASN OXT   HXT    sing N N 208 
ASP N     CA     sing N N 209 
ASP N     H      sing N N 210 
ASP N     H2     sing N N 211 
ASP CA    C      sing N N 212 
ASP CA    CB     sing N N 213 
ASP CA    HA     sing N N 214 
ASP C     O      doub N N 215 
ASP C     OXT    sing N N 216 
ASP CB    CG     sing N N 217 
ASP CB    HB2    sing N N 218 
ASP CB    HB3    sing N N 219 
ASP CG    OD1    doub N N 220 
ASP CG    OD2    sing N N 221 
ASP OD2   HD2    sing N N 222 
ASP OXT   HXT    sing N N 223 
C   OP3   P      sing N N 224 
C   OP3   HOP3   sing N N 225 
C   P     OP1    doub N N 226 
C   P     OP2    sing N N 227 
C   P     "O5'"  sing N N 228 
C   OP2   HOP2   sing N N 229 
C   "O5'" "C5'"  sing N N 230 
C   "C5'" "C4'"  sing N N 231 
C   "C5'" "H5'"  sing N N 232 
C   "C5'" "H5''" sing N N 233 
C   "C4'" "O4'"  sing N N 234 
C   "C4'" "C3'"  sing N N 235 
C   "C4'" "H4'"  sing N N 236 
C   "O4'" "C1'"  sing N N 237 
C   "C3'" "O3'"  sing N N 238 
C   "C3'" "C2'"  sing N N 239 
C   "C3'" "H3'"  sing N N 240 
C   "O3'" "HO3'" sing N N 241 
C   "C2'" "O2'"  sing N N 242 
C   "C2'" "C1'"  sing N N 243 
C   "C2'" "H2'"  sing N N 244 
C   "O2'" "HO2'" sing N N 245 
C   "C1'" N1     sing N N 246 
C   "C1'" "H1'"  sing N N 247 
C   N1    C2     sing N N 248 
C   N1    C6     sing N N 249 
C   C2    O2     doub N N 250 
C   C2    N3     sing N N 251 
C   N3    C4     doub N N 252 
C   C4    N4     sing N N 253 
C   C4    C5     sing N N 254 
C   N4    H41    sing N N 255 
C   N4    H42    sing N N 256 
C   C5    C6     doub N N 257 
C   C5    H5     sing N N 258 
C   C6    H6     sing N N 259 
CYS N     CA     sing N N 260 
CYS N     H      sing N N 261 
CYS N     H2     sing N N 262 
CYS CA    C      sing N N 263 
CYS CA    CB     sing N N 264 
CYS CA    HA     sing N N 265 
CYS C     O      doub N N 266 
CYS C     OXT    sing N N 267 
CYS CB    SG     sing N N 268 
CYS CB    HB2    sing N N 269 
CYS CB    HB3    sing N N 270 
CYS SG    HG     sing N N 271 
CYS OXT   HXT    sing N N 272 
G   OP3   P      sing N N 273 
G   OP3   HOP3   sing N N 274 
G   P     OP1    doub N N 275 
G   P     OP2    sing N N 276 
G   P     "O5'"  sing N N 277 
G   OP2   HOP2   sing N N 278 
G   "O5'" "C5'"  sing N N 279 
G   "C5'" "C4'"  sing N N 280 
G   "C5'" "H5'"  sing N N 281 
G   "C5'" "H5''" sing N N 282 
G   "C4'" "O4'"  sing N N 283 
G   "C4'" "C3'"  sing N N 284 
G   "C4'" "H4'"  sing N N 285 
G   "O4'" "C1'"  sing N N 286 
G   "C3'" "O3'"  sing N N 287 
G   "C3'" "C2'"  sing N N 288 
G   "C3'" "H3'"  sing N N 289 
G   "O3'" "HO3'" sing N N 290 
G   "C2'" "O2'"  sing N N 291 
G   "C2'" "C1'"  sing N N 292 
G   "C2'" "H2'"  sing N N 293 
G   "O2'" "HO2'" sing N N 294 
G   "C1'" N9     sing N N 295 
G   "C1'" "H1'"  sing N N 296 
G   N9    C8     sing Y N 297 
G   N9    C4     sing Y N 298 
G   C8    N7     doub Y N 299 
G   C8    H8     sing N N 300 
G   N7    C5     sing Y N 301 
G   C5    C6     sing N N 302 
G   C5    C4     doub Y N 303 
G   C6    O6     doub N N 304 
G   C6    N1     sing N N 305 
G   N1    C2     sing N N 306 
G   N1    H1     sing N N 307 
G   C2    N2     sing N N 308 
G   C2    N3     doub N N 309 
G   N2    H21    sing N N 310 
G   N2    H22    sing N N 311 
G   N3    C4     sing N N 312 
GLN N     CA     sing N N 313 
GLN N     H      sing N N 314 
GLN N     H2     sing N N 315 
GLN CA    C      sing N N 316 
GLN CA    CB     sing N N 317 
GLN CA    HA     sing N N 318 
GLN C     O      doub N N 319 
GLN C     OXT    sing N N 320 
GLN CB    CG     sing N N 321 
GLN CB    HB2    sing N N 322 
GLN CB    HB3    sing N N 323 
GLN CG    CD     sing N N 324 
GLN CG    HG2    sing N N 325 
GLN CG    HG3    sing N N 326 
GLN CD    OE1    doub N N 327 
GLN CD    NE2    sing N N 328 
GLN NE2   HE21   sing N N 329 
GLN NE2   HE22   sing N N 330 
GLN OXT   HXT    sing N N 331 
GLU N     CA     sing N N 332 
GLU N     H      sing N N 333 
GLU N     H2     sing N N 334 
GLU CA    C      sing N N 335 
GLU CA    CB     sing N N 336 
GLU CA    HA     sing N N 337 
GLU C     O      doub N N 338 
GLU C     OXT    sing N N 339 
GLU CB    CG     sing N N 340 
GLU CB    HB2    sing N N 341 
GLU CB    HB3    sing N N 342 
GLU CG    CD     sing N N 343 
GLU CG    HG2    sing N N 344 
GLU CG    HG3    sing N N 345 
GLU CD    OE1    doub N N 346 
GLU CD    OE2    sing N N 347 
GLU OE2   HE2    sing N N 348 
GLU OXT   HXT    sing N N 349 
GLY N     CA     sing N N 350 
GLY N     H      sing N N 351 
GLY N     H2     sing N N 352 
GLY CA    C      sing N N 353 
GLY CA    HA2    sing N N 354 
GLY CA    HA3    sing N N 355 
GLY C     O      doub N N 356 
GLY C     OXT    sing N N 357 
GLY OXT   HXT    sing N N 358 
H2U P     OP1    doub N N 359 
H2U P     OP2    sing N N 360 
H2U P     OP3    sing N N 361 
H2U P     "O5'"  sing N N 362 
H2U OP2   HOP2   sing N N 363 
H2U OP3   HOP3   sing N N 364 
H2U "O5'" "C5'"  sing N N 365 
H2U "C5'" "C4'"  sing N N 366 
H2U "C5'" "H5'"  sing N N 367 
H2U "C5'" "H5''" sing N N 368 
H2U "C4'" "O4'"  sing N N 369 
H2U "C4'" "C3'"  sing N N 370 
H2U "C4'" "H4'"  sing N N 371 
H2U "O4'" "C1'"  sing N N 372 
H2U "C3'" "O3'"  sing N N 373 
H2U "C3'" "C2'"  sing N N 374 
H2U "C3'" "H3'"  sing N N 375 
H2U "O3'" "HO3'" sing N N 376 
H2U "C1'" "C2'"  sing N N 377 
H2U "C1'" N1     sing N N 378 
H2U "C1'" "H1'"  sing N N 379 
H2U "C2'" "O2'"  sing N N 380 
H2U "C2'" "H2'"  sing N N 381 
H2U "O2'" "HO2'" sing N N 382 
H2U N1    C2     sing N N 383 
H2U N1    C6     sing N N 384 
H2U C2    O2     doub N N 385 
H2U C2    N3     sing N N 386 
H2U N3    C4     sing N N 387 
H2U N3    HN3    sing N N 388 
H2U C4    O4     doub N N 389 
H2U C4    C5     sing N N 390 
H2U C5    C6     sing N N 391 
H2U C5    H51    sing N N 392 
H2U C5    H52    sing N N 393 
H2U C6    H61    sing N N 394 
H2U C6    H62    sing N N 395 
HIS N     CA     sing N N 396 
HIS N     H      sing N N 397 
HIS N     H2     sing N N 398 
HIS CA    C      sing N N 399 
HIS CA    CB     sing N N 400 
HIS CA    HA     sing N N 401 
HIS C     O      doub N N 402 
HIS C     OXT    sing N N 403 
HIS CB    CG     sing N N 404 
HIS CB    HB2    sing N N 405 
HIS CB    HB3    sing N N 406 
HIS CG    ND1    sing Y N 407 
HIS CG    CD2    doub Y N 408 
HIS ND1   CE1    doub Y N 409 
HIS ND1   HD1    sing N N 410 
HIS CD2   NE2    sing Y N 411 
HIS CD2   HD2    sing N N 412 
HIS CE1   NE2    sing Y N 413 
HIS CE1   HE1    sing N N 414 
HIS NE2   HE2    sing N N 415 
HIS OXT   HXT    sing N N 416 
ILE N     CA     sing N N 417 
ILE N     H      sing N N 418 
ILE N     H2     sing N N 419 
ILE CA    C      sing N N 420 
ILE CA    CB     sing N N 421 
ILE CA    HA     sing N N 422 
ILE C     O      doub N N 423 
ILE C     OXT    sing N N 424 
ILE CB    CG1    sing N N 425 
ILE CB    CG2    sing N N 426 
ILE CB    HB     sing N N 427 
ILE CG1   CD1    sing N N 428 
ILE CG1   HG12   sing N N 429 
ILE CG1   HG13   sing N N 430 
ILE CG2   HG21   sing N N 431 
ILE CG2   HG22   sing N N 432 
ILE CG2   HG23   sing N N 433 
ILE CD1   HD11   sing N N 434 
ILE CD1   HD12   sing N N 435 
ILE CD1   HD13   sing N N 436 
ILE OXT   HXT    sing N N 437 
LEU N     CA     sing N N 438 
LEU N     H      sing N N 439 
LEU N     H2     sing N N 440 
LEU CA    C      sing N N 441 
LEU CA    CB     sing N N 442 
LEU CA    HA     sing N N 443 
LEU C     O      doub N N 444 
LEU C     OXT    sing N N 445 
LEU CB    CG     sing N N 446 
LEU CB    HB2    sing N N 447 
LEU CB    HB3    sing N N 448 
LEU CG    CD1    sing N N 449 
LEU CG    CD2    sing N N 450 
LEU CG    HG     sing N N 451 
LEU CD1   HD11   sing N N 452 
LEU CD1   HD12   sing N N 453 
LEU CD1   HD13   sing N N 454 
LEU CD2   HD21   sing N N 455 
LEU CD2   HD22   sing N N 456 
LEU CD2   HD23   sing N N 457 
LEU OXT   HXT    sing N N 458 
LYS N     CA     sing N N 459 
LYS N     H      sing N N 460 
LYS N     H2     sing N N 461 
LYS CA    C      sing N N 462 
LYS CA    CB     sing N N 463 
LYS CA    HA     sing N N 464 
LYS C     O      doub N N 465 
LYS C     OXT    sing N N 466 
LYS CB    CG     sing N N 467 
LYS CB    HB2    sing N N 468 
LYS CB    HB3    sing N N 469 
LYS CG    CD     sing N N 470 
LYS CG    HG2    sing N N 471 
LYS CG    HG3    sing N N 472 
LYS CD    CE     sing N N 473 
LYS CD    HD2    sing N N 474 
LYS CD    HD3    sing N N 475 
LYS CE    NZ     sing N N 476 
LYS CE    HE2    sing N N 477 
LYS CE    HE3    sing N N 478 
LYS NZ    HZ1    sing N N 479 
LYS NZ    HZ2    sing N N 480 
LYS NZ    HZ3    sing N N 481 
LYS OXT   HXT    sing N N 482 
MET N     CA     sing N N 483 
MET N     H      sing N N 484 
MET N     H2     sing N N 485 
MET CA    C      sing N N 486 
MET CA    CB     sing N N 487 
MET CA    HA     sing N N 488 
MET C     O      doub N N 489 
MET C     OXT    sing N N 490 
MET CB    CG     sing N N 491 
MET CB    HB2    sing N N 492 
MET CB    HB3    sing N N 493 
MET CG    SD     sing N N 494 
MET CG    HG2    sing N N 495 
MET CG    HG3    sing N N 496 
MET SD    CE     sing N N 497 
MET CE    HE1    sing N N 498 
MET CE    HE2    sing N N 499 
MET CE    HE3    sing N N 500 
MET OXT   HXT    sing N N 501 
OMG P     OP1    doub N N 502 
OMG P     OP2    sing N N 503 
OMG P     OP3    sing N N 504 
OMG P     "O5'"  sing N N 505 
OMG OP2   HOP2   sing N N 506 
OMG OP3   HOP3   sing N N 507 
OMG "O5'" "C5'"  sing N N 508 
OMG "C5'" "C4'"  sing N N 509 
OMG "C5'" "H5'"  sing N N 510 
OMG "C5'" "H5''" sing N N 511 
OMG "C4'" "O4'"  sing N N 512 
OMG "C4'" "C3'"  sing N N 513 
OMG "C4'" "H4'"  sing N N 514 
OMG "O4'" "C1'"  sing N N 515 
OMG "C3'" "O3'"  sing N N 516 
OMG "C3'" "C2'"  sing N N 517 
OMG "C3'" "H3'"  sing N N 518 
OMG "O3'" "HO3'" sing N N 519 
OMG "C2'" "O2'"  sing N N 520 
OMG "C2'" "C1'"  sing N N 521 
OMG "C2'" "H2'"  sing N N 522 
OMG "O2'" CM2    sing N N 523 
OMG CM2   HM21   sing N N 524 
OMG CM2   HM22   sing N N 525 
OMG CM2   HM23   sing N N 526 
OMG "C1'" N9     sing N N 527 
OMG "C1'" "H1'"  sing N N 528 
OMG N9    C8     sing Y N 529 
OMG N9    C4     sing Y N 530 
OMG C8    N7     doub Y N 531 
OMG C8    H8     sing N N 532 
OMG N7    C5     sing Y N 533 
OMG C5    C6     sing N N 534 
OMG C5    C4     doub Y N 535 
OMG C6    O6     doub N N 536 
OMG C6    N1     sing N N 537 
OMG N1    C2     sing N N 538 
OMG N1    HN1    sing N N 539 
OMG C2    N2     sing N N 540 
OMG C2    N3     doub N N 541 
OMG N2    HN21   sing N N 542 
OMG N2    HN22   sing N N 543 
OMG N3    C4     sing N N 544 
OMU N1    C2     sing N N 545 
OMU N1    C6     sing N N 546 
OMU N1    "C1'"  sing N N 547 
OMU C2    N3     sing N N 548 
OMU C2    O2     doub N N 549 
OMU N3    C4     sing N N 550 
OMU N3    HN3    sing N N 551 
OMU C4    C5     sing N N 552 
OMU C4    O4     doub N N 553 
OMU C5    C6     doub N N 554 
OMU C5    H5     sing N N 555 
OMU C6    H6     sing N N 556 
OMU "C1'" "C2'"  sing N N 557 
OMU "C1'" "O4'"  sing N N 558 
OMU "C1'" "H1'"  sing N N 559 
OMU "C2'" "O2'"  sing N N 560 
OMU "C2'" "C3'"  sing N N 561 
OMU "C2'" "H2'"  sing N N 562 
OMU "O2'" CM2    sing N N 563 
OMU CM2   HM21   sing N N 564 
OMU CM2   HM22   sing N N 565 
OMU CM2   HM23   sing N N 566 
OMU "C3'" "C4'"  sing N N 567 
OMU "C3'" "O3'"  sing N N 568 
OMU "C3'" "H3'"  sing N N 569 
OMU "C4'" "O4'"  sing N N 570 
OMU "C4'" "C5'"  sing N N 571 
OMU "C4'" "H4'"  sing N N 572 
OMU "O3'" "HO3'" sing N N 573 
OMU "C5'" "O5'"  sing N N 574 
OMU "C5'" "H5'"  sing N N 575 
OMU "C5'" "H5''" sing N N 576 
OMU "O5'" P      sing N N 577 
OMU P     OP1    doub N N 578 
OMU P     OP2    sing N N 579 
OMU P     OP3    sing N N 580 
OMU OP2   HOP2   sing N N 581 
OMU OP3   HOP3   sing N N 582 
PHE N     CA     sing N N 583 
PHE N     H      sing N N 584 
PHE N     H2     sing N N 585 
PHE CA    C      sing N N 586 
PHE CA    CB     sing N N 587 
PHE CA    HA     sing N N 588 
PHE C     O      doub N N 589 
PHE C     OXT    sing N N 590 
PHE CB    CG     sing N N 591 
PHE CB    HB2    sing N N 592 
PHE CB    HB3    sing N N 593 
PHE CG    CD1    doub Y N 594 
PHE CG    CD2    sing Y N 595 
PHE CD1   CE1    sing Y N 596 
PHE CD1   HD1    sing N N 597 
PHE CD2   CE2    doub Y N 598 
PHE CD2   HD2    sing N N 599 
PHE CE1   CZ     doub Y N 600 
PHE CE1   HE1    sing N N 601 
PHE CE2   CZ     sing Y N 602 
PHE CE2   HE2    sing N N 603 
PHE CZ    HZ     sing N N 604 
PHE OXT   HXT    sing N N 605 
PRO N     CA     sing N N 606 
PRO N     CD     sing N N 607 
PRO N     H      sing N N 608 
PRO CA    C      sing N N 609 
PRO CA    CB     sing N N 610 
PRO CA    HA     sing N N 611 
PRO C     O      doub N N 612 
PRO C     OXT    sing N N 613 
PRO CB    CG     sing N N 614 
PRO CB    HB2    sing N N 615 
PRO CB    HB3    sing N N 616 
PRO CG    CD     sing N N 617 
PRO CG    HG2    sing N N 618 
PRO CG    HG3    sing N N 619 
PRO CD    HD2    sing N N 620 
PRO CD    HD3    sing N N 621 
PRO OXT   HXT    sing N N 622 
PSU N1    C2     sing N N 623 
PSU N1    C6     sing N N 624 
PSU N1    HN1    sing N N 625 
PSU C2    N3     sing N N 626 
PSU C2    O2     doub N N 627 
PSU N3    C4     sing N N 628 
PSU N3    HN3    sing N N 629 
PSU C4    C5     sing N N 630 
PSU C4    O4     doub N N 631 
PSU C5    C6     doub N N 632 
PSU C5    "C1'"  sing N N 633 
PSU C6    H6     sing N N 634 
PSU "C1'" "C2'"  sing N N 635 
PSU "C1'" "O4'"  sing N N 636 
PSU "C1'" "H1'"  sing N N 637 
PSU "C2'" "O2'"  sing N N 638 
PSU "C2'" "C3'"  sing N N 639 
PSU "C2'" "H2'"  sing N N 640 
PSU "O2'" "HO2'" sing N N 641 
PSU "C3'" "C4'"  sing N N 642 
PSU "C3'" "O3'"  sing N N 643 
PSU "C3'" "H3'"  sing N N 644 
PSU "C4'" "O4'"  sing N N 645 
PSU "C4'" "C5'"  sing N N 646 
PSU "C4'" "H4'"  sing N N 647 
PSU "O3'" "HO3'" sing N N 648 
PSU "C5'" "O5'"  sing N N 649 
PSU "C5'" "H5'"  sing N N 650 
PSU "C5'" "H5''" sing N N 651 
PSU "O5'" P      sing N N 652 
PSU P     OP1    doub N N 653 
PSU P     OP2    sing N N 654 
PSU P     OP3    sing N N 655 
PSU OP2   HOP2   sing N N 656 
PSU OP3   HOP3   sing N N 657 
SER N     CA     sing N N 658 
SER N     H      sing N N 659 
SER N     H2     sing N N 660 
SER CA    C      sing N N 661 
SER CA    CB     sing N N 662 
SER CA    HA     sing N N 663 
SER C     O      doub N N 664 
SER C     OXT    sing N N 665 
SER CB    OG     sing N N 666 
SER CB    HB2    sing N N 667 
SER CB    HB3    sing N N 668 
SER OG    HG     sing N N 669 
SER OXT   HXT    sing N N 670 
THR N     CA     sing N N 671 
THR N     H      sing N N 672 
THR N     H2     sing N N 673 
THR CA    C      sing N N 674 
THR CA    CB     sing N N 675 
THR CA    HA     sing N N 676 
THR C     O      doub N N 677 
THR C     OXT    sing N N 678 
THR CB    OG1    sing N N 679 
THR CB    CG2    sing N N 680 
THR CB    HB     sing N N 681 
THR OG1   HG1    sing N N 682 
THR CG2   HG21   sing N N 683 
THR CG2   HG22   sing N N 684 
THR CG2   HG23   sing N N 685 
THR OXT   HXT    sing N N 686 
TRP N     CA     sing N N 687 
TRP N     H      sing N N 688 
TRP N     H2     sing N N 689 
TRP CA    C      sing N N 690 
TRP CA    CB     sing N N 691 
TRP CA    HA     sing N N 692 
TRP C     O      doub N N 693 
TRP C     OXT    sing N N 694 
TRP CB    CG     sing N N 695 
TRP CB    HB2    sing N N 696 
TRP CB    HB3    sing N N 697 
TRP CG    CD1    doub Y N 698 
TRP CG    CD2    sing Y N 699 
TRP CD1   NE1    sing Y N 700 
TRP CD1   HD1    sing N N 701 
TRP CD2   CE2    doub Y N 702 
TRP CD2   CE3    sing Y N 703 
TRP NE1   CE2    sing Y N 704 
TRP NE1   HE1    sing N N 705 
TRP CE2   CZ2    sing Y N 706 
TRP CE3   CZ3    doub Y N 707 
TRP CE3   HE3    sing N N 708 
TRP CZ2   CH2    doub Y N 709 
TRP CZ2   HZ2    sing N N 710 
TRP CZ3   CH2    sing Y N 711 
TRP CZ3   HZ3    sing N N 712 
TRP CH2   HH2    sing N N 713 
TRP OXT   HXT    sing N N 714 
TYR N     CA     sing N N 715 
TYR N     H      sing N N 716 
TYR N     H2     sing N N 717 
TYR CA    C      sing N N 718 
TYR CA    CB     sing N N 719 
TYR CA    HA     sing N N 720 
TYR C     O      doub N N 721 
TYR C     OXT    sing N N 722 
TYR CB    CG     sing N N 723 
TYR CB    HB2    sing N N 724 
TYR CB    HB3    sing N N 725 
TYR CG    CD1    doub Y N 726 
TYR CG    CD2    sing Y N 727 
TYR CD1   CE1    sing Y N 728 
TYR CD1   HD1    sing N N 729 
TYR CD2   CE2    doub Y N 730 
TYR CD2   HD2    sing N N 731 
TYR CE1   CZ     doub Y N 732 
TYR CE1   HE1    sing N N 733 
TYR CE2   CZ     sing Y N 734 
TYR CE2   HE2    sing N N 735 
TYR CZ    OH     sing N N 736 
TYR OH    HH     sing N N 737 
TYR OXT   HXT    sing N N 738 
U   OP3   P      sing N N 739 
U   OP3   HOP3   sing N N 740 
U   P     OP1    doub N N 741 
U   P     OP2    sing N N 742 
U   P     "O5'"  sing N N 743 
U   OP2   HOP2   sing N N 744 
U   "O5'" "C5'"  sing N N 745 
U   "C5'" "C4'"  sing N N 746 
U   "C5'" "H5'"  sing N N 747 
U   "C5'" "H5''" sing N N 748 
U   "C4'" "O4'"  sing N N 749 
U   "C4'" "C3'"  sing N N 750 
U   "C4'" "H4'"  sing N N 751 
U   "O4'" "C1'"  sing N N 752 
U   "C3'" "O3'"  sing N N 753 
U   "C3'" "C2'"  sing N N 754 
U   "C3'" "H3'"  sing N N 755 
U   "O3'" "HO3'" sing N N 756 
U   "C2'" "O2'"  sing N N 757 
U   "C2'" "C1'"  sing N N 758 
U   "C2'" "H2'"  sing N N 759 
U   "O2'" "HO2'" sing N N 760 
U   "C1'" N1     sing N N 761 
U   "C1'" "H1'"  sing N N 762 
U   N1    C2     sing N N 763 
U   N1    C6     sing N N 764 
U   C2    O2     doub N N 765 
U   C2    N3     sing N N 766 
U   N3    C4     sing N N 767 
U   N3    H3     sing N N 768 
U   C4    O4     doub N N 769 
U   C4    C5     sing N N 770 
U   C5    C6     doub N N 771 
U   C5    H5     sing N N 772 
U   C6    H6     sing N N 773 
VAL N     CA     sing N N 774 
VAL N     H      sing N N 775 
VAL N     H2     sing N N 776 
VAL CA    C      sing N N 777 
VAL CA    CB     sing N N 778 
VAL CA    HA     sing N N 779 
VAL C     O      doub N N 780 
VAL C     OXT    sing N N 781 
VAL CB    CG1    sing N N 782 
VAL CB    CG2    sing N N 783 
VAL CB    HB     sing N N 784 
VAL CG1   HG11   sing N N 785 
VAL CG1   HG12   sing N N 786 
VAL CG1   HG13   sing N N 787 
VAL CG2   HG21   sing N N 788 
VAL CG2   HG22   sing N N 789 
VAL CG2   HG23   sing N N 790 
VAL OXT   HXT    sing N N 791 
# 
loop_
_pdbx_coordinate_model.asym_id 
_pdbx_coordinate_model.type 
A 'P ATOMS ONLY'  
B 'CA ATOMS ONLY' 
# 
_atom_sites.entry_id                    1GSG 
_atom_sites.fract_transf_matrix[1][1]   0.00347917 
_atom_sites.fract_transf_matrix[1][2]   0.00213445 
_atom_sites.fract_transf_matrix[1][3]   -0.00055284 
_atom_sites.fract_transf_matrix[2][1]   0.00462798 
_atom_sites.fract_transf_matrix[2][2]   -0.00864325 
_atom_sites.fract_transf_matrix[2][3]   -0.00424545 
_atom_sites.fract_transf_matrix[3][1]   -0.00271817 
_atom_sites.fract_transf_matrix[3][2]   0.00239844 
_atom_sites.fract_transf_matrix[3][3]   -0.00784605 
_atom_sites.fract_transf_vector[1]      0.179543 
_atom_sites.fract_transf_vector[2]      0.174994 
_atom_sites.fract_transf_vector[3]      0.134797 
# 
loop_
_atom_type.symbol 
C 
P 
# 
loop_
_atom_site.group_PDB 
_atom_site.id 
_atom_site.type_symbol 
_atom_site.label_atom_id 
_atom_site.label_alt_id 
_atom_site.label_comp_id 
_atom_site.label_asym_id 
_atom_site.label_entity_id 
_atom_site.label_seq_id 
_atom_site.pdbx_PDB_ins_code 
_atom_site.Cartn_x 
_atom_site.Cartn_y 
_atom_site.Cartn_z 
_atom_site.occupancy 
_atom_site.B_iso_or_equiv 
_atom_site.pdbx_formal_charge 
_atom_site.auth_seq_id 
_atom_site.auth_comp_id 
_atom_site.auth_asym_id 
_atom_site.auth_atom_id 
_atom_site.pdbx_PDB_model_num 
ATOM   1   P P  . U   A 1 1   ? 1.037   -13.439 -31.310 1.00 71.49 ? 1   U   T P  1 
ATOM   2   P P  . G   A 1 2   ? 3.147   -18.677 -34.425 1.00 50.70 ? 2   G   T P  1 
ATOM   3   P P  . G   A 1 3   ? 3.797   -22.389 -30.116 1.00 28.17 ? 3   G   T P  1 
ATOM   4   P P  . G   A 1 4   ? 2.837   -23.809 -24.338 1.00 23.38 ? 4   G   T P  1 
ATOM   5   P P  . G   A 1 5   ? 0.584   -23.076 -18.961 1.00 23.04 ? 5   G   T P  1 
ATOM   6   P P  . U   A 1 6   ? -5.145  -20.931 -16.802 1.00 19.48 ? 6   U   T P  1 
ATOM   7   P P  . A   A 1 7   ? -10.529 -18.394 -16.225 1.00 23.84 ? 7   A   T P  1 
HETATM 8   P P  . 4SU A 1 8   ? -15.209 -13.617 -17.522 1.00 25.49 ? 8   4SU T P  1 
ATOM   9   P P  . C   A 1 9   ? -19.777 -11.689 -16.032 1.00 32.70 ? 9   C   T P  1 
ATOM   10  P P  . G   A 1 10  ? -22.797 -6.130  -17.131 1.00 28.42 ? 10  G   T P  1 
ATOM   11  P P  . C   A 1 11  ? -17.269 -4.863  -16.154 1.00 21.92 ? 11  C   T P  1 
ATOM   12  P P  . C   A 1 12  ? -13.032 -6.785  -12.973 1.00 18.88 ? 12  C   T P  1 
ATOM   13  P P  . A   A 1 13  ? -11.775 -12.166 -9.634  1.00 19.38 ? 13  A   T P  1 
ATOM   14  P P  . A   A 1 14  ? -13.474 -17.841 -7.334  1.00 21.67 ? 14  A   T P  1 
ATOM   15  P P  . G   A 1 15  ? -15.763 -23.128 -6.055  1.00 33.01 ? 15  G   T P  1 
ATOM   16  P P  . C   A 1 16  ? -20.182 -27.414 -8.902  1.00 45.90 ? 16  C   T P  1 
HETATM 17  P P  . OMG A 1 17  ? -18.429 -32.844 -11.689 1.00 49.40 ? 18  OMG T P  1 
ATOM   18  P P  . G   A 1 18  ? -23.769 -32.058 -11.297 1.00 47.51 ? 19  G   T P  1 
HETATM 19  P P  . H2U A 1 19  ? -29.159 -28.533 -9.644  1.00 50.38 ? 20  H2U T P  1 
ATOM   20  P P  . A   A 1 20  ? -30.627 -22.604 -13.049 1.00 50.67 ? 21  A   T P  1 
ATOM   21  P P  . A   A 1 21  ? -28.300 -18.112 -8.139  1.00 44.51 ? 22  A   T P  1 
ATOM   22  P P  . G   A 1 22  ? -26.996 -14.982 -3.320  1.00 34.10 ? 23  G   T P  1 
ATOM   23  P P  . G   A 1 23  ? -24.451 -10.397 -0.645  1.00 29.30 ? 24  G   T P  1 
ATOM   24  P P  . C   A 1 24  ? -21.845 -5.418  0.050   1.00 30.25 ? 25  C   T P  1 
ATOM   25  P P  . A   A 1 25  ? -21.126 -0.071  -1.972  1.00 28.00 ? 26  A   T P  1 
ATOM   26  P P  . C   A 1 26  ? -23.961 3.319   -5.626  1.00 35.48 ? 27  C   T P  1 
ATOM   27  P P  . C   A 1 27  ? -29.157 4.721   -8.007  1.00 49.63 ? 28  C   T P  1 
ATOM   28  P P  . G   A 1 28  ? -34.701 5.380   -7.616  1.00 53.57 ? 29  G   T P  1 
ATOM   29  P P  . G   A 1 29  ? -39.217 4.838   -3.300  1.00 54.44 ? 30  G   T P  1 
ATOM   30  P P  . A   A 1 30  ? -41.635 4.820   1.665   1.00 49.82 ? 31  A   T P  1 
HETATM 31  P P  . OMU A 1 31  ? -41.203 5.268   6.969   1.00 49.02 ? 32  OMU T P  1 
ATOM   32  P P  . U   A 1 32  ? -39.161 7.202   11.741  1.00 46.61 ? 33  U   T P  1 
ATOM   33  P P  . C   A 1 33  ? -35.967 10.882  14.131  1.00 38.24 ? 34  C   T P  1 
ATOM   34  P P  . U   A 1 34  ? -30.929 11.477  11.931  1.00 31.52 ? 35  U   T P  1 
ATOM   35  P P  . G   A 1 35  ? -28.947 14.209  6.931   1.00 28.36 ? 36  G   T P  1 
HETATM 36  P P  . 2MA A 1 36  ? -28.745 8.396   3.225   1.00 29.56 ? 37  2MA T P  1 
HETATM 37  P P  . PSU A 1 37  ? -25.445 4.178   4.422   1.00 27.76 ? 38  PSU T P  1 
HETATM 38  P P  . PSU A 1 38  ? -25.573 -0.795  7.308   1.00 33.66 ? 39  PSU T P  1 
ATOM   39  P P  . C   A 1 39  ? -29.657 -4.638  8.165   1.00 44.39 ? 40  C   T P  1 
ATOM   40  P P  . C   A 1 40  ? -34.185 -7.418  5.467   1.00 52.92 ? 41  C   T P  1 
ATOM   41  P P  . G   A 1 41  ? -36.698 -9.360  1.512   1.00 56.37 ? 42  G   T P  1 
ATOM   42  P P  . G   A 1 42  ? -36.643 -9.862  -4.245  1.00 55.40 ? 43  G   T P  1 
ATOM   43  P P  . C   A 1 43  ? -34.938 -9.474  -9.935  1.00 52.58 ? 44  C   T P  1 
ATOM   44  P P  . A   A 1 44  ? -31.312 -10.165 -13.521 1.00 53.99 ? 45  A   T P  1 
ATOM   45  P P  . U   A 1 45  ? -30.444 -12.767 -18.154 1.00 58.12 ? 46  U   T P  1 
ATOM   46  P P  . U   A 1 46  ? -30.762 -15.884 -20.579 1.00 65.06 ? 47  U   T P  1 
ATOM   47  P P  . C   A 1 47  ? -25.011 -18.477 -21.940 1.00 47.61 ? 48  C   T P  1 
ATOM   48  P P  . C   A 1 48  ? -18.133 -17.781 -20.871 1.00 27.77 ? 49  C   T P  1 
ATOM   49  P P  . G   A 1 49  ? -20.971 -16.528 -25.404 1.00 34.50 ? 50  G   T P  1 
ATOM   50  P P  . A   A 1 50  ? -23.168 -18.901 -29.978 1.00 46.27 ? 51  A   T P  1 
ATOM   51  P P  . G   A 1 51  ? -24.389 -23.424 -33.558 1.00 53.17 ? 52  G   T P  1 
ATOM   52  P P  . G   A 1 52  ? -25.194 -29.123 -33.713 1.00 54.75 ? 53  G   T P  1 
HETATM 53  P P  . 5MU A 1 53  ? -25.027 -34.885 -31.277 1.00 53.34 ? 54  5MU T P  1 
HETATM 54  P P  . PSU A 1 54  ? -26.113 -38.312 -27.953 1.00 52.84 ? 55  PSU T P  1 
ATOM   55  P P  . C   A 1 55  ? -29.456 -39.337 -23.882 1.00 47.64 ? 56  C   T P  1 
ATOM   56  P P  . G   A 1 56  ? -30.801 -34.021 -23.458 1.00 45.25 ? 57  G   T P  1 
ATOM   57  P P  . A   A 1 57  ? -28.225 -29.634 -21.513 1.00 40.57 ? 58  A   T P  1 
ATOM   58  P P  . A   A 1 58  ? -25.484 -24.874 -19.272 1.00 37.28 ? 59  A   T P  1 
ATOM   59  P P  . U   A 1 59  ? -20.044 -25.831 -20.702 1.00 30.91 ? 60  U   T P  1 
ATOM   60  P P  . C   A 1 60  ? -14.997 -29.070 -18.540 1.00 38.83 ? 61  C   T P  1 
ATOM   61  P P  . C   A 1 61  ? -13.114 -32.037 -22.949 1.00 47.08 ? 62  C   T P  1 
ATOM   62  P P  . U   A 1 62  ? -11.226 -31.920 -28.115 1.00 54.89 ? 63  U   T P  1 
ATOM   63  P P  . C   A 1 63  ? -9.759  -28.760 -32.649 1.00 53.61 ? 64  C   T P  1 
ATOM   64  P P  . G   A 1 64  ? -9.107  -23.726 -34.722 1.00 50.67 ? 65  G   T P  1 
ATOM   65  P P  . U   A 1 65  ? -9.019  -17.534 -34.951 1.00 45.75 ? 66  U   T P  1 
ATOM   66  P P  . A   A 1 66  ? -9.000  -12.255 -32.220 1.00 36.57 ? 67  A   T P  1 
ATOM   67  P P  . C   A 1 67  ? -7.273  -8.276  -28.644 1.00 28.05 ? 68  C   T P  1 
ATOM   68  P P  . C   A 1 68  ? -3.770  -6.812  -23.896 1.00 22.85 ? 69  C   T P  1 
ATOM   69  P P  . C   A 1 69  ? 0.786   -7.426  -20.383 1.00 21.10 ? 70  C   T P  1 
ATOM   70  P P  . C   A 1 70  ? 6.072   -8.959  -19.695 1.00 18.84 ? 71  C   T P  1 
ATOM   71  P P  . A   A 1 71  ? 11.272  -9.970  -21.139 1.00 20.16 ? 72  A   T P  1 
ATOM   72  P P  . G   A 1 72  ? 15.983  -8.046  -23.107 1.00 19.91 ? 73  G   T P  1 
ATOM   73  P P  . C   A 1 73  ? 19.926  -10.214 -19.360 1.00 15.55 ? 74  C   T P  1 
ATOM   74  P P  . C   A 1 74  ? 20.977  -6.683  -14.002 1.00 8.94  ? 75  C   T P  1 
ATOM   75  P P  . A   A 1 75  ? 17.637  -9.528  -9.604  1.00 13.59 ? 76  A   T P  1 
ATOM   76  C CA . THR B 2 8   ? -11.668 -20.895 -0.466  1.00 34.56 ? 8   THR P CA 1 
ATOM   77  C CA . ASN B 2 9   ? -9.504  -20.356 -3.491  1.00 26.80 ? 9   ASN P CA 1 
ATOM   78  C CA . PHE B 2 10  ? -7.620  -22.570 -5.917  1.00 16.50 ? 10  PHE P CA 1 
ATOM   79  C CA . ILE B 2 11  ? -4.430  -22.446 -3.799  1.00 16.24 ? 11  ILE P CA 1 
ATOM   80  C CA . ARG B 2 12  ? -6.304  -23.724 -0.709  1.00 18.90 ? 12  ARG P CA 1 
ATOM   81  C CA . GLN B 2 13  ? -7.850  -26.550 -2.707  1.00 19.35 ? 13  GLN P CA 1 
ATOM   82  C CA . ILE B 2 14  ? -4.274  -27.465 -3.715  1.00 15.71 ? 14  ILE P CA 1 
ATOM   83  C CA . ILE B 2 15  ? -3.038  -27.320 -0.109  1.00 16.90 ? 15  ILE P CA 1 
ATOM   84  C CA . ASP B 2 16  ? -5.984  -29.372 1.263   1.00 24.39 ? 16  ASP P CA 1 
ATOM   85  C CA . GLU B 2 17  ? -5.351  -31.912 -1.496  1.00 32.15 ? 17  GLU P CA 1 
ATOM   86  C CA . ASP B 2 18  ? -1.638  -32.139 -0.653  1.00 27.91 ? 18  ASP P CA 1 
ATOM   87  C CA . LEU B 2 19  ? -2.357  -32.682 2.999   1.00 22.71 ? 19  LEU P CA 1 
ATOM   88  C CA . ALA B 2 20  ? -4.997  -35.310 2.099   1.00 23.12 ? 20  ALA P CA 1 
ATOM   89  C CA . SER B 2 21  ? -2.540  -37.180 -0.130  1.00 24.62 ? 21  SER P CA 1 
ATOM   90  C CA . GLY B 2 22  ? 0.018   -37.151 2.622   1.00 25.42 ? 22  GLY P CA 1 
ATOM   91  C CA . LYS B 2 23  ? 2.318   -35.145 0.320   1.00 24.19 ? 23  LYS P CA 1 
ATOM   92  C CA . HIS B 2 24  ? 2.743   -32.664 3.174   1.00 21.90 ? 24  HIS P CA 1 
ATOM   93  C CA . THR B 2 25  ? 1.944   -32.564 6.861   1.00 27.28 ? 25  THR P CA 1 
ATOM   94  C CA . THR B 2 26  ? 2.483   -28.804 7.235   1.00 26.54 ? 26  THR P CA 1 
ATOM   95  C CA . VAL B 2 27  ? 2.326   -25.734 5.019   1.00 15.59 ? 27  VAL P CA 1 
ATOM   96  C CA . HIS B 2 28  ? 5.242   -23.375 5.046   1.00 10.09 ? 28  HIS P CA 1 
ATOM   97  C CA . THR B 2 29  ? 4.969   -20.190 2.962   1.00 6.56  ? 29  THR P CA 1 
ATOM   98  C CA . ARG B 2 30  ? 7.014   -16.976 2.650   1.00 8.40  ? 30  ARG P CA 1 
ATOM   99  C CA . PHE B 2 31  ? 6.413   -13.363 1.683   1.00 5.07  ? 31  PHE P CA 1 
ATOM   100 C CA . PRO B 2 32  ? 9.621   -12.311 -0.172  1.00 7.19  ? 32  PRO P CA 1 
ATOM   101 C CA . PRO B 2 33  ? 9.696   -8.586  -0.945  1.00 7.01  ? 33  PRO P CA 1 
ATOM   102 C CA . GLU B 2 34  ? 12.726  -6.964  -2.493  1.00 9.58  ? 34  GLU P CA 1 
ATOM   103 C CA . PRO B 2 35  ? 13.661  -3.968  -0.214  1.00 9.04  ? 35  PRO P CA 1 
ATOM   104 C CA . ASN B 2 36  ? 13.508  -1.326  -2.969  1.00 12.57 ? 36  ASN P CA 1 
ATOM   105 C CA . GLY B 2 37  ? 10.407  0.559   -1.971  1.00 11.79 ? 37  GLY P CA 1 
ATOM   106 C CA . TYR B 2 38  ? 7.600   0.689   0.472   1.00 9.85  ? 38  TYR P CA 1 
ATOM   107 C CA . LEU B 2 39  ? 4.948   -1.973  0.506   1.00 7.59  ? 39  LEU P CA 1 
ATOM   108 C CA . HIS B 2 40  ? 1.570   -1.183  -1.086  1.00 10.77 ? 40  HIS P CA 1 
ATOM   109 C CA . ILE B 2 41  ? -2.019  -2.596  -1.056  1.00 13.18 ? 41  ILE P CA 1 
ATOM   110 C CA . GLY B 2 42  ? -1.082  -5.191  -3.739  1.00 13.63 ? 42  GLY P CA 1 
ATOM   111 C CA . HIS B 2 43  ? 1.686   -6.428  -1.423  1.00 12.93 ? 43  HIS P CA 1 
ATOM   112 C CA . ALA B 2 44  ? -0.946  -6.577  1.311   1.00 11.66 ? 44  ALA P CA 1 
ATOM   113 C CA . LYS B 2 45  ? -2.849  -9.053  -0.863  1.00 11.65 ? 45  LYS P CA 1 
ATOM   114 C CA . SER B 2 46  ? 0.305   -11.271 -0.904  1.00 10.94 ? 46  SER P CA 1 
ATOM   115 C CA . ILE B 2 47  ? 0.801   -10.858 2.902   1.00 9.43  ? 47  ILE P CA 1 
ATOM   116 C CA . CYS B 2 48  ? -2.792  -11.833 3.685   1.00 10.64 ? 48  CYS P CA 1 
ATOM   117 C CA . LEU B 2 49  ? -2.467  -14.919 1.374   1.00 7.83  ? 49  LEU P CA 1 
ATOM   118 C CA . ASN B 2 50  ? 0.798   -16.212 2.623   1.00 7.29  ? 50  ASN P CA 1 
ATOM   119 C CA . PHE B 2 51  ? 0.420   -15.505 6.331   1.00 8.17  ? 51  PHE P CA 1 
ATOM   120 C CA . GLY B 2 52  ? -3.336  -16.182 6.390   1.00 12.17 ? 52  GLY P CA 1 
ATOM   121 C CA . ILE B 2 53  ? -2.587  -19.655 4.944   1.00 18.17 ? 53  ILE P CA 1 
ATOM   122 C CA . ALA B 2 54  ? 0.184   -20.327 7.432   1.00 19.59 ? 54  ALA P CA 1 
ATOM   123 C CA . GLN B 2 55  ? -2.092  -19.503 10.377  1.00 24.42 ? 55  GLN P CA 1 
ATOM   124 C CA . ASP B 2 56  ? -5.304  -21.129 9.228   1.00 20.38 ? 56  ASP P CA 1 
ATOM   125 C CA . TYR B 2 57  ? -3.438  -24.351 8.462   1.00 17.78 ? 57  TYR P CA 1 
ATOM   126 C CA . LYS B 2 58  ? -0.621  -26.041 10.355  1.00 26.78 ? 58  LYS P CA 1 
ATOM   127 C CA . GLY B 2 59  ? 1.639   -22.880 10.567  1.00 20.23 ? 59  GLY P CA 1 
ATOM   128 C CA . GLN B 2 60  ? 4.816   -20.975 9.613   1.00 16.96 ? 60  GLN P CA 1 
ATOM   129 C CA . CYS B 2 61  ? 5.367   -18.207 7.124   1.00 9.54  ? 61  CYS P CA 1 
ATOM   130 C CA . ASN B 2 62  ? 8.754   -16.586 6.647   1.00 6.91  ? 62  ASN P CA 1 
ATOM   131 C CA . LEU B 2 63  ? 9.521   -13.011 5.859   1.00 6.25  ? 63  LEU P CA 1 
ATOM   132 C CA . ARG B 2 64  ? 12.505  -13.055 3.552   1.00 5.87  ? 64  ARG P CA 1 
ATOM   133 C CA . PHE B 2 65  ? 14.036  -9.884  2.093   1.00 4.46  ? 65  PHE P CA 1 
ATOM   134 C CA . ASP B 2 66  ? 14.868  -10.873 -1.432  1.00 9.36  ? 66  ASP P CA 1 
ATOM   135 C CA . ASP B 2 67  ? 17.968  -8.744  -1.532  1.00 12.08 ? 67  ASP P CA 1 
ATOM   136 C CA . THR B 2 68  ? 19.972  -9.868  -4.540  1.00 12.80 ? 68  THR P CA 1 
ATOM   137 C CA . ASN B 2 69  ? 20.373  -6.520  -6.313  1.00 14.26 ? 69  ASN P CA 1 
ATOM   138 C CA . PRO B 2 70  ? 22.341  -4.063  -4.102  1.00 17.10 ? 70  PRO P CA 1 
ATOM   139 C CA . VAL B 2 71  ? 22.141  -0.948  -6.382  1.00 18.65 ? 71  VAL P CA 1 
ATOM   140 C CA . LYS B 2 72  ? 18.312  -1.017  -6.182  1.00 20.60 ? 72  LYS P CA 1 
ATOM   141 C CA . GLU B 2 73  ? 17.975  -1.551  -2.418  1.00 18.92 ? 73  GLU P CA 1 
ATOM   142 C CA . ASP B 2 74  ? 18.251  0.336   0.845   1.00 22.20 ? 74  ASP P CA 1 
ATOM   143 C CA . ILE B 2 75  ? 18.179  -0.413  4.597   1.00 19.97 ? 75  ILE P CA 1 
ATOM   144 C CA . GLU B 2 76  ? 15.331  2.127   4.993   1.00 21.38 ? 76  GLU P CA 1 
ATOM   145 C CA . TYR B 2 77  ? 13.114  -0.239  3.135   1.00 17.99 ? 77  TYR P CA 1 
ATOM   146 C CA . VAL B 2 78  ? 13.854  -3.338  5.204   1.00 17.88 ? 78  VAL P CA 1 
ATOM   147 C CA . GLU B 2 79  ? 12.838  -1.489  8.383   1.00 22.26 ? 79  GLU P CA 1 
ATOM   148 C CA . SER B 2 80  ? 9.610   -0.076  6.906   1.00 18.19 ? 80  SER P CA 1 
ATOM   149 C CA . ILE B 2 81  ? 8.538   -3.420  5.412   1.00 16.10 ? 81  ILE P CA 1 
ATOM   150 C CA . LYS B 2 82  ? 8.936   -5.175  8.787   1.00 17.05 ? 82  LYS P CA 1 
ATOM   151 C CA . ASN B 2 83  ? 6.841   -2.394  10.268  1.00 19.03 ? 83  ASN P CA 1 
ATOM   152 C CA . ASP B 2 84  ? 3.974   -2.660  7.778   1.00 14.51 ? 84  ASP P CA 1 
ATOM   153 C CA . VAL B 2 85  ? 3.876   -6.492  7.943   1.00 11.58 ? 85  VAL P CA 1 
ATOM   154 C CA . GLU B 2 86  ? 3.517   -6.241  11.730  1.00 14.99 ? 86  GLU P CA 1 
ATOM   155 C CA . TRP B 2 87  ? 0.985   -3.350  11.601  1.00 14.69 ? 87  TRP P CA 1 
ATOM   156 C CA . LEU B 2 88  ? -1.253  -5.479  9.341   1.00 12.77 ? 88  LEU P CA 1 
ATOM   157 C CA . GLY B 2 89  ? -1.395  -7.959  12.217  1.00 12.28 ? 89  GLY P CA 1 
ATOM   158 C CA . PHE B 2 90  ? 0.915   -10.726 10.994  1.00 10.24 ? 90  PHE P CA 1 
ATOM   159 C CA . HIS B 2 91  ? 3.988   -12.408 12.452  1.00 14.86 ? 91  HIS P CA 1 
ATOM   160 C CA . TRP B 2 92  ? 6.734   -14.387 10.708  1.00 11.31 ? 92  TRP P CA 1 
ATOM   161 C CA . SER B 2 93  ? 8.510   -17.606 11.753  1.00 12.37 ? 93  SER P CA 1 
ATOM   162 C CA . GLY B 2 94  ? 11.830  -17.233 13.406  1.00 9.38  ? 94  GLY P CA 1 
ATOM   163 C CA . ASN B 2 95  ? 14.077  -14.444 12.485  1.00 12.60 ? 95  ASN P CA 1 
ATOM   164 C CA . VAL B 2 96  ? 13.670  -12.235 9.446   1.00 9.93  ? 96  VAL P CA 1 
ATOM   165 C CA . ARG B 2 97  ? 15.479  -13.966 6.555   1.00 11.05 ? 97  ARG P CA 1 
ATOM   166 C CA . TYR B 2 98  ? 17.520  -12.527 3.725   1.00 9.65  ? 98  TYR P CA 1 
ATOM   167 C CA . SER B 2 99  ? 18.583  -14.129 0.391   1.00 9.46  ? 99  SER P CA 1 
ATOM   168 C CA . SER B 2 100 ? 22.009  -12.675 1.310   1.00 10.65 ? 100 SER P CA 1 
ATOM   169 C CA . ASP B 2 101 ? 22.095  -15.125 4.190   1.00 9.86  ? 101 ASP P CA 1 
ATOM   170 C CA . TYR B 2 102 ? 22.453  -17.727 1.502   1.00 6.85  ? 102 TYR P CA 1 
ATOM   171 C CA . PHE B 2 103 ? 25.128  -16.010 -0.562  1.00 8.17  ? 103 PHE P CA 1 
ATOM   172 C CA . ASP B 2 104 ? 27.800  -18.556 0.409   1.00 13.92 ? 104 ASP P CA 1 
ATOM   173 C CA . GLN B 2 105 ? 25.419  -21.489 -0.201  1.00 17.01 ? 105 GLN P CA 1 
ATOM   174 C CA . LEU B 2 106 ? 24.349  -20.035 -3.543  1.00 12.66 ? 106 LEU P CA 1 
ATOM   175 C CA . HIS B 2 107 ? 27.996  -19.685 -4.660  1.00 9.22  ? 107 HIS P CA 1 
ATOM   176 C CA . ALA B 2 108 ? 28.591  -23.318 -3.651  1.00 6.50  ? 108 ALA P CA 1 
ATOM   177 C CA . TYR B 2 109 ? 25.624  -24.388 -5.778  1.00 5.74  ? 109 TYR P CA 1 
ATOM   178 C CA . ALA B 2 110 ? 26.931  -22.453 -8.815  1.00 10.75 ? 110 ALA P CA 1 
ATOM   179 C CA . ILE B 2 111 ? 30.200  -24.401 -8.452  1.00 9.91  ? 111 ILE P CA 1 
ATOM   180 C CA . GLU B 2 112 ? 28.213  -27.645 -8.382  1.00 10.54 ? 112 GLU P CA 1 
ATOM   181 C CA . LEU B 2 113 ? 26.521  -26.582 -11.620 1.00 9.50  ? 113 LEU P CA 1 
ATOM   182 C CA . ILE B 2 114 ? 29.943  -25.779 -13.178 1.00 8.54  ? 114 ILE P CA 1 
ATOM   183 C CA . ASN B 2 115 ? 31.299  -29.181 -12.087 1.00 11.60 ? 115 ASN P CA 1 
ATOM   184 C CA . LYS B 2 116 ? 28.438  -30.906 -13.857 1.00 7.94  ? 116 LYS P CA 1 
ATOM   185 C CA . GLY B 2 117 ? 29.005  -28.788 -16.993 1.00 8.57  ? 117 GLY P CA 1 
ATOM   186 C CA . LEU B 2 118 ? 25.591  -27.101 -16.598 1.00 5.07  ? 118 LEU P CA 1 
ATOM   187 C CA . ALA B 2 119 ? 26.984  -23.588 -16.228 1.00 6.01  ? 119 ALA P CA 1 
ATOM   188 C CA . TYR B 2 120 ? 29.852  -21.576 -17.808 1.00 7.14  ? 120 TYR P CA 1 
ATOM   189 C CA . VAL B 2 121 ? 31.263  -18.052 -17.744 1.00 8.63  ? 121 VAL P CA 1 
ATOM   190 C CA . ASP B 2 122 ? 30.330  -16.204 -20.825 1.00 11.82 ? 122 ASP P CA 1 
ATOM   191 C CA . GLU B 2 123 ? 32.018  -13.060 -22.064 1.00 13.40 ? 123 GLU P CA 1 
ATOM   192 C CA . LEU B 2 124 ? 29.466  -11.873 -24.581 1.00 12.86 ? 124 LEU P CA 1 
ATOM   193 C CA . THR B 2 125 ? 28.890  -8.174  -23.773 1.00 13.54 ? 125 THR P CA 1 
ATOM   194 C CA . PRO B 2 126 ? 25.517  -6.930  -22.348 1.00 14.35 ? 126 PRO P CA 1 
ATOM   195 C CA . GLU B 2 127 ? 24.380  -5.955  -25.837 1.00 18.18 ? 127 GLU P CA 1 
ATOM   196 C CA . GLN B 2 128 ? 25.642  -9.168  -27.419 1.00 16.77 ? 128 GLN P CA 1 
ATOM   197 C CA . ILE B 2 129 ? 23.766  -11.520 -25.028 1.00 13.93 ? 129 ILE P CA 1 
ATOM   198 C CA . ARG B 2 130 ? 20.508  -9.861  -26.244 1.00 21.83 ? 130 ARG P CA 1 
ATOM   199 C CA . GLU B 2 131 ? 21.672  -10.175 -29.887 1.00 22.36 ? 131 GLU P CA 1 
ATOM   200 C CA . TYR B 2 132 ? 22.286  -13.896 -29.346 1.00 15.67 ? 132 TYR P CA 1 
ATOM   201 C CA . ARG B 2 133 ? 19.066  -14.587 -27.416 1.00 15.15 ? 133 ARG P CA 1 
ATOM   202 C CA . GLY B 2 134 ? 16.807  -14.896 -30.455 1.00 18.51 ? 134 GLY P CA 1 
ATOM   203 C CA . THR B 2 135 ? 13.350  -13.323 -30.274 1.00 19.73 ? 135 THR P CA 1 
ATOM   204 C CA . LEU B 2 136 ? 9.832   -14.544 -29.420 1.00 22.80 ? 136 LEU P CA 1 
ATOM   205 C CA . THR B 2 137 ? 9.672   -16.156 -32.933 1.00 25.74 ? 137 THR P CA 1 
ATOM   206 C CA . GLN B 2 138 ? 13.339  -16.845 -33.756 1.00 29.10 ? 138 GLN P CA 1 
ATOM   207 C CA . PRO B 2 139 ? 15.462  -19.285 -31.688 1.00 20.74 ? 139 PRO P CA 1 
ATOM   208 C CA . GLY B 2 140 ? 18.703  -18.082 -30.146 1.00 14.42 ? 140 GLY P CA 1 
ATOM   209 C CA . LYS B 2 141 ? 22.205  -19.165 -30.812 1.00 11.14 ? 141 LYS P CA 1 
ATOM   210 C CA . ASN B 2 142 ? 25.038  -20.501 -28.691 1.00 11.72 ? 142 ASN P CA 1 
ATOM   211 C CA . SER B 2 143 ? 27.649  -18.299 -27.253 1.00 11.04 ? 143 SER P CA 1 
ATOM   212 C CA . PRO B 2 144 ? 31.161  -18.874 -28.654 1.00 8.48  ? 144 PRO P CA 1 
ATOM   213 C CA . TYR B 2 145 ? 32.330  -19.316 -25.038 1.00 10.62 ? 145 TYR P CA 1 
ATOM   214 C CA . ARG B 2 146 ? 29.673  -21.947 -24.245 1.00 12.17 ? 146 ARG P CA 1 
ATOM   215 C CA . ASP B 2 147 ? 31.873  -25.056 -24.347 1.00 16.28 ? 147 ASP P CA 1 
ATOM   216 C CA . ARG B 2 148 ? 34.693  -23.964 -22.058 1.00 16.73 ? 148 ARG P CA 1 
ATOM   217 C CA . SER B 2 149 ? 36.020  -26.840 -19.915 1.00 19.12 ? 149 SER P CA 1 
ATOM   218 C CA . VAL B 2 150 ? 34.958  -27.224 -16.246 1.00 18.42 ? 150 VAL P CA 1 
ATOM   219 C CA . GLU B 2 151 ? 38.471  -26.291 -15.325 1.00 21.96 ? 151 GLU P CA 1 
ATOM   220 C CA . GLU B 2 152 ? 38.387  -22.991 -17.295 1.00 20.68 ? 152 GLU P CA 1 
ATOM   221 C CA . ASN B 2 153 ? 34.977  -22.129 -15.948 1.00 15.42 ? 153 ASN P CA 1 
ATOM   222 C CA . LEU B 2 154 ? 36.112  -22.653 -12.359 1.00 11.20 ? 154 LEU P CA 1 
ATOM   223 C CA . ALA B 2 155 ? 39.149  -20.404 -12.827 1.00 12.50 ? 155 ALA P CA 1 
ATOM   224 C CA . LEU B 2 156 ? 37.130  -17.698 -14.657 1.00 13.47 ? 156 LEU P CA 1 
ATOM   225 C CA . PHE B 2 157 ? 34.324  -17.906 -12.034 1.00 12.70 ? 157 PHE P CA 1 
ATOM   226 C CA . GLU B 2 158 ? 36.863  -17.476 -9.187  1.00 19.36 ? 158 GLU P CA 1 
ATOM   227 C CA . LYS B 2 159 ? 38.351  -14.535 -11.134 1.00 20.27 ? 159 LYS P CA 1 
ATOM   228 C CA . MET B 2 160 ? 34.820  -13.105 -11.249 1.00 18.19 ? 160 MET P CA 1 
ATOM   229 C CA . ARG B 2 161 ? 34.464  -13.619 -7.525  1.00 19.88 ? 161 ARG P CA 1 
ATOM   230 C CA . ALA B 2 162 ? 37.866  -11.958 -6.849  1.00 17.53 ? 162 ALA P CA 1 
ATOM   231 C CA . GLY B 2 163 ? 37.147  -8.818  -8.916  1.00 17.16 ? 163 GLY P CA 1 
ATOM   232 C CA . GLY B 2 164 ? 39.490  -9.469  -11.850 1.00 17.44 ? 164 GLY P CA 1 
ATOM   233 C CA . PHE B 2 165 ? 36.730  -8.626  -14.408 1.00 17.42 ? 165 PHE P CA 1 
ATOM   234 C CA . GLU B 2 166 ? 34.977  -5.306  -14.881 1.00 22.97 ? 166 GLU P CA 1 
ATOM   235 C CA . GLU B 2 167 ? 31.194  -5.042  -14.681 1.00 19.22 ? 167 GLU P CA 1 
ATOM   236 C CA . GLY B 2 168 ? 29.591  -6.326  -17.819 1.00 18.39 ? 168 GLY P CA 1 
ATOM   237 C CA . LYS B 2 169 ? 32.722  -8.141  -18.967 1.00 13.53 ? 169 LYS P CA 1 
ATOM   238 C CA . ALA B 2 170 ? 31.595  -11.626 -17.863 1.00 10.44 ? 170 ALA P CA 1 
ATOM   239 C CA . CYS B 2 171 ? 28.710  -13.430 -16.193 1.00 9.67  ? 171 CYS P CA 1 
ATOM   240 C CA . LEU B 2 172 ? 27.834  -17.006 -15.239 1.00 6.15  ? 172 LEU P CA 1 
ATOM   241 C CA . ARG B 2 173 ? 25.090  -18.647 -17.278 1.00 9.28  ? 173 ARG P CA 1 
ATOM   242 C CA . ALA B 2 174 ? 23.242  -21.924 -17.086 1.00 9.76  ? 174 ALA P CA 1 
ATOM   243 C CA . LYS B 2 175 ? 23.801  -24.217 -20.069 1.00 11.55 ? 175 LYS P CA 1 
ATOM   244 C CA . ILE B 2 176 ? 20.219  -25.082 -20.951 1.00 10.55 ? 176 ILE P CA 1 
ATOM   245 C CA . ASP B 2 177 ? 18.760  -24.696 -24.433 1.00 12.69 ? 177 ASP P CA 1 
ATOM   246 C CA . MET B 2 178 ? 19.288  -21.765 -26.658 1.00 12.88 ? 178 MET P CA 1 
ATOM   247 C CA . ALA B 2 179 ? 16.297  -22.744 -28.862 1.00 11.04 ? 179 ALA P CA 1 
ATOM   248 C CA . SER B 2 180 ? 13.806  -23.221 -26.041 1.00 13.02 ? 180 SER P CA 1 
ATOM   249 C CA . PRO B 2 181 ? 10.377  -21.799 -26.701 1.00 12.66 ? 181 PRO P CA 1 
ATOM   250 C CA . PHE B 2 182 ? 10.750  -20.471 -23.116 1.00 9.87  ? 182 PHE P CA 1 
ATOM   251 C CA . ILE B 2 183 ? 13.021  -17.421 -23.424 1.00 12.78 ? 183 ILE P CA 1 
ATOM   252 C CA . VAL B 2 184 ? 14.017  -17.711 -19.684 1.00 9.60  ? 184 VAL P CA 1 
ATOM   253 C CA . MET B 2 185 ? 15.591  -21.139 -20.419 1.00 8.90  ? 185 MET P CA 1 
ATOM   254 C CA . ARG B 2 186 ? 17.858  -19.671 -23.153 1.00 8.15  ? 186 ARG P CA 1 
ATOM   255 C CA . ASP B 2 187 ? 20.904  -19.887 -20.959 1.00 7.63  ? 187 ASP P CA 1 
ATOM   256 C CA . PRO B 2 188 ? 19.780  -17.594 -18.112 1.00 8.09  ? 188 PRO P CA 1 
ATOM   257 C CA . VAL B 2 189 ? 22.495  -15.784 -16.186 1.00 9.80  ? 189 VAL P CA 1 
ATOM   258 C CA . LEU B 2 190 ? 22.958  -17.023 -12.676 1.00 5.85  ? 190 LEU P CA 1 
ATOM   259 C CA . TYR B 2 191 ? 25.595  -14.420 -11.619 1.00 6.24  ? 191 TYR P CA 1 
ATOM   260 C CA . ARG B 2 192 ? 26.625  -10.908 -12.581 1.00 9.34  ? 192 ARG P CA 1 
ATOM   261 C CA . ILE B 2 193 ? 29.278  -8.492  -11.376 1.00 11.43 ? 193 ILE P CA 1 
ATOM   262 C CA . LYS B 2 194 ? 28.376  -5.384  -9.436  1.00 10.82 ? 194 LYS P CA 1 
ATOM   263 C CA . PHE B 2 195 ? 31.067  -3.483  -7.505  1.00 13.93 ? 195 PHE P CA 1 
ATOM   264 C CA . ALA B 2 196 ? 28.497  -1.982  -5.164  1.00 15.92 ? 196 ALA P CA 1 
ATOM   265 C CA . GLU B 2 197 ? 28.058  -2.089  -1.427  1.00 21.69 ? 197 GLU P CA 1 
ATOM   266 C CA . HIS B 2 198 ? 25.264  -4.272  -0.175  1.00 16.94 ? 198 HIS P CA 1 
ATOM   267 C CA . HIS B 2 199 ? 23.203  -3.120  2.831   1.00 14.53 ? 199 HIS P CA 1 
ATOM   268 C CA . GLN B 2 200 ? 23.813  -6.444  4.655   1.00 16.06 ? 200 GLN P CA 1 
ATOM   269 C CA . THR B 2 201 ? 27.056  -7.937  3.415   1.00 18.72 ? 201 THR P CA 1 
ATOM   270 C CA . GLY B 2 202 ? 28.865  -4.633  2.847   1.00 21.88 ? 202 GLY P CA 1 
ATOM   271 C CA . ASN B 2 203 ? 31.682  -5.121  0.414   1.00 22.08 ? 203 ASN P CA 1 
ATOM   272 C CA . LYS B 2 204 ? 32.247  -8.861  0.856   1.00 18.94 ? 204 LYS P CA 1 
ATOM   273 C CA . TRP B 2 205 ? 30.806  -9.636  -2.599  1.00 13.50 ? 205 TRP P CA 1 
ATOM   274 C CA . CYS B 2 206 ? 31.207  -8.207  -6.072  1.00 14.52 ? 206 CYS P CA 1 
ATOM   275 C CA . ILE B 2 207 ? 29.279  -11.001 -7.767  1.00 8.50  ? 207 ILE P CA 1 
ATOM   276 C CA . TYR B 2 208 ? 25.573  -11.173 -6.993  1.00 8.28  ? 208 TYR P CA 1 
ATOM   277 C CA . PRO B 2 209 ? 23.073  -13.944 -7.781  1.00 9.81  ? 209 PRO P CA 1 
ATOM   278 C CA . MET B 2 210 ? 20.081  -13.419 -10.025 1.00 10.33 ? 210 MET P CA 1 
ATOM   279 C CA . TYR B 2 211 ? 16.535  -13.871 -8.869  1.00 10.36 ? 211 TYR P CA 1 
ATOM   280 C CA . ASP B 2 212 ? 15.787  -17.197 -10.624 1.00 7.99  ? 212 ASP P CA 1 
ATOM   281 C CA . PHE B 2 213 ? 18.827  -18.860 -9.200  1.00 5.50  ? 213 PHE P CA 1 
ATOM   282 C CA . THR B 2 214 ? 18.320  -17.337 -5.710  1.00 2.91  ? 214 THR P CA 1 
ATOM   283 C CA . HIS B 2 215 ? 14.621  -17.852 -5.273  1.00 4.18  ? 215 HIS P CA 1 
ATOM   284 C CA . CYS B 2 216 ? 14.147  -21.563 -5.707  1.00 5.73  ? 216 CYS P CA 1 
ATOM   285 C CA . ILE B 2 217 ? 17.190  -22.448 -3.629  1.00 9.24  ? 217 ILE P CA 1 
ATOM   286 C CA . SER B 2 218 ? 16.225  -20.090 -0.728  1.00 8.65  ? 218 SER P CA 1 
ATOM   287 C CA . ASP B 2 219 ? 12.735  -21.754 -0.772  1.00 8.07  ? 219 ASP P CA 1 
ATOM   288 C CA . ALA B 2 220 ? 14.227  -25.243 -0.754  1.00 8.07  ? 220 ALA P CA 1 
ATOM   289 C CA . LEU B 2 221 ? 16.676  -24.394 2.059   1.00 6.93  ? 221 LEU P CA 1 
ATOM   290 C CA . GLU B 2 222 ? 13.887  -22.890 4.138   1.00 8.49  ? 222 GLU P CA 1 
ATOM   291 C CA . GLY B 2 223 ? 11.629  -25.882 3.532   1.00 7.50  ? 223 GLY P CA 1 
ATOM   292 C CA . ILE B 2 224 ? 8.950   -23.718 1.804   1.00 5.98  ? 224 ILE P CA 1 
ATOM   293 C CA . THR B 2 225 ? 6.210   -26.158 0.830   1.00 9.77  ? 225 THR P CA 1 
ATOM   294 C CA . HIS B 2 226 ? 4.300   -24.001 -1.644  1.00 10.83 ? 226 HIS P CA 1 
ATOM   295 C CA . SER B 2 227 ? 5.850   -20.808 -3.213  1.00 9.73  ? 227 SER P CA 1 
ATOM   296 C CA . LEU B 2 228 ? 3.082   -18.386 -4.076  1.00 8.01  ? 228 LEU P CA 1 
ATOM   297 C CA . CYS B 2 229 ? 3.888   -15.689 -6.500  1.00 13.27 ? 229 CYS P CA 1 
ATOM   298 C CA . THR B 2 230 ? 2.182   -13.628 -9.134  1.00 10.44 ? 230 THR P CA 1 
ATOM   299 C CA . LEU B 2 231 ? 1.273   -14.646 -12.706 1.00 9.27  ? 231 LEU P CA 1 
ATOM   300 C CA . GLU B 2 232 ? 4.221   -13.211 -14.637 1.00 9.48  ? 232 GLU P CA 1 
ATOM   301 C CA . PHE B 2 233 ? 6.409   -15.854 -12.979 1.00 7.22  ? 233 PHE P CA 1 
ATOM   302 C CA . GLN B 2 234 ? 4.646   -18.750 -14.746 1.00 9.53  ? 234 GLN P CA 1 
ATOM   303 C CA . ASP B 2 235 ? 7.390   -19.097 -17.412 1.00 10.60 ? 235 ASP P CA 1 
ATOM   304 C CA . ASN B 2 236 ? 10.041  -18.656 -14.740 1.00 8.46  ? 236 ASN P CA 1 
ATOM   305 C CA . ARG B 2 237 ? 8.687   -21.735 -12.969 1.00 8.19  ? 237 ARG P CA 1 
ATOM   306 C CA . ARG B 2 238 ? 10.464  -23.871 -15.565 1.00 10.43 ? 238 ARG P CA 1 
ATOM   307 C CA . LEU B 2 239 ? 13.862  -22.461 -14.533 1.00 9.57  ? 239 LEU P CA 1 
ATOM   308 C CA . TYR B 2 240 ? 12.917  -22.749 -10.832 1.00 8.23  ? 240 TYR P CA 1 
ATOM   309 C CA . ASP B 2 241 ? 12.341  -26.466 -11.359 1.00 8.30  ? 241 ASP P CA 1 
ATOM   310 C CA . TRP B 2 242 ? 15.406  -26.928 -13.567 1.00 8.38  ? 242 TRP P CA 1 
ATOM   311 C CA . VAL B 2 243 ? 17.754  -25.398 -10.915 1.00 6.34  ? 243 VAL P CA 1 
ATOM   312 C CA . LEU B 2 244 ? 16.324  -27.619 -8.225  1.00 8.78  ? 244 LEU P CA 1 
ATOM   313 C CA . ASP B 2 245 ? 16.443  -30.752 -10.416 1.00 9.24  ? 245 ASP P CA 1 
ATOM   314 C CA . ASN B 2 246 ? 20.168  -30.300 -11.024 1.00 7.33  ? 246 ASN P CA 1 
ATOM   315 C CA . ILE B 2 247 ? 21.723  -29.521 -7.670  1.00 6.87  ? 247 ILE P CA 1 
ATOM   316 C CA . THR B 2 248 ? 22.056  -31.708 -4.575  1.00 7.31  ? 248 THR P CA 1 
ATOM   317 C CA . ILE B 2 249 ? 19.087  -30.360 -2.596  1.00 5.87  ? 249 ILE P CA 1 
ATOM   318 C CA . PRO B 2 250 ? 16.753  -32.676 -0.613  1.00 5.04  ? 250 PRO P CA 1 
ATOM   319 C CA . VAL B 2 251 ? 13.382  -30.967 -1.277  1.00 5.42  ? 251 VAL P CA 1 
ATOM   320 C CA . HIS B 2 252 ? 11.566  -29.415 -4.225  1.00 10.02 ? 252 HIS P CA 1 
ATOM   321 C CA . PRO B 2 253 ? 9.017   -26.683 -3.189  1.00 8.26  ? 253 PRO P CA 1 
ATOM   322 C CA . ARG B 2 254 ? 6.272   -26.111 -5.821  1.00 10.32 ? 254 ARG P CA 1 
ATOM   323 C CA . GLN B 2 255 ? 5.286   -22.683 -7.210  1.00 4.94  ? 255 GLN P CA 1 
ATOM   324 C CA . TYR B 2 256 ? 1.689   -21.540 -7.739  1.00 5.27  ? 256 TYR P CA 1 
ATOM   325 C CA . GLU B 2 257 ? 0.843   -18.237 -9.319  1.00 7.96  ? 257 GLU P CA 1 
ATOM   326 C CA . PHE B 2 258 ? -2.141  -15.931 -8.731  1.00 7.78  ? 258 PHE P CA 1 
ATOM   327 C CA . SER B 2 259 ? -3.115  -12.606 -10.343 1.00 9.41  ? 259 SER P CA 1 
ATOM   328 C CA . ARG B 2 260 ? -1.969  -9.234  -9.099  1.00 15.02 ? 260 ARG P CA 1 
ATOM   329 C CA . LEU B 2 261 ? -4.275  -6.679  -7.612  1.00 12.15 ? 261 LEU P CA 1 
ATOM   330 C CA . ASN B 2 262 ? -4.650  -3.627  -9.822  1.00 10.86 ? 262 ASN P CA 1 
ATOM   331 C CA . LEU B 2 263 ? -6.672  -0.807  -8.263  1.00 10.98 ? 263 LEU P CA 1 
ATOM   332 C CA . GLU B 2 264 ? -8.588  1.792   -10.145 1.00 15.84 ? 264 GLU P CA 1 
ATOM   333 C CA . TYR B 2 265 ? -7.199  5.363   -10.187 1.00 13.46 ? 265 TYR P CA 1 
ATOM   334 C CA . THR B 2 266 ? -3.786  4.454   -8.890  1.00 16.66 ? 266 THR P CA 1 
ATOM   335 C CA . VAL B 2 267 ? -0.392  3.061   -9.896  1.00 17.17 ? 267 VAL P CA 1 
ATOM   336 C CA . MET B 2 268 ? 1.069   0.034   -8.037  1.00 21.32 ? 268 MET P CA 1 
ATOM   337 C CA . SER B 2 269 ? 4.404   0.087   -9.802  1.00 23.83 ? 269 SER P CA 1 
ATOM   338 C CA . LYS B 2 270 ? 7.261   0.849   -7.409  1.00 27.33 ? 270 LYS P CA 1 
ATOM   339 C CA . ARG B 2 271 ? 9.096   2.587   -10.270 1.00 26.90 ? 271 ARG P CA 1 
ATOM   340 C CA . LYS B 2 272 ? 6.160   4.949   -10.748 1.00 21.49 ? 272 LYS P CA 1 
ATOM   341 C CA . LEU B 2 273 ? 5.473   5.365   -7.007  1.00 15.88 ? 273 LEU P CA 1 
ATOM   342 C CA . ASN B 2 274 ? 9.157   6.181   -6.620  1.00 17.31 ? 274 ASN P CA 1 
ATOM   343 C CA . LEU B 2 275 ? 8.920   8.858   -9.360  1.00 17.38 ? 275 LEU P CA 1 
ATOM   344 C CA . LEU B 2 276 ? 6.008   10.427  -7.486  1.00 15.27 ? 276 LEU P CA 1 
ATOM   345 C CA . VAL B 2 277 ? 8.084   10.770  -4.299  1.00 17.49 ? 277 VAL P CA 1 
ATOM   346 C CA . THR B 2 278 ? 11.424  11.601  -6.016  1.00 18.62 ? 278 THR P CA 1 
ATOM   347 C CA . ASP B 2 279 ? 9.898   14.370  -8.101  1.00 18.78 ? 279 ASP P CA 1 
ATOM   348 C CA . LYS B 2 280 ? 8.177   15.756  -4.986  1.00 18.72 ? 280 LYS P CA 1 
ATOM   349 C CA . HIS B 2 281 ? 4.644   15.413  -6.392  1.00 17.81 ? 281 HIS P CA 1 
ATOM   350 C CA . VAL B 2 282 ? 3.574   13.750  -3.154  1.00 15.29 ? 282 VAL P CA 1 
ATOM   351 C CA . GLU B 2 283 ? 4.895   14.309  0.402   1.00 19.59 ? 283 GLU P CA 1 
ATOM   352 C CA . GLY B 2 284 ? 6.711   10.987  0.618   1.00 17.33 ? 284 GLY P CA 1 
ATOM   353 C CA . TRP B 2 285 ? 5.909   7.249   0.439   1.00 13.59 ? 285 TRP P CA 1 
ATOM   354 C CA . ASP B 2 286 ? 3.463   7.627   3.322   1.00 15.92 ? 286 ASP P CA 1 
ATOM   355 C CA . ASP B 2 287 ? 1.490   10.504  1.792   1.00 13.56 ? 287 ASP P CA 1 
ATOM   356 C CA . PRO B 2 288 ? -2.246  9.885   2.488   1.00 11.09 ? 288 PRO P CA 1 
ATOM   357 C CA . ARG B 2 289 ? -2.885  9.739   -1.304  1.00 10.96 ? 289 ARG P CA 1 
ATOM   358 C CA . MET B 2 290 ? -0.389  6.941   -1.891  1.00 9.11  ? 290 MET P CA 1 
ATOM   359 C CA . PRO B 2 291 ? -1.506  3.265   -2.233  1.00 6.19  ? 291 PRO P CA 1 
ATOM   360 C CA . THR B 2 292 ? 1.275   2.210   0.170   1.00 7.98  ? 292 THR P CA 1 
ATOM   361 C CA . ILE B 2 293 ? 0.333   0.507   3.456   1.00 11.14 ? 293 ILE P CA 1 
ATOM   362 C CA . SER B 2 294 ? 1.887   3.452   5.383   1.00 14.43 ? 294 SER P CA 1 
ATOM   363 C CA . GLY B 2 295 ? -0.034  6.024   3.297   1.00 13.40 ? 295 GLY P CA 1 
ATOM   364 C CA . LEU B 2 296 ? -3.251  4.060   3.846   1.00 13.17 ? 296 LEU P CA 1 
ATOM   365 C CA . ARG B 2 297 ? -2.445  3.987   7.601   1.00 16.59 ? 297 ARG P CA 1 
ATOM   366 C CA . ARG B 2 298 ? -1.768  7.777   7.770   1.00 14.32 ? 298 ARG P CA 1 
ATOM   367 C CA . ARG B 2 299 ? -4.967  8.383   5.740   1.00 12.58 ? 299 ARG P CA 1 
ATOM   368 C CA . GLY B 2 300 ? -6.820  6.516   8.508   1.00 11.13 ? 300 GLY P CA 1 
ATOM   369 C CA . TYR B 2 301 ? -7.326  2.999   7.128   1.00 9.25  ? 301 TYR P CA 1 
ATOM   370 C CA . THR B 2 302 ? -7.225  0.310   9.783   1.00 9.90  ? 302 THR P CA 1 
ATOM   371 C CA . ALA B 2 303 ? -5.278  -3.005  9.312   1.00 10.13 ? 303 ALA P CA 1 
ATOM   372 C CA . ALA B 2 304 ? -8.638  -4.703  9.849   1.00 11.79 ? 304 ALA P CA 1 
ATOM   373 C CA . SER B 2 305 ? -10.237 -2.981  6.874   1.00 14.46 ? 305 SER P CA 1 
ATOM   374 C CA . ILE B 2 306 ? -7.274  -3.985  4.669   1.00 13.15 ? 306 ILE P CA 1 
ATOM   375 C CA . ARG B 2 307 ? -7.479  -7.662  5.748   1.00 11.93 ? 307 ARG P CA 1 
ATOM   376 C CA . GLU B 2 308 ? -11.198 -7.587  4.969   1.00 13.06 ? 308 GLU P CA 1 
ATOM   377 C CA . PHE B 2 309 ? -10.468 -6.030  1.580   1.00 12.72 ? 309 PHE P CA 1 
ATOM   378 C CA . CYS B 2 310 ? -8.031  -8.929  0.923   1.00 16.77 ? 310 CYS P CA 1 
ATOM   379 C CA . LYS B 2 311 ? -10.711 -11.516 1.912   1.00 20.50 ? 311 LYS P CA 1 
ATOM   380 C CA . ARG B 2 312 ? -13.288 -9.843  -0.336  1.00 16.02 ? 312 ARG P CA 1 
ATOM   381 C CA . ILE B 2 313 ? -11.344 -9.593  -3.558  1.00 12.36 ? 313 ILE P CA 1 
ATOM   382 C CA . GLY B 2 314 ? -10.449 -13.298 -3.639  1.00 10.84 ? 314 GLY P CA 1 
ATOM   383 C CA . VAL B 2 315 ? -7.384  -15.105 -5.064  1.00 10.32 ? 315 VAL P CA 1 
ATOM   384 C CA . THR B 2 316 ? -7.615  -16.361 -8.664  1.00 9.88  ? 316 THR P CA 1 
ATOM   385 C CA . LYS B 2 317 ? -5.805  -16.354 -12.001 1.00 14.10 ? 317 LYS P CA 1 
ATOM   386 C CA . GLN B 2 318 ? -8.096  -13.771 -13.633 1.00 16.22 ? 318 GLN P CA 1 
ATOM   387 C CA . ASP B 2 319 ? -6.542  -10.382 -14.444 1.00 16.10 ? 319 ASP P CA 1 
ATOM   388 C CA . ASN B 2 320 ? -8.640  -7.842  -12.534 1.00 14.04 ? 320 ASN P CA 1 
ATOM   389 C CA . THR B 2 321 ? -8.956  -4.215  -11.575 1.00 12.96 ? 321 THR P CA 1 
ATOM   390 C CA . ILE B 2 322 ? -10.803 -3.440  -8.440  1.00 14.30 ? 322 ILE P CA 1 
ATOM   391 C CA . GLU B 2 323 ? -12.843 -0.309  -8.123  1.00 16.64 ? 323 GLU P CA 1 
ATOM   392 C CA . MET B 2 324 ? -12.001 2.078   -5.278  1.00 18.68 ? 324 MET P CA 1 
ATOM   393 C CA . ALA B 2 325 ? -15.591 1.641   -4.060  1.00 16.73 ? 325 ALA P CA 1 
ATOM   394 C CA . SER B 2 326 ? -14.596 -1.867  -2.819  1.00 16.41 ? 326 SER P CA 1 
ATOM   395 C CA . LEU B 2 327 ? -11.815 -0.390  -0.686  1.00 12.85 ? 327 LEU P CA 1 
ATOM   396 C CA . GLU B 2 328 ? -13.893 2.519   0.671   1.00 16.07 ? 328 GLU P CA 1 
ATOM   397 C CA . SER B 2 329 ? -16.696 0.118   1.597   1.00 17.46 ? 329 SER P CA 1 
ATOM   398 C CA . CYS B 2 330 ? -14.184 -1.784  3.745   1.00 16.01 ? 330 CYS P CA 1 
ATOM   399 C CA . ILE B 2 331 ? -13.112 1.201   5.838   1.00 13.81 ? 331 ILE P CA 1 
ATOM   400 C CA . ARG B 2 332 ? -16.591 2.819   6.048   1.00 19.03 ? 332 ARG P CA 1 
ATOM   401 C CA . GLU B 2 333 ? -18.006 -0.402  7.457   1.00 24.23 ? 333 GLU P CA 1 
ATOM   402 C CA . ASP B 2 334 ? -15.286 -0.747  10.107  1.00 23.30 ? 334 ASP P CA 1 
ATOM   403 C CA . LEU B 2 335 ? -15.240 2.925   11.156  1.00 23.93 ? 335 LEU P CA 1 
ATOM   404 C CA . ASN B 2 336 ? -19.055 3.291   11.090  1.00 27.31 ? 336 ASN P CA 1 
ATOM   405 C CA . GLU B 2 337 ? -19.108 0.609   13.686  1.00 31.18 ? 337 GLU P CA 1 
ATOM   406 C CA . ASN B 2 338 ? -16.360 1.909   15.868  1.00 30.09 ? 338 ASN P CA 1 
ATOM   407 C CA . ALA B 2 339 ? -15.563 5.554   15.420  1.00 25.16 ? 339 ALA P CA 1 
ATOM   408 C CA . PRO B 2 340 ? -16.808 7.997   18.026  1.00 21.74 ? 340 PRO P CA 1 
ATOM   409 C CA . ARG B 2 341 ? -18.856 10.791  16.465  1.00 20.89 ? 341 ARG P CA 1 
ATOM   410 C CA . ALA B 2 342 ? -18.038 14.483  16.765  1.00 17.66 ? 342 ALA P CA 1 
ATOM   411 C CA . MET B 2 343 ? -18.822 17.755  15.023  1.00 17.67 ? 343 MET P CA 1 
ATOM   412 C CA . ALA B 2 344 ? -16.742 20.069  12.869  1.00 18.24 ? 344 ALA P CA 1 
ATOM   413 C CA . VAL B 2 345 ? -17.532 22.567  10.100  1.00 17.17 ? 345 VAL P CA 1 
ATOM   414 C CA . ILE B 2 346 ? -15.159 22.526  7.100   1.00 20.18 ? 346 ILE P CA 1 
ATOM   415 C CA . ASP B 2 347 ? -16.401 25.652  5.286   1.00 29.28 ? 347 ASP P CA 1 
ATOM   416 C CA . PRO B 2 348 ? -17.931 27.921  7.928   1.00 28.64 ? 348 PRO P CA 1 
ATOM   417 C CA . VAL B 2 349 ? -20.257 30.919  7.887   1.00 27.54 ? 349 VAL P CA 1 
ATOM   418 C CA . LYS B 2 350 ? -21.516 32.608  11.076  1.00 26.54 ? 350 LYS P CA 1 
ATOM   419 C CA . LEU B 2 351 ? -25.074 32.094  12.277  1.00 26.67 ? 351 LEU P CA 1 
ATOM   420 C CA . VAL B 2 352 ? -26.170 34.327  15.169  1.00 29.75 ? 352 VAL P CA 1 
ATOM   421 C CA . ILE B 2 353 ? -29.375 33.598  17.016  1.00 33.41 ? 353 ILE P CA 1 
ATOM   422 C CA . GLU B 2 354 ? -31.056 37.026  17.731  1.00 37.45 ? 354 GLU P CA 1 
ATOM   423 C CA . ASN B 2 355 ? -33.362 35.257  20.150  1.00 36.59 ? 355 ASN P CA 1 
ATOM   424 C CA . TYR B 2 356 ? -30.419 34.085  22.336  1.00 35.75 ? 356 TYR P CA 1 
ATOM   425 C CA . GLN B 2 357 ? -27.588 36.527  21.672  1.00 45.49 ? 357 GLN P CA 1 
ATOM   426 C CA . GLY B 2 358 ? -24.039 35.776  22.701  1.00 48.52 ? 358 GLY P CA 1 
ATOM   427 C CA . GLU B 2 359 ? -21.036 33.804  21.474  1.00 50.36 ? 359 GLU P CA 1 
ATOM   428 C CA . GLY B 2 360 ? -19.505 33.091  24.811  1.00 51.55 ? 360 GLY P CA 1 
ATOM   429 C CA . GLU B 2 361 ? -20.725 35.632  27.431  1.00 48.58 ? 361 GLU P CA 1 
ATOM   430 C CA . MET B 2 362 ? -23.733 33.465  28.142  1.00 40.90 ? 362 MET P CA 1 
ATOM   431 C CA . VAL B 2 363 ? -23.959 29.889  26.694  1.00 35.86 ? 363 VAL P CA 1 
ATOM   432 C CA . THR B 2 364 ? -25.375 26.486  27.600  1.00 30.98 ? 364 THR P CA 1 
ATOM   433 C CA . MET B 2 365 ? -24.345 22.807  27.298  1.00 28.44 ? 365 MET P CA 1 
ATOM   434 C CA . PRO B 2 366 ? -26.090 19.910  25.291  1.00 28.69 ? 366 PRO P CA 1 
ATOM   435 C CA . ASN B 2 367 ? -25.478 16.175  25.558  1.00 30.00 ? 367 ASN P CA 1 
ATOM   436 C CA . HIS B 2 368 ? -24.299 14.628  22.339  1.00 27.99 ? 368 HIS P CA 1 
ATOM   437 C CA . PRO B 2 369 ? -24.147 10.804  22.106  1.00 28.33 ? 369 PRO P CA 1 
ATOM   438 C CA . ASN B 2 370 ? -20.755 9.417   21.051  1.00 26.36 ? 370 ASN P CA 1 
ATOM   439 C CA . LYS B 2 371 ? -22.808 6.636   19.362  1.00 27.18 ? 371 LYS P CA 1 
ATOM   440 C CA . PRO B 2 372 ? -20.853 3.695   17.616  1.00 31.74 ? 372 PRO P CA 1 
ATOM   441 C CA . GLU B 2 373 ? -18.023 3.809   20.207  1.00 36.64 ? 373 GLU P CA 1 
ATOM   442 C CA . MET B 2 374 ? -19.958 4.797   23.413  1.00 37.65 ? 374 MET P CA 1 
ATOM   443 C CA . GLY B 2 375 ? -21.036 7.039   26.226  1.00 35.04 ? 375 GLY P CA 1 
ATOM   444 C CA . SER B 2 376 ? -21.910 10.683  25.914  1.00 30.38 ? 376 SER P CA 1 
ATOM   445 C CA . ARG B 2 377 ? -20.196 14.029  25.883  1.00 23.62 ? 377 ARG P CA 1 
ATOM   446 C CA . GLN B 2 378 ? -21.265 17.435  27.037  1.00 25.65 ? 378 GLN P CA 1 
ATOM   447 C CA . VAL B 2 379 ? -20.626 20.063  24.309  1.00 23.57 ? 379 VAL P CA 1 
ATOM   448 C CA . PRO B 2 380 ? -21.291 23.839  24.516  1.00 25.73 ? 380 PRO P CA 1 
ATOM   449 C CA . PHE B 2 381 ? -24.162 25.486  22.684  1.00 24.82 ? 381 PHE P CA 1 
ATOM   450 C CA . SER B 2 382 ? -24.275 29.209  22.133  1.00 25.43 ? 382 SER P CA 1 
ATOM   451 C CA . GLY B 2 383 ? -25.987 31.979  20.170  1.00 25.11 ? 383 GLY P CA 1 
ATOM   452 C CA . GLU B 2 384 ? -23.106 32.700  17.798  1.00 25.86 ? 384 GLU P CA 1 
ATOM   453 C CA . ILE B 2 385 ? -22.689 29.417  15.917  1.00 22.70 ? 385 ILE P CA 1 
ATOM   454 C CA . TRP B 2 386 ? -20.563 28.337  12.993  1.00 21.10 ? 386 TRP P CA 1 
ATOM   455 C CA . ILE B 2 387 ? -22.358 26.550  10.308  1.00 26.73 ? 387 ILE P CA 1 
ATOM   456 C CA . ASP B 2 388 ? -21.665 24.693  7.256   1.00 32.62 ? 388 ASP P CA 1 
ATOM   457 C CA . ARG B 2 389 ? -21.893 27.056  4.289   1.00 34.08 ? 389 ARG P CA 1 
ATOM   458 C CA . ALA B 2 390 ? -23.660 24.462  2.089   1.00 29.66 ? 390 ALA P CA 1 
ATOM   459 C CA . ASP B 2 391 ? -26.474 24.122  4.542   1.00 32.14 ? 391 ASP P CA 1 
ATOM   460 C CA . PHE B 2 392 ? -27.896 27.582  4.086   1.00 36.41 ? 392 PHE P CA 1 
ATOM   461 C CA . ARG B 2 393 ? -29.810 28.311  0.937   1.00 45.27 ? 393 ARG P CA 1 
ATOM   462 C CA . GLU B 2 394 ? -31.699 31.534  0.173   1.00 47.48 ? 394 GLU P CA 1 
ATOM   463 C CA . GLU B 2 395 ? -34.338 29.597  -1.741  1.00 48.67 ? 395 GLU P CA 1 
ATOM   464 C CA . ALA B 2 396 ? -34.470 25.905  -2.682  1.00 46.86 ? 396 ALA P CA 1 
ATOM   465 C CA . ASN B 2 397 ? -36.663 23.016  -3.769  1.00 47.32 ? 397 ASN P CA 1 
ATOM   466 C CA . LYS B 2 398 ? -38.418 20.405  -1.570  1.00 49.54 ? 398 LYS P CA 1 
ATOM   467 C CA . GLN B 2 399 ? -35.280 18.274  -2.122  1.00 48.70 ? 399 GLN P CA 1 
ATOM   468 C CA . TYR B 2 400 ? -33.177 20.537  0.063   1.00 43.65 ? 400 TYR P CA 1 
ATOM   469 C CA . LYS B 2 401 ? -33.821 19.540  3.630   1.00 41.25 ? 401 LYS P CA 1 
ATOM   470 C CA . ARG B 2 402 ? -31.512 22.084  5.281   1.00 36.98 ? 402 ARG P CA 1 
ATOM   471 C CA . LEU B 2 403 ? -31.731 25.824  6.245   1.00 33.61 ? 403 LEU P CA 1 
ATOM   472 C CA . VAL B 2 404 ? -33.672 28.052  3.874   1.00 35.69 ? 404 VAL P CA 1 
ATOM   473 C CA . LEU B 2 405 ? -34.601 31.739  4.370   1.00 36.01 ? 405 LEU P CA 1 
ATOM   474 C CA . GLY B 2 406 ? -37.854 30.895  6.039   1.00 37.70 ? 406 GLY P CA 1 
ATOM   475 C CA . LYS B 2 407 ? -38.521 27.579  7.811   1.00 42.00 ? 407 LYS P CA 1 
ATOM   476 C CA . GLU B 2 408 ? -36.520 25.744  10.365  1.00 42.25 ? 408 GLU P CA 1 
ATOM   477 C CA . VAL B 2 409 ? -33.791 23.101  10.757  1.00 37.34 ? 409 VAL P CA 1 
ATOM   478 C CA . ARG B 2 410 ? -32.671 21.065  13.705  1.00 30.67 ? 410 ARG P CA 1 
ATOM   479 C CA . LEU B 2 411 ? -29.208 21.855  15.001  1.00 25.39 ? 411 LEU P CA 1 
ATOM   480 C CA . ARG B 2 412 ? -27.817 18.351  15.822  1.00 26.84 ? 412 ARG P CA 1 
ATOM   481 C CA . ASN B 2 413 ? -28.831 17.371  19.325  1.00 28.28 ? 413 ASN P CA 1 
ATOM   482 C CA . ALA B 2 414 ? -29.860 20.923  20.034  1.00 28.34 ? 414 ALA P CA 1 
ATOM   483 C CA . TYR B 2 415 ? -32.466 23.542  19.017  1.00 30.98 ? 415 TYR P CA 1 
ATOM   484 C CA . VAL B 2 416 ? -34.672 24.154  16.022  1.00 29.29 ? 416 VAL P CA 1 
ATOM   485 C CA . ILE B 2 417 ? -33.708 27.552  14.701  1.00 29.35 ? 417 ILE P CA 1 
ATOM   486 C CA . LYS B 2 418 ? -35.273 29.574  11.828  1.00 35.28 ? 418 LYS P CA 1 
ATOM   487 C CA . ALA B 2 419 ? -33.603 31.771  9.247   1.00 37.89 ? 419 ALA P CA 1 
ATOM   488 C CA . GLU B 2 420 ? -34.801 35.348  9.312   1.00 38.22 ? 420 GLU P CA 1 
ATOM   489 C CA . ARG B 2 421 ? -32.243 37.649  7.749   1.00 38.27 ? 421 ARG P CA 1 
ATOM   490 C CA . VAL B 2 422 ? -28.900 37.281  5.994   1.00 40.84 ? 422 VAL P CA 1 
ATOM   491 C CA . GLU B 2 423 ? -26.212 39.884  5.688   1.00 44.55 ? 423 GLU P CA 1 
ATOM   492 C CA . LYS B 2 424 ? -24.075 39.893  2.586   1.00 44.86 ? 424 LYS P CA 1 
ATOM   493 C CA . ASP B 2 425 ? -21.003 42.064  2.912   1.00 49.36 ? 425 ASP P CA 1 
ATOM   494 C CA . ALA B 2 426 ? -21.356 43.733  -0.546  1.00 52.55 ? 426 ALA P CA 1 
ATOM   495 C CA . GLU B 2 427 ? -18.588 41.702  -2.361  1.00 53.34 ? 427 GLU P CA 1 
ATOM   496 C CA . GLY B 2 428 ? -21.425 39.300  -3.353  1.00 49.95 ? 428 GLY P CA 1 
ATOM   497 C CA . ASN B 2 429 ? -21.005 36.940  -0.384  1.00 46.30 ? 429 ASN P CA 1 
ATOM   498 C CA . ILE B 2 430 ? -23.039 36.262  2.746   1.00 39.81 ? 430 ILE P CA 1 
ATOM   499 C CA . THR B 2 431 ? -21.048 36.676  5.975   1.00 34.66 ? 431 THR P CA 1 
ATOM   500 C CA . THR B 2 432 ? -23.648 36.052  8.642   1.00 29.13 ? 432 THR P CA 1 
ATOM   501 C CA . ILE B 2 433 ? -27.094 34.568  8.785   1.00 29.15 ? 433 ILE P CA 1 
ATOM   502 C CA . PHE B 2 434 ? -29.522 35.842  11.459  1.00 30.00 ? 434 PHE P CA 1 
ATOM   503 C CA . CYS B 2 435 ? -31.825 33.307  13.045  1.00 30.54 ? 435 CYS P CA 1 
ATOM   504 C CA . THR B 2 436 ? -34.319 32.929  15.823  1.00 31.98 ? 436 THR P CA 1 
ATOM   505 C CA . TYR B 2 437 ? -34.452 29.803  17.997  1.00 31.34 ? 437 TYR P CA 1 
ATOM   506 C CA . ASP B 2 438 ? -37.374 28.105  19.619  1.00 33.25 ? 438 ASP P CA 1 
ATOM   507 C CA . ALA B 2 439 ? -36.356 27.167  23.158  1.00 35.02 ? 439 ALA P CA 1 
ATOM   508 C CA . GLY B 2 454 ? -33.852 18.515  8.552   1.00 31.08 ? 454 GLY P CA 1 
ATOM   509 C CA . VAL B 2 455 ? -30.748 18.406  10.684  1.00 28.09 ? 455 VAL P CA 1 
ATOM   510 C CA . ILE B 2 456 ? -27.593 20.474  10.266  1.00 26.05 ? 456 ILE P CA 1 
ATOM   511 C CA . HIS B 2 457 ? -24.264 20.288  12.208  1.00 20.55 ? 457 HIS P CA 1 
ATOM   512 C CA . TRP B 2 458 ? -22.774 23.234  13.958  1.00 19.50 ? 458 TRP P CA 1 
ATOM   513 C CA . VAL B 2 459 ? -20.022 24.324  16.357  1.00 20.36 ? 459 VAL P CA 1 
ATOM   514 C CA . SER B 2 460 ? -20.417 27.211  18.850  1.00 23.26 ? 460 SER P CA 1 
ATOM   515 C CA . ALA B 2 461 ? -18.245 30.111  17.600  1.00 25.71 ? 461 ALA P CA 1 
ATOM   516 C CA . ALA B 2 462 ? -16.690 30.835  21.033  1.00 28.91 ? 462 ALA P CA 1 
ATOM   517 C CA . HIS B 2 463 ? -15.427 27.392  22.320  1.00 26.77 ? 463 HIS P CA 1 
ATOM   518 C CA . ALA B 2 464 ? -14.624 26.258  18.735  1.00 22.25 ? 464 ALA P CA 1 
ATOM   519 C CA . LEU B 2 465 ? -11.240 24.743  18.102  1.00 17.69 ? 465 LEU P CA 1 
ATOM   520 C CA . PRO B 2 466 ? -9.622  26.030  14.864  1.00 18.22 ? 466 PRO P CA 1 
ATOM   521 C CA . VAL B 2 467 ? -8.635  23.008  12.788  1.00 19.52 ? 467 VAL P CA 1 
ATOM   522 C CA . GLU B 2 468 ? -6.896  22.315  9.423   1.00 20.49 ? 468 GLU P CA 1 
ATOM   523 C CA . ILE B 2 469 ? -8.897  19.766  7.394   1.00 19.10 ? 469 ILE P CA 1 
ATOM   524 C CA . ARG B 2 470 ? -7.228  17.970  4.512   1.00 14.38 ? 470 ARG P CA 1 
ATOM   525 C CA . LEU B 2 471 ? -9.765  16.625  2.122   1.00 12.47 ? 471 LEU P CA 1 
ATOM   526 C CA . TYR B 2 472 ? -8.188  14.021  -0.139  1.00 14.27 ? 472 TYR P CA 1 
ATOM   527 C CA . ASP B 2 473 ? -9.454  12.565  -3.348  1.00 17.16 ? 473 ASP P CA 1 
ATOM   528 C CA . ARG B 2 474 ? -8.155  10.153  -6.043  1.00 17.99 ? 474 ARG P CA 1 
ATOM   529 C CA . LEU B 2 475 ? -4.598  10.947  -7.012  1.00 9.79  ? 475 LEU P CA 1 
ATOM   530 C CA . PHE B 2 476 ? -5.247  10.521  -10.790 1.00 10.96 ? 476 PHE P CA 1 
ATOM   531 C CA . SER B 2 477 ? -7.985  11.768  -13.141 1.00 15.76 ? 477 SER P CA 1 
ATOM   532 C CA . VAL B 2 478 ? -8.338  8.498   -15.045 1.00 14.89 ? 478 VAL P CA 1 
ATOM   533 C CA . PRO B 2 479 ? -9.218  4.885   -14.031 1.00 16.51 ? 479 PRO P CA 1 
ATOM   534 C CA . ASN B 2 480 ? -5.945  3.484   -15.326 1.00 18.70 ? 480 ASN P CA 1 
ATOM   535 C CA . PRO B 2 481 ? -3.095  5.933   -14.840 1.00 16.94 ? 481 PRO P CA 1 
ATOM   536 C CA . GLY B 2 482 ? -0.600  3.135   -15.473 1.00 23.35 ? 482 GLY P CA 1 
ATOM   537 C CA . ALA B 2 483 ? -1.577  2.532   -19.037 1.00 29.20 ? 483 ALA P CA 1 
ATOM   538 C CA . ALA B 2 484 ? -0.844  6.125   -20.037 1.00 33.78 ? 484 ALA P CA 1 
ATOM   539 C CA . ASP B 2 485 ? 2.228   7.503   -21.766 1.00 37.62 ? 485 ASP P CA 1 
ATOM   540 C CA . ASP B 2 486 ? 2.801   10.035  -19.080 1.00 29.60 ? 486 ASP P CA 1 
ATOM   541 C CA . PHE B 2 487 ? 1.027   9.058   -15.912 1.00 19.06 ? 487 PHE P CA 1 
ATOM   542 C CA . LEU B 2 488 ? 2.272   12.275  -14.251 1.00 15.01 ? 488 LEU P CA 1 
ATOM   543 C CA . SER B 2 489 ? 0.280   14.625  -16.517 1.00 15.87 ? 489 SER P CA 1 
ATOM   544 C CA . VAL B 2 490 ? -2.855  12.751  -15.446 1.00 13.36 ? 490 VAL P CA 1 
ATOM   545 C CA . ILE B 2 491 ? -2.438  13.550  -11.705 1.00 14.60 ? 491 ILE P CA 1 
ATOM   546 C CA . ASN B 2 492 ? -5.637  15.042  -10.300 1.00 19.37 ? 492 ASN P CA 1 
ATOM   547 C CA . PRO B 2 493 ? -5.027  18.733  -9.355  1.00 19.30 ? 493 PRO P CA 1 
ATOM   548 C CA . GLU B 2 494 ? -7.616  18.297  -6.629  1.00 20.96 ? 494 GLU P CA 1 
ATOM   549 C CA . SER B 2 495 ? -6.244  15.197  -4.819  1.00 17.35 ? 495 SER P CA 1 
ATOM   550 C CA . LEU B 2 496 ? -5.727  17.476  -1.774  1.00 14.76 ? 496 LEU P CA 1 
ATOM   551 C CA . VAL B 2 497 ? -7.754  20.570  -0.873  1.00 17.59 ? 497 VAL P CA 1 
ATOM   552 C CA . ILE B 2 498 ? -6.764  22.149  2.445   1.00 21.33 ? 498 ILE P CA 1 
ATOM   553 C CA . LYS B 2 499 ? -9.599  23.790  4.367   1.00 24.82 ? 499 LYS P CA 1 
ATOM   554 C CA . GLN B 2 500 ? -9.451  25.754  7.620   1.00 22.60 ? 500 GLN P CA 1 
ATOM   555 C CA . GLY B 2 501 ? -12.517 25.099  9.730   1.00 20.19 ? 501 GLY P CA 1 
ATOM   556 C CA . PHE B 2 502 ? -13.645 24.690  13.303  1.00 17.32 ? 502 PHE P CA 1 
ATOM   557 C CA . ALA B 2 503 ? -14.150 21.595  15.464  1.00 19.74 ? 503 ALA P CA 1 
ATOM   558 C CA . GLU B 2 504 ? -16.044 21.267  18.735  1.00 17.85 ? 504 GLU P CA 1 
ATOM   559 C CA . PRO B 2 505 ? -13.617 21.588  21.735  1.00 19.94 ? 505 PRO P CA 1 
ATOM   560 C CA . SER B 2 506 ? -13.569 17.859  22.737  1.00 17.51 ? 506 SER P CA 1 
ATOM   561 C CA . LEU B 2 507 ? -11.420 17.137  19.717  1.00 19.23 ? 507 LEU P CA 1 
ATOM   562 C CA . LYS B 2 508 ? -8.598  18.829  21.719  1.00 28.69 ? 508 LYS P CA 1 
ATOM   563 C CA . ASP B 2 509 ? -8.089  15.408  23.273  1.00 32.61 ? 509 ASP P CA 1 
ATOM   564 C CA . ALA B 2 510 ? -7.708  13.593  19.908  1.00 32.26 ? 510 ALA P CA 1 
ATOM   565 C CA . VAL B 2 511 ? -4.774  11.257  19.195  1.00 32.62 ? 511 VAL P CA 1 
ATOM   566 C CA . ALA B 2 512 ? -3.130  10.398  15.914  1.00 33.54 ? 512 ALA P CA 1 
ATOM   567 C CA . GLY B 2 513 ? -4.292  7.210   14.397  1.00 36.69 ? 513 GLY P CA 1 
ATOM   568 C CA . LYS B 2 514 ? -7.706  7.257   16.141  1.00 34.10 ? 514 LYS P CA 1 
ATOM   569 C CA . ALA B 2 515 ? -10.554 8.010   13.771  1.00 26.10 ? 515 ALA P CA 1 
ATOM   570 C CA . PHE B 2 516 ? -13.695 10.085  14.348  1.00 19.61 ? 516 PHE P CA 1 
ATOM   571 C CA . GLN B 2 517 ? -16.804 10.342  12.269  1.00 17.65 ? 517 GLN P CA 1 
ATOM   572 C CA . PHE B 2 518 ? -17.392 14.058  11.732  1.00 13.17 ? 518 PHE P CA 1 
ATOM   573 C CA . GLU B 2 519 ? -21.116 13.792  11.524  1.00 18.32 ? 519 GLU P CA 1 
ATOM   574 C CA . ARG B 2 520 ? -22.481 14.353  8.015   1.00 21.76 ? 520 ARG P CA 1 
ATOM   575 C CA . GLU B 2 521 ? -18.957 14.860  6.652   1.00 24.85 ? 521 GLU P CA 1 
ATOM   576 C CA . GLY B 2 522 ? -16.923 11.647  6.777   1.00 24.57 ? 522 GLY P CA 1 
ATOM   577 C CA . TYR B 2 523 ? -14.362 9.847   8.870   1.00 17.59 ? 523 TYR P CA 1 
ATOM   578 C CA . PHE B 2 524 ? -11.244 11.818  9.841   1.00 12.09 ? 524 PHE P CA 1 
ATOM   579 C CA . CYS B 2 525 ? -8.084  11.289  11.875  1.00 17.70 ? 525 CYS P CA 1 
ATOM   580 C CA . LEU B 2 526 ? -5.353  13.364  13.406  1.00 22.29 ? 526 LEU P CA 1 
ATOM   581 C CA . ASP B 2 527 ? -2.487  13.397  10.921  1.00 27.45 ? 527 ASP P CA 1 
ATOM   582 C CA . SER B 2 528 ? 0.359   14.110  13.403  1.00 39.29 ? 528 SER P CA 1 
ATOM   583 C CA . ARG B 2 529 ? 3.294   14.634  10.837  1.00 45.52 ? 529 ARG P CA 1 
ATOM   584 C CA . HIS B 2 530 ? 1.870   18.069  10.015  1.00 42.96 ? 530 HIS P CA 1 
ATOM   585 C CA . SER B 2 531 ? 2.456   19.749  13.326  1.00 47.20 ? 531 SER P CA 1 
ATOM   586 C CA . THR B 2 532 ? -0.934  19.263  14.986  1.00 47.68 ? 532 THR P CA 1 
ATOM   587 C CA . ALA B 2 533 ? 0.359   20.884  18.260  1.00 49.98 ? 533 ALA P CA 1 
ATOM   588 C CA . GLU B 2 534 ? -1.713  24.038  18.798  1.00 48.33 ? 534 GLU P CA 1 
ATOM   589 C CA . LYS B 2 535 ? -3.416  23.658  15.456  1.00 37.95 ? 535 LYS P CA 1 
ATOM   590 C CA . PRO B 2 536 ? -4.693  20.131  14.840  1.00 26.72 ? 536 PRO P CA 1 
ATOM   591 C CA . VAL B 2 537 ? -4.612  18.756  11.262  1.00 18.42 ? 537 VAL P CA 1 
ATOM   592 C CA . PHE B 2 538 ? -7.287  16.239  10.340  1.00 16.01 ? 538 PHE P CA 1 
ATOM   593 C CA . ASN B 2 539 ? -7.184  14.045  7.273   1.00 14.89 ? 539 ASN P CA 1 
ATOM   594 C CA . ARG B 2 540 ? -10.408 12.917  5.720   1.00 15.70 ? 540 ARG P CA 1 
ATOM   595 C CA . THR B 2 541 ? -10.043 9.148   5.509   1.00 16.89 ? 541 THR P CA 1 
ATOM   596 C CA . VAL B 2 542 ? -13.212 8.708   3.475   1.00 17.24 ? 542 VAL P CA 1 
ATOM   597 C CA . GLY B 2 543 ? -16.430 10.656  2.892   1.00 18.92 ? 543 GLY P CA 1 
ATOM   598 C CA . LEU B 2 544 ? -19.843 9.388   3.880   1.00 21.76 ? 544 LEU P CA 1 
ATOM   599 C CA . ARG B 2 545 ? -22.288 7.941   1.319   1.00 34.81 ? 545 ARG P CA 1 
ATOM   600 C CA . ASP B 2 546 ? -23.494 11.138  -0.307  1.00 44.03 ? 546 ASP P CA 1 
ATOM   601 C CA . THR B 2 547 ? -26.822 10.529  -2.010  1.00 49.48 ? 547 THR P CA 1 
# 
